data_7H3R
# 
_entry.id   7H3R 
# 
_audit_conform.dict_name       mmcif_pdbx.dic 
_audit_conform.dict_version    5.397 
_audit_conform.dict_location   http://mmcif.pdb.org/dictionaries/ascii/mmcif_pdbx.dic 
# 
loop_
_database_2.database_id 
_database_2.database_code 
_database_2.pdbx_database_accession 
_database_2.pdbx_DOI 
PDB   7H3R         pdb_00007h3r 10.2210/pdb7h3r/pdb 
WWPDB D_1001406986 ?            ?                   
# 
loop_
_pdbx_audit_revision_history.ordinal 
_pdbx_audit_revision_history.data_content_type 
_pdbx_audit_revision_history.major_revision 
_pdbx_audit_revision_history.minor_revision 
_pdbx_audit_revision_history.revision_date 
1 'Structure model' 1 0 2024-04-24 
2 'Structure model' 1 1 2024-10-16 
# 
_pdbx_audit_revision_details.ordinal             1 
_pdbx_audit_revision_details.revision_ordinal    1 
_pdbx_audit_revision_details.data_content_type   'Structure model' 
_pdbx_audit_revision_details.provider            repository 
_pdbx_audit_revision_details.type                'Initial release' 
_pdbx_audit_revision_details.description         ? 
_pdbx_audit_revision_details.details             ? 
# 
loop_
_pdbx_audit_revision_group.ordinal 
_pdbx_audit_revision_group.revision_ordinal 
_pdbx_audit_revision_group.data_content_type 
_pdbx_audit_revision_group.group 
1 2 'Structure model' 'Database references' 
2 2 'Structure model' 'Structure summary'   
# 
loop_
_pdbx_audit_revision_category.ordinal 
_pdbx_audit_revision_category.revision_ordinal 
_pdbx_audit_revision_category.data_content_type 
_pdbx_audit_revision_category.category 
1 2 'Structure model' citation           
2 2 'Structure model' citation_author    
3 2 'Structure model' pdbx_entry_details 
# 
loop_
_pdbx_audit_revision_item.ordinal 
_pdbx_audit_revision_item.revision_ordinal 
_pdbx_audit_revision_item.data_content_type 
_pdbx_audit_revision_item.item 
1 2 'Structure model' '_citation.country'                 
2 2 'Structure model' '_citation.journal_abbrev'          
3 2 'Structure model' '_citation.journal_id_CSD'          
4 2 'Structure model' '_citation.journal_id_ISSN'         
5 2 'Structure model' '_citation.pdbx_database_id_DOI'    
6 2 'Structure model' '_citation.pdbx_database_id_PubMed' 
7 2 'Structure model' '_citation.title'                   
8 2 'Structure model' '_citation.year'                    
# 
_pdbx_database_status.entry_id                        7H3R 
_pdbx_database_status.status_code                     REL 
_pdbx_database_status.status_code_sf                  REL 
_pdbx_database_status.status_code_mr                  ? 
_pdbx_database_status.status_code_cs                  ? 
_pdbx_database_status.recvd_initial_deposition_date   2024-04-04 
_pdbx_database_status.status_code_nmr_data            ? 
_pdbx_database_status.deposit_site                    RCSB 
_pdbx_database_status.process_site                    RCSB 
_pdbx_database_status.SG_entry                        ? 
_pdbx_database_status.pdb_format_compatible           Y 
_pdbx_database_status.methods_development_category    ? 
# 
_pdbx_contact_author.id                 1 
_pdbx_contact_author.email              frank.von-delft@diamond.ac.uk 
_pdbx_contact_author.name_first         Frank 
_pdbx_contact_author.name_last          'von Delft' 
_pdbx_contact_author.role               'principal investigator/group leader' 
_pdbx_contact_author.identifier_ORCID   0000-0003-0378-0017 
_pdbx_contact_author.name_mi            ? 
# 
loop_
_audit_author.name 
_audit_author.pdbx_ordinal 
'Lithgo, R.M.'        1  
'Fairhead, M.'        2  
'Koekemoer, L.'       3  
'Balcomb, B.H.'       4  
'Capkin, E.'          5  
'Chandran, A.V.'      6  
'Golding, M.'         7  
'Godoy, A.S.'         8  
'Aschenbrenner, J.C.' 9  
'Marples, P.G.'       10 
'Ni, X.'              11 
'Thompson, W.'        12 
'Tomlinson, C.W.E.'   13 
'Wild, C.'            14 
'Winokan, M.'         15 
'Xavier, M.-A.E.'     16 
'Fearon, D.'          17 
'von Delft, F.'       18 
# 
_citation.id                        primary 
_citation.title                     
;Crystallographic Fragment Screen of Coxsackievirus A16 2A Protease identifies new opportunities for the development of broad-spectrum anti-enterovirals.
;
_citation.journal_abbrev            Biorxiv 
_citation.journal_volume            ? 
_citation.page_first                ? 
_citation.page_last                 ? 
_citation.year                      2024 
_citation.journal_id_ASTM           ? 
_citation.country                   US 
_citation.journal_id_ISSN           2692-8205 
_citation.journal_id_CSD            ? 
_citation.book_publisher            ? 
_citation.pdbx_database_id_PubMed   38746446 
_citation.pdbx_database_id_DOI      10.1101/2024.04.29.591684 
# 
loop_
_citation_author.citation_id 
_citation_author.name 
_citation_author.identifier_ORCID 
_citation_author.ordinal 
primary 'Lithgo, R.M.'        0000-0002-4706-9916 1  
primary 'Tomlinson, C.W.E.'   0000-0002-1845-6028 2  
primary 'Fairhead, M.'        0000-0001-5361-3933 3  
primary 'Winokan, M.'         ?                   4  
primary 'Thompson, W.'        0000-0003-1474-7810 5  
primary 'Wild, C.'            0000-0003-0654-8141 6  
primary 'Aschenbrenner, J.C.' 0000-0002-4318-0481 7  
primary 'Balcomb, B.H.'       0000-0001-7599-8467 8  
primary 'Marples, P.G.'       0000-0002-8787-7969 9  
primary 'Chandran, A.V.'      0000-0001-9942-2614 10 
primary 'Golding, M.'         0009-0004-7472-8333 11 
primary 'Koekemoer, L.'       0000-0001-9226-9127 12 
primary 'Williams, E.P.'      0000-0002-1331-9518 13 
primary 'Wang, S.'            ?                   14 
primary 'Ni, X.'              0000-0002-7769-8297 15 
primary 'MacLean, E.'         0000-0003-1680-4292 16 
primary 'Giroud, C.'          0000-0002-1629-1581 17 
primary 'Godoy, A.S.'         0000-0002-0613-9164 18 
primary 'Xavier, M.A.'        0000-0002-1709-9479 19 
primary 'Walsh, M.'           0000-0001-5683-1151 20 
primary 'Fearon, D.'          0000-0003-3529-7863 21 
primary 'von Delft, F.'       0000-0003-0378-0017 22 
# 
loop_
_entity.id 
_entity.type 
_entity.src_method 
_entity.pdbx_description 
_entity.formula_weight 
_entity.pdbx_number_of_molecules 
_entity.pdbx_ec 
_entity.pdbx_mutation 
_entity.pdbx_fragment 
_entity.details 
1 polymer     man 'Protease 2A'                    16493.311 1   3.4.22.29 ? ? ? 
2 non-polymer man N-cyclopentyloxane-4-sulfonamide 233.328   1   ?         ? ? ? 
3 non-polymer syn 'ZINC ION'                       65.409    1   ?         ? ? ? 
4 non-polymer syn 'DIMETHYL SULFOXIDE'             78.133    5   ?         ? ? ? 
5 non-polymer syn 'SULFATE ION'                    96.063    1   ?         ? ? ? 
6 water       nat water                            18.015    227 ?         ? ? ? 
# 
_entity_name_com.entity_id   1 
_entity_name_com.name        'P2A,Picornain 2A,Protein 2A' 
# 
_entity_poly.entity_id                      1 
_entity_poly.type                           'polypeptide(L)' 
_entity_poly.nstd_linkage                   no 
_entity_poly.nstd_monomer                   no 
_entity_poly.pdbx_seq_one_letter_code       
;QEQTGGSGAIYVGNYRVVNRHLATHNDWANLVWEDSSRDLLVSSTTAQGCDTIARCDCQTGVYYCSSRRKHYPVSFSKPS
LIFVEASEYYPARYQSHLMLAVGHSEPGDCGGILRCQHGVVGIVSTGGNGLVGFADVRDLLWLDEEAMEQ
;
_entity_poly.pdbx_seq_one_letter_code_can   
;QEQTGGSGAIYVGNYRVVNRHLATHNDWANLVWEDSSRDLLVSSTTAQGCDTIARCDCQTGVYYCSSRRKHYPVSFSKPS
LIFVEASEYYPARYQSHLMLAVGHSEPGDCGGILRCQHGVVGIVSTGGNGLVGFADVRDLLWLDEEAMEQ
;
_entity_poly.pdbx_strand_id                 A 
_entity_poly.pdbx_target_identifier         ? 
# 
loop_
_pdbx_entity_nonpoly.entity_id 
_pdbx_entity_nonpoly.name 
_pdbx_entity_nonpoly.comp_id 
2 N-cyclopentyloxane-4-sulfonamide ST0 
3 'ZINC ION'                       ZN  
4 'DIMETHYL SULFOXIDE'             DMS 
5 'SULFATE ION'                    SO4 
6 water                            HOH 
# 
loop_
_entity_poly_seq.entity_id 
_entity_poly_seq.num 
_entity_poly_seq.mon_id 
_entity_poly_seq.hetero 
1 1   GLN n 
1 2   GLU n 
1 3   GLN n 
1 4   THR n 
1 5   GLY n 
1 6   GLY n 
1 7   SER n 
1 8   GLY n 
1 9   ALA n 
1 10  ILE n 
1 11  TYR n 
1 12  VAL n 
1 13  GLY n 
1 14  ASN n 
1 15  TYR n 
1 16  ARG n 
1 17  VAL n 
1 18  VAL n 
1 19  ASN n 
1 20  ARG n 
1 21  HIS n 
1 22  LEU n 
1 23  ALA n 
1 24  THR n 
1 25  HIS n 
1 26  ASN n 
1 27  ASP n 
1 28  TRP n 
1 29  ALA n 
1 30  ASN n 
1 31  LEU n 
1 32  VAL n 
1 33  TRP n 
1 34  GLU n 
1 35  ASP n 
1 36  SER n 
1 37  SER n 
1 38  ARG n 
1 39  ASP n 
1 40  LEU n 
1 41  LEU n 
1 42  VAL n 
1 43  SER n 
1 44  SER n 
1 45  THR n 
1 46  THR n 
1 47  ALA n 
1 48  GLN n 
1 49  GLY n 
1 50  CYS n 
1 51  ASP n 
1 52  THR n 
1 53  ILE n 
1 54  ALA n 
1 55  ARG n 
1 56  CYS n 
1 57  ASP n 
1 58  CYS n 
1 59  GLN n 
1 60  THR n 
1 61  GLY n 
1 62  VAL n 
1 63  TYR n 
1 64  TYR n 
1 65  CYS n 
1 66  SER n 
1 67  SER n 
1 68  ARG n 
1 69  ARG n 
1 70  LYS n 
1 71  HIS n 
1 72  TYR n 
1 73  PRO n 
1 74  VAL n 
1 75  SER n 
1 76  PHE n 
1 77  SER n 
1 78  LYS n 
1 79  PRO n 
1 80  SER n 
1 81  LEU n 
1 82  ILE n 
1 83  PHE n 
1 84  VAL n 
1 85  GLU n 
1 86  ALA n 
1 87  SER n 
1 88  GLU n 
1 89  TYR n 
1 90  TYR n 
1 91  PRO n 
1 92  ALA n 
1 93  ARG n 
1 94  TYR n 
1 95  GLN n 
1 96  SER n 
1 97  HIS n 
1 98  LEU n 
1 99  MET n 
1 100 LEU n 
1 101 ALA n 
1 102 VAL n 
1 103 GLY n 
1 104 HIS n 
1 105 SER n 
1 106 GLU n 
1 107 PRO n 
1 108 GLY n 
1 109 ASP n 
1 110 CYS n 
1 111 GLY n 
1 112 GLY n 
1 113 ILE n 
1 114 LEU n 
1 115 ARG n 
1 116 CYS n 
1 117 GLN n 
1 118 HIS n 
1 119 GLY n 
1 120 VAL n 
1 121 VAL n 
1 122 GLY n 
1 123 ILE n 
1 124 VAL n 
1 125 SER n 
1 126 THR n 
1 127 GLY n 
1 128 GLY n 
1 129 ASN n 
1 130 GLY n 
1 131 LEU n 
1 132 VAL n 
1 133 GLY n 
1 134 PHE n 
1 135 ALA n 
1 136 ASP n 
1 137 VAL n 
1 138 ARG n 
1 139 ASP n 
1 140 LEU n 
1 141 LEU n 
1 142 TRP n 
1 143 LEU n 
1 144 ASP n 
1 145 GLU n 
1 146 GLU n 
1 147 ALA n 
1 148 MET n 
1 149 GLU n 
1 150 GLN n 
# 
loop_
_entity_src_gen.entity_id 
_entity_src_gen.pdbx_src_id 
_entity_src_gen.pdbx_alt_source_flag 
_entity_src_gen.pdbx_seq_type 
_entity_src_gen.pdbx_beg_seq_num 
_entity_src_gen.pdbx_end_seq_num 
_entity_src_gen.gene_src_common_name 
_entity_src_gen.gene_src_genus 
_entity_src_gen.pdbx_gene_src_gene 
_entity_src_gen.gene_src_species 
_entity_src_gen.gene_src_strain 
_entity_src_gen.gene_src_tissue 
_entity_src_gen.gene_src_tissue_fraction 
_entity_src_gen.gene_src_details 
_entity_src_gen.pdbx_gene_src_fragment 
_entity_src_gen.pdbx_gene_src_scientific_name 
_entity_src_gen.pdbx_gene_src_ncbi_taxonomy_id 
_entity_src_gen.pdbx_gene_src_variant 
_entity_src_gen.pdbx_gene_src_cell_line 
_entity_src_gen.pdbx_gene_src_atcc 
_entity_src_gen.pdbx_gene_src_organ 
_entity_src_gen.pdbx_gene_src_organelle 
_entity_src_gen.pdbx_gene_src_cell 
_entity_src_gen.pdbx_gene_src_cellular_location 
_entity_src_gen.host_org_common_name 
_entity_src_gen.pdbx_host_org_scientific_name 
_entity_src_gen.pdbx_host_org_ncbi_taxonomy_id 
_entity_src_gen.host_org_genus 
_entity_src_gen.pdbx_host_org_gene 
_entity_src_gen.pdbx_host_org_organ 
_entity_src_gen.host_org_species 
_entity_src_gen.pdbx_host_org_tissue 
_entity_src_gen.pdbx_host_org_tissue_fraction 
_entity_src_gen.pdbx_host_org_strain 
_entity_src_gen.pdbx_host_org_variant 
_entity_src_gen.pdbx_host_org_cell_line 
_entity_src_gen.pdbx_host_org_atcc 
_entity_src_gen.pdbx_host_org_culture_collection 
_entity_src_gen.pdbx_host_org_cell 
_entity_src_gen.pdbx_host_org_organelle 
_entity_src_gen.pdbx_host_org_cellular_location 
_entity_src_gen.pdbx_host_org_vector_type 
_entity_src_gen.pdbx_host_org_vector 
_entity_src_gen.host_org_details 
_entity_src_gen.expression_system_id 
_entity_src_gen.plasmid_name 
_entity_src_gen.plasmid_details 
_entity_src_gen.pdbx_description 
1 1 sample 'Biological sequence' 1 150 ? ? ? ? ? ? ? ? ? 'Coxsackievirus A16' 31704 ? ? ? ? ? ? ? ? 'Escherichia coli' 562 ? ? ? ? 
? ? ? ? ? ? ? ? ? ? ? ? ? ? ? ? ? 
2 1 sample ?                     ? ?   ? ? ? ? ? ? ? ? ? 'Coxsackievirus A16' 31704 ? ? ? ? ? ? ? ? 'Escherichia coli' 562 ? ? ? ? 
? ? ? ? ? ? ? ? ? ? ? ? ? ? ? ? ? 
# 
loop_
_chem_comp.id 
_chem_comp.type 
_chem_comp.mon_nstd_flag 
_chem_comp.name 
_chem_comp.pdbx_synonyms 
_chem_comp.formula 
_chem_comp.formula_weight 
ALA 'L-peptide linking' y ALANINE                          ? 'C3 H7 N O2'     89.093  
ARG 'L-peptide linking' y ARGININE                         ? 'C6 H15 N4 O2 1' 175.209 
ASN 'L-peptide linking' y ASPARAGINE                       ? 'C4 H8 N2 O3'    132.118 
ASP 'L-peptide linking' y 'ASPARTIC ACID'                  ? 'C4 H7 N O4'     133.103 
CYS 'L-peptide linking' y CYSTEINE                         ? 'C3 H7 N O2 S'   121.158 
DMS non-polymer         . 'DIMETHYL SULFOXIDE'             ? 'C2 H6 O S'      78.133  
GLN 'L-peptide linking' y GLUTAMINE                        ? 'C5 H10 N2 O3'   146.144 
GLU 'L-peptide linking' y 'GLUTAMIC ACID'                  ? 'C5 H9 N O4'     147.129 
GLY 'peptide linking'   y GLYCINE                          ? 'C2 H5 N O2'     75.067  
HIS 'L-peptide linking' y HISTIDINE                        ? 'C6 H10 N3 O2 1' 156.162 
HOH non-polymer         . WATER                            ? 'H2 O'           18.015  
ILE 'L-peptide linking' y ISOLEUCINE                       ? 'C6 H13 N O2'    131.173 
LEU 'L-peptide linking' y LEUCINE                          ? 'C6 H13 N O2'    131.173 
LYS 'L-peptide linking' y LYSINE                           ? 'C6 H15 N2 O2 1' 147.195 
MET 'L-peptide linking' y METHIONINE                       ? 'C5 H11 N O2 S'  149.211 
PHE 'L-peptide linking' y PHENYLALANINE                    ? 'C9 H11 N O2'    165.189 
PRO 'L-peptide linking' y PROLINE                          ? 'C5 H9 N O2'     115.130 
SER 'L-peptide linking' y SERINE                           ? 'C3 H7 N O3'     105.093 
SO4 non-polymer         . 'SULFATE ION'                    ? 'O4 S -2'        96.063  
ST0 non-polymer         . N-cyclopentyloxane-4-sulfonamide ? 'C10 H19 N O3 S' 233.328 
THR 'L-peptide linking' y THREONINE                        ? 'C4 H9 N O3'     119.119 
TRP 'L-peptide linking' y TRYPTOPHAN                       ? 'C11 H12 N2 O2'  204.225 
TYR 'L-peptide linking' y TYROSINE                         ? 'C9 H11 N O3'    181.189 
VAL 'L-peptide linking' y VALINE                           ? 'C5 H11 N O2'    117.146 
ZN  non-polymer         . 'ZINC ION'                       ? 'Zn 2'           65.409  
# 
loop_
_pdbx_poly_seq_scheme.asym_id 
_pdbx_poly_seq_scheme.entity_id 
_pdbx_poly_seq_scheme.seq_id 
_pdbx_poly_seq_scheme.mon_id 
_pdbx_poly_seq_scheme.ndb_seq_num 
_pdbx_poly_seq_scheme.pdb_seq_num 
_pdbx_poly_seq_scheme.auth_seq_num 
_pdbx_poly_seq_scheme.pdb_mon_id 
_pdbx_poly_seq_scheme.auth_mon_id 
_pdbx_poly_seq_scheme.pdb_strand_id 
_pdbx_poly_seq_scheme.pdb_ins_code 
_pdbx_poly_seq_scheme.hetero 
A 1 1   GLN 1   1   ?   ?   ?   A . n 
A 1 2   GLU 2   2   ?   ?   ?   A . n 
A 1 3   GLN 3   3   ?   ?   ?   A . n 
A 1 4   THR 4   4   ?   ?   ?   A . n 
A 1 5   GLY 5   5   ?   ?   ?   A . n 
A 1 6   GLY 6   6   ?   ?   ?   A . n 
A 1 7   SER 7   7   7   SER SER A . n 
A 1 8   GLY 8   8   8   GLY GLY A . n 
A 1 9   ALA 9   9   9   ALA ALA A . n 
A 1 10  ILE 10  10  10  ILE ILE A . n 
A 1 11  TYR 11  11  11  TYR TYR A . n 
A 1 12  VAL 12  12  12  VAL VAL A . n 
A 1 13  GLY 13  13  13  GLY GLY A . n 
A 1 14  ASN 14  14  14  ASN ASN A . n 
A 1 15  TYR 15  15  15  TYR TYR A . n 
A 1 16  ARG 16  16  16  ARG ARG A . n 
A 1 17  VAL 17  17  17  VAL VAL A . n 
A 1 18  VAL 18  18  18  VAL VAL A . n 
A 1 19  ASN 19  19  19  ASN ASN A . n 
A 1 20  ARG 20  20  20  ARG ARG A . n 
A 1 21  HIS 21  21  21  HIS HIS A . n 
A 1 22  LEU 22  22  22  LEU LEU A . n 
A 1 23  ALA 23  23  23  ALA ALA A . n 
A 1 24  THR 24  24  24  THR THR A . n 
A 1 25  HIS 25  25  25  HIS HIS A . n 
A 1 26  ASN 26  26  26  ASN ASN A . n 
A 1 27  ASP 27  27  27  ASP ASP A . n 
A 1 28  TRP 28  28  28  TRP TRP A . n 
A 1 29  ALA 29  29  29  ALA ALA A . n 
A 1 30  ASN 30  30  30  ASN ASN A . n 
A 1 31  LEU 31  31  31  LEU LEU A . n 
A 1 32  VAL 32  32  32  VAL VAL A . n 
A 1 33  TRP 33  33  33  TRP TRP A . n 
A 1 34  GLU 34  34  34  GLU GLU A . n 
A 1 35  ASP 35  35  35  ASP ASP A . n 
A 1 36  SER 36  36  36  SER SER A . n 
A 1 37  SER 37  37  37  SER SER A . n 
A 1 38  ARG 38  38  38  ARG ARG A . n 
A 1 39  ASP 39  39  39  ASP ASP A . n 
A 1 40  LEU 40  40  40  LEU LEU A . n 
A 1 41  LEU 41  41  41  LEU LEU A . n 
A 1 42  VAL 42  42  42  VAL VAL A . n 
A 1 43  SER 43  43  43  SER SER A . n 
A 1 44  SER 44  44  44  SER SER A . n 
A 1 45  THR 45  45  45  THR THR A . n 
A 1 46  THR 46  46  46  THR THR A . n 
A 1 47  ALA 47  47  47  ALA ALA A . n 
A 1 48  GLN 48  48  48  GLN GLN A . n 
A 1 49  GLY 49  49  49  GLY GLY A . n 
A 1 50  CYS 50  50  50  CYS CYS A . n 
A 1 51  ASP 51  51  51  ASP ASP A . n 
A 1 52  THR 52  52  52  THR THR A . n 
A 1 53  ILE 53  53  53  ILE ILE A . n 
A 1 54  ALA 54  54  54  ALA ALA A . n 
A 1 55  ARG 55  55  55  ARG ARG A . n 
A 1 56  CYS 56  56  56  CYS CYS A . n 
A 1 57  ASP 57  57  57  ASP ASP A . n 
A 1 58  CYS 58  58  58  CYS CYS A . n 
A 1 59  GLN 59  59  59  GLN GLN A . n 
A 1 60  THR 60  60  60  THR THR A . n 
A 1 61  GLY 61  61  61  GLY GLY A . n 
A 1 62  VAL 62  62  62  VAL VAL A . n 
A 1 63  TYR 63  63  63  TYR TYR A . n 
A 1 64  TYR 64  64  64  TYR TYR A . n 
A 1 65  CYS 65  65  65  CYS CYS A . n 
A 1 66  SER 66  66  66  SER SER A . n 
A 1 67  SER 67  67  67  SER SER A . n 
A 1 68  ARG 68  68  68  ARG ARG A . n 
A 1 69  ARG 69  69  69  ARG ARG A . n 
A 1 70  LYS 70  70  70  LYS LYS A . n 
A 1 71  HIS 71  71  71  HIS HIS A . n 
A 1 72  TYR 72  72  72  TYR TYR A . n 
A 1 73  PRO 73  73  73  PRO PRO A . n 
A 1 74  VAL 74  74  74  VAL VAL A . n 
A 1 75  SER 75  75  75  SER SER A . n 
A 1 76  PHE 76  76  76  PHE PHE A . n 
A 1 77  SER 77  77  77  SER SER A . n 
A 1 78  LYS 78  78  78  LYS LYS A . n 
A 1 79  PRO 79  79  79  PRO PRO A . n 
A 1 80  SER 80  80  80  SER SER A . n 
A 1 81  LEU 81  81  81  LEU LEU A . n 
A 1 82  ILE 82  82  82  ILE ILE A . n 
A 1 83  PHE 83  83  83  PHE PHE A . n 
A 1 84  VAL 84  84  84  VAL VAL A . n 
A 1 85  GLU 85  85  85  GLU GLU A . n 
A 1 86  ALA 86  86  86  ALA ALA A . n 
A 1 87  SER 87  87  87  SER SER A . n 
A 1 88  GLU 88  88  88  GLU GLU A . n 
A 1 89  TYR 89  89  89  TYR TYR A . n 
A 1 90  TYR 90  90  90  TYR TYR A . n 
A 1 91  PRO 91  91  91  PRO PRO A . n 
A 1 92  ALA 92  92  92  ALA ALA A . n 
A 1 93  ARG 93  93  93  ARG ARG A . n 
A 1 94  TYR 94  94  94  TYR TYR A . n 
A 1 95  GLN 95  95  95  GLN GLN A . n 
A 1 96  SER 96  96  96  SER SER A . n 
A 1 97  HIS 97  97  97  HIS HIS A . n 
A 1 98  LEU 98  98  98  LEU LEU A . n 
A 1 99  MET 99  99  99  MET MET A . n 
A 1 100 LEU 100 100 100 LEU LEU A . n 
A 1 101 ALA 101 101 101 ALA ALA A . n 
A 1 102 VAL 102 102 102 VAL VAL A . n 
A 1 103 GLY 103 103 103 GLY GLY A . n 
A 1 104 HIS 104 104 104 HIS HIS A . n 
A 1 105 SER 105 105 105 SER SER A . n 
A 1 106 GLU 106 106 106 GLU GLU A . n 
A 1 107 PRO 107 107 107 PRO PRO A . n 
A 1 108 GLY 108 108 108 GLY GLY A . n 
A 1 109 ASP 109 109 109 ASP ASP A . n 
A 1 110 CYS 110 110 110 CYS CYS A . n 
A 1 111 GLY 111 111 111 GLY GLY A . n 
A 1 112 GLY 112 112 112 GLY GLY A . n 
A 1 113 ILE 113 113 113 ILE ILE A . n 
A 1 114 LEU 114 114 114 LEU LEU A . n 
A 1 115 ARG 115 115 115 ARG ARG A . n 
A 1 116 CYS 116 116 116 CYS CYS A . n 
A 1 117 GLN 117 117 117 GLN GLN A . n 
A 1 118 HIS 118 118 118 HIS HIS A . n 
A 1 119 GLY 119 119 119 GLY GLY A . n 
A 1 120 VAL 120 120 120 VAL VAL A . n 
A 1 121 VAL 121 121 121 VAL VAL A . n 
A 1 122 GLY 122 122 122 GLY GLY A . n 
A 1 123 ILE 123 123 123 ILE ILE A . n 
A 1 124 VAL 124 124 124 VAL VAL A . n 
A 1 125 SER 125 125 125 SER SER A . n 
A 1 126 THR 126 126 126 THR THR A . n 
A 1 127 GLY 127 127 127 GLY GLY A . n 
A 1 128 GLY 128 128 128 GLY GLY A . n 
A 1 129 ASN 129 129 129 ASN ASN A . n 
A 1 130 GLY 130 130 130 GLY GLY A . n 
A 1 131 LEU 131 131 131 LEU LEU A . n 
A 1 132 VAL 132 132 132 VAL VAL A . n 
A 1 133 GLY 133 133 133 GLY GLY A . n 
A 1 134 PHE 134 134 134 PHE PHE A . n 
A 1 135 ALA 135 135 135 ALA ALA A . n 
A 1 136 ASP 136 136 136 ASP ASP A . n 
A 1 137 VAL 137 137 137 VAL VAL A . n 
A 1 138 ARG 138 138 138 ARG ARG A . n 
A 1 139 ASP 139 139 139 ASP ASP A . n 
A 1 140 LEU 140 140 140 LEU LEU A . n 
A 1 141 LEU 141 141 141 LEU LEU A . n 
A 1 142 TRP 142 142 142 TRP TRP A . n 
A 1 143 LEU 143 143 143 LEU LEU A . n 
A 1 144 ASP 144 144 144 ASP ASP A . n 
A 1 145 GLU 145 145 145 GLU GLU A . n 
A 1 146 GLU 146 146 146 GLU GLU A . n 
A 1 147 ALA 147 147 ?   ?   ?   A . n 
A 1 148 MET 148 148 ?   ?   ?   A . n 
A 1 149 GLU 149 149 ?   ?   ?   A . n 
A 1 150 GLN 150 150 ?   ?   ?   A . n 
# 
loop_
_pdbx_nonpoly_scheme.asym_id 
_pdbx_nonpoly_scheme.entity_id 
_pdbx_nonpoly_scheme.mon_id 
_pdbx_nonpoly_scheme.ndb_seq_num 
_pdbx_nonpoly_scheme.pdb_seq_num 
_pdbx_nonpoly_scheme.auth_seq_num 
_pdbx_nonpoly_scheme.pdb_mon_id 
_pdbx_nonpoly_scheme.auth_mon_id 
_pdbx_nonpoly_scheme.pdb_strand_id 
_pdbx_nonpoly_scheme.pdb_ins_code 
B 2 ST0 1   201 147 ST0 LIG A . 
C 3 ZN  1   202 1   ZN  ZN  A . 
D 4 DMS 1   203 -1  DMS DMS A . 
E 4 DMS 1   204 0   DMS DMS A . 
F 4 DMS 1   205 1   DMS DMS A . 
G 4 DMS 1   206 3   DMS DMS A . 
H 4 DMS 1   207 6   DMS DMS A . 
I 5 SO4 1   208 1   SO4 SO4 A . 
J 6 HOH 1   301 137 HOH HOH A . 
J 6 HOH 2   302 238 HOH HOH A . 
J 6 HOH 3   303 184 HOH HOH A . 
J 6 HOH 4   304 94  HOH HOH A . 
J 6 HOH 5   305 131 HOH HOH A . 
J 6 HOH 6   306 30  HOH HOH A . 
J 6 HOH 7   307 215 HOH HOH A . 
J 6 HOH 8   308 227 HOH HOH A . 
J 6 HOH 9   309 173 HOH HOH A . 
J 6 HOH 10  310 34  HOH HOH A . 
J 6 HOH 11  311 193 HOH HOH A . 
J 6 HOH 12  312 186 HOH HOH A . 
J 6 HOH 13  313 182 HOH HOH A . 
J 6 HOH 14  314 205 HOH HOH A . 
J 6 HOH 15  315 245 HOH HOH A . 
J 6 HOH 16  316 108 HOH HOH A . 
J 6 HOH 17  317 77  HOH HOH A . 
J 6 HOH 18  318 103 HOH HOH A . 
J 6 HOH 19  319 250 HOH HOH A . 
J 6 HOH 20  320 70  HOH HOH A . 
J 6 HOH 21  321 55  HOH HOH A . 
J 6 HOH 22  322 220 HOH HOH A . 
J 6 HOH 23  323 219 HOH HOH A . 
J 6 HOH 24  324 79  HOH HOH A . 
J 6 HOH 25  325 68  HOH HOH A . 
J 6 HOH 26  326 216 HOH HOH A . 
J 6 HOH 27  327 72  HOH HOH A . 
J 6 HOH 28  328 4   HOH HOH A . 
J 6 HOH 29  329 148 HOH HOH A . 
J 6 HOH 30  330 63  HOH HOH A . 
J 6 HOH 31  331 217 HOH HOH A . 
J 6 HOH 32  332 181 HOH HOH A . 
J 6 HOH 33  333 109 HOH HOH A . 
J 6 HOH 34  334 144 HOH HOH A . 
J 6 HOH 35  335 191 HOH HOH A . 
J 6 HOH 36  336 116 HOH HOH A . 
J 6 HOH 37  337 46  HOH HOH A . 
J 6 HOH 38  338 180 HOH HOH A . 
J 6 HOH 39  339 249 HOH HOH A . 
J 6 HOH 40  340 161 HOH HOH A . 
J 6 HOH 41  341 57  HOH HOH A . 
J 6 HOH 42  342 60  HOH HOH A . 
J 6 HOH 43  343 16  HOH HOH A . 
J 6 HOH 44  344 248 HOH HOH A . 
J 6 HOH 45  345 65  HOH HOH A . 
J 6 HOH 46  346 59  HOH HOH A . 
J 6 HOH 47  347 147 HOH HOH A . 
J 6 HOH 48  348 104 HOH HOH A . 
J 6 HOH 49  349 178 HOH HOH A . 
J 6 HOH 50  350 37  HOH HOH A . 
J 6 HOH 51  351 33  HOH HOH A . 
J 6 HOH 52  352 120 HOH HOH A . 
J 6 HOH 53  353 124 HOH HOH A . 
J 6 HOH 54  354 234 HOH HOH A . 
J 6 HOH 55  355 247 HOH HOH A . 
J 6 HOH 56  356 5   HOH HOH A . 
J 6 HOH 57  357 97  HOH HOH A . 
J 6 HOH 58  358 21  HOH HOH A . 
J 6 HOH 59  359 24  HOH HOH A . 
J 6 HOH 60  360 211 HOH HOH A . 
J 6 HOH 61  361 152 HOH HOH A . 
J 6 HOH 62  362 88  HOH HOH A . 
J 6 HOH 63  363 133 HOH HOH A . 
J 6 HOH 64  364 29  HOH HOH A . 
J 6 HOH 65  365 49  HOH HOH A . 
J 6 HOH 66  366 67  HOH HOH A . 
J 6 HOH 67  367 52  HOH HOH A . 
J 6 HOH 68  368 28  HOH HOH A . 
J 6 HOH 69  369 2   HOH HOH A . 
J 6 HOH 70  370 100 HOH HOH A . 
J 6 HOH 71  371 25  HOH HOH A . 
J 6 HOH 72  372 7   HOH HOH A . 
J 6 HOH 73  373 50  HOH HOH A . 
J 6 HOH 74  374 107 HOH HOH A . 
J 6 HOH 75  375 81  HOH HOH A . 
J 6 HOH 76  376 19  HOH HOH A . 
J 6 HOH 77  377 36  HOH HOH A . 
J 6 HOH 78  378 12  HOH HOH A . 
J 6 HOH 79  379 9   HOH HOH A . 
J 6 HOH 80  380 111 HOH HOH A . 
J 6 HOH 81  381 150 HOH HOH A . 
J 6 HOH 82  382 169 HOH HOH A . 
J 6 HOH 83  383 84  HOH HOH A . 
J 6 HOH 84  384 106 HOH HOH A . 
J 6 HOH 85  385 236 HOH HOH A . 
J 6 HOH 86  386 41  HOH HOH A . 
J 6 HOH 87  387 112 HOH HOH A . 
J 6 HOH 88  388 62  HOH HOH A . 
J 6 HOH 89  389 96  HOH HOH A . 
J 6 HOH 90  390 174 HOH HOH A . 
J 6 HOH 91  391 82  HOH HOH A . 
J 6 HOH 92  392 78  HOH HOH A . 
J 6 HOH 93  393 17  HOH HOH A . 
J 6 HOH 94  394 35  HOH HOH A . 
J 6 HOH 95  395 26  HOH HOH A . 
J 6 HOH 96  396 27  HOH HOH A . 
J 6 HOH 97  397 39  HOH HOH A . 
J 6 HOH 98  398 47  HOH HOH A . 
J 6 HOH 99  399 45  HOH HOH A . 
J 6 HOH 100 400 155 HOH HOH A . 
J 6 HOH 101 401 15  HOH HOH A . 
J 6 HOH 102 402 113 HOH HOH A . 
J 6 HOH 103 403 20  HOH HOH A . 
J 6 HOH 104 404 8   HOH HOH A . 
J 6 HOH 105 405 90  HOH HOH A . 
J 6 HOH 106 406 132 HOH HOH A . 
J 6 HOH 107 407 43  HOH HOH A . 
J 6 HOH 108 408 146 HOH HOH A . 
J 6 HOH 109 409 138 HOH HOH A . 
J 6 HOH 110 410 198 HOH HOH A . 
J 6 HOH 111 411 71  HOH HOH A . 
J 6 HOH 112 412 42  HOH HOH A . 
J 6 HOH 113 413 126 HOH HOH A . 
J 6 HOH 114 414 66  HOH HOH A . 
J 6 HOH 115 415 141 HOH HOH A . 
J 6 HOH 116 416 95  HOH HOH A . 
J 6 HOH 117 417 93  HOH HOH A . 
J 6 HOH 118 418 121 HOH HOH A . 
J 6 HOH 119 419 54  HOH HOH A . 
J 6 HOH 120 420 214 HOH HOH A . 
J 6 HOH 121 421 192 HOH HOH A . 
J 6 HOH 122 422 119 HOH HOH A . 
J 6 HOH 123 423 183 HOH HOH A . 
J 6 HOH 124 424 40  HOH HOH A . 
J 6 HOH 125 425 179 HOH HOH A . 
J 6 HOH 126 426 105 HOH HOH A . 
J 6 HOH 127 427 31  HOH HOH A . 
J 6 HOH 128 428 176 HOH HOH A . 
J 6 HOH 129 429 69  HOH HOH A . 
J 6 HOH 130 430 195 HOH HOH A . 
J 6 HOH 131 431 177 HOH HOH A . 
J 6 HOH 132 432 38  HOH HOH A . 
J 6 HOH 133 433 11  HOH HOH A . 
J 6 HOH 134 434 58  HOH HOH A . 
J 6 HOH 135 435 76  HOH HOH A . 
J 6 HOH 136 436 51  HOH HOH A . 
J 6 HOH 137 437 48  HOH HOH A . 
J 6 HOH 138 438 64  HOH HOH A . 
J 6 HOH 139 439 168 HOH HOH A . 
J 6 HOH 140 440 136 HOH HOH A . 
J 6 HOH 141 441 123 HOH HOH A . 
J 6 HOH 142 442 224 HOH HOH A . 
J 6 HOH 143 443 80  HOH HOH A . 
J 6 HOH 144 444 156 HOH HOH A . 
J 6 HOH 145 445 91  HOH HOH A . 
J 6 HOH 146 446 102 HOH HOH A . 
J 6 HOH 147 447 23  HOH HOH A . 
J 6 HOH 148 448 89  HOH HOH A . 
J 6 HOH 149 449 61  HOH HOH A . 
J 6 HOH 150 450 6   HOH HOH A . 
J 6 HOH 151 451 135 HOH HOH A . 
J 6 HOH 152 452 197 HOH HOH A . 
J 6 HOH 153 453 110 HOH HOH A . 
J 6 HOH 154 454 10  HOH HOH A . 
J 6 HOH 155 455 101 HOH HOH A . 
J 6 HOH 156 456 212 HOH HOH A . 
J 6 HOH 157 457 237 HOH HOH A . 
J 6 HOH 158 458 230 HOH HOH A . 
J 6 HOH 159 459 74  HOH HOH A . 
J 6 HOH 160 460 159 HOH HOH A . 
J 6 HOH 161 461 128 HOH HOH A . 
J 6 HOH 162 462 157 HOH HOH A . 
J 6 HOH 163 463 218 HOH HOH A . 
J 6 HOH 164 464 235 HOH HOH A . 
J 6 HOH 165 465 200 HOH HOH A . 
J 6 HOH 166 466 170 HOH HOH A . 
J 6 HOH 167 467 154 HOH HOH A . 
J 6 HOH 168 468 246 HOH HOH A . 
J 6 HOH 169 469 213 HOH HOH A . 
J 6 HOH 170 470 118 HOH HOH A . 
J 6 HOH 171 471 22  HOH HOH A . 
J 6 HOH 172 472 231 HOH HOH A . 
J 6 HOH 173 473 233 HOH HOH A . 
J 6 HOH 174 474 117 HOH HOH A . 
J 6 HOH 175 475 210 HOH HOH A . 
J 6 HOH 176 476 172 HOH HOH A . 
J 6 HOH 177 477 158 HOH HOH A . 
J 6 HOH 178 478 162 HOH HOH A . 
J 6 HOH 179 479 226 HOH HOH A . 
J 6 HOH 180 480 151 HOH HOH A . 
J 6 HOH 181 481 163 HOH HOH A . 
J 6 HOH 182 482 175 HOH HOH A . 
J 6 HOH 183 483 228 HOH HOH A . 
J 6 HOH 184 484 240 HOH HOH A . 
J 6 HOH 185 485 87  HOH HOH A . 
J 6 HOH 186 486 190 HOH HOH A . 
J 6 HOH 187 487 99  HOH HOH A . 
J 6 HOH 188 488 201 HOH HOH A . 
J 6 HOH 189 489 207 HOH HOH A . 
J 6 HOH 190 490 232 HOH HOH A . 
J 6 HOH 191 491 239 HOH HOH A . 
J 6 HOH 192 492 229 HOH HOH A . 
J 6 HOH 193 493 127 HOH HOH A . 
J 6 HOH 194 494 134 HOH HOH A . 
J 6 HOH 195 495 189 HOH HOH A . 
J 6 HOH 196 496 98  HOH HOH A . 
J 6 HOH 197 497 142 HOH HOH A . 
J 6 HOH 198 498 140 HOH HOH A . 
J 6 HOH 199 499 122 HOH HOH A . 
J 6 HOH 200 500 86  HOH HOH A . 
J 6 HOH 201 501 243 HOH HOH A . 
J 6 HOH 202 502 73  HOH HOH A . 
J 6 HOH 203 503 185 HOH HOH A . 
J 6 HOH 204 504 209 HOH HOH A . 
J 6 HOH 205 505 221 HOH HOH A . 
J 6 HOH 206 506 75  HOH HOH A . 
J 6 HOH 207 507 241 HOH HOH A . 
J 6 HOH 208 508 85  HOH HOH A . 
J 6 HOH 209 509 225 HOH HOH A . 
J 6 HOH 210 510 223 HOH HOH A . 
J 6 HOH 211 511 56  HOH HOH A . 
J 6 HOH 212 512 208 HOH HOH A . 
J 6 HOH 213 513 129 HOH HOH A . 
J 6 HOH 214 514 83  HOH HOH A . 
J 6 HOH 215 515 165 HOH HOH A . 
J 6 HOH 216 516 114 HOH HOH A . 
J 6 HOH 217 517 206 HOH HOH A . 
J 6 HOH 218 518 187 HOH HOH A . 
J 6 HOH 219 519 153 HOH HOH A . 
J 6 HOH 220 520 199 HOH HOH A . 
J 6 HOH 221 521 242 HOH HOH A . 
J 6 HOH 222 522 92  HOH HOH A . 
J 6 HOH 223 523 222 HOH HOH A . 
J 6 HOH 224 524 160 HOH HOH A . 
J 6 HOH 225 525 125 HOH HOH A . 
J 6 HOH 226 526 164 HOH HOH A . 
J 6 HOH 227 527 244 HOH HOH A . 
# 
loop_
_software.classification 
_software.name 
_software.version 
_software.citation_id 
_software.pdbx_ordinal 
refinement       REFMAC  5.8.0267 ? 1 
refinement       REFMAC5 .        ? 2 
'data scaling'   Aimless .        ? 3 
phasing          PHASER  .        ? 4 
'data reduction' XDS     .        ? 5 
# 
_cell.entry_id           7H3R 
_cell.length_a           86.175 
_cell.length_b           56.680 
_cell.length_c           32.387 
_cell.angle_alpha        90.00 
_cell.angle_beta         95.19 
_cell.angle_gamma        90.00 
_cell.Z_PDB              4 
_cell.pdbx_unique_axis   ? 
# 
_symmetry.entry_id                         7H3R 
_symmetry.space_group_name_H-M             'C 1 2 1' 
_symmetry.pdbx_full_space_group_name_H-M   ? 
_symmetry.cell_setting                     ? 
_symmetry.Int_Tables_number                5 
# 
_exptl.entry_id          7H3R 
_exptl.method            'X-RAY DIFFRACTION' 
_exptl.crystals_number   1 
# 
_exptl_crystal.id                    1 
_exptl_crystal.density_meas          ? 
_exptl_crystal.density_Matthews      2.39 
_exptl_crystal.density_percent_sol   48.49 
_exptl_crystal.description           ? 
# 
_exptl_crystal_grow.crystal_id      1 
_exptl_crystal_grow.method          'VAPOR DIFFUSION, SITTING DROP' 
_exptl_crystal_grow.pH              6.05 
_exptl_crystal_grow.temp            293.15 
_exptl_crystal_grow.pdbx_details    '0.1 M MES, pH 6.05, 16 % PEG 20,000' 
_exptl_crystal_grow.temp_details    ? 
_exptl_crystal_grow.pdbx_pH_range   ? 
# 
_diffrn.id                     1 
_diffrn.ambient_temp           100 
_diffrn.crystal_id             1 
_diffrn.ambient_temp_details   ? 
# 
_diffrn_detector.detector               PIXEL 
_diffrn_detector.type                   'DECTRIS EIGER2 XE 16M' 
_diffrn_detector.pdbx_collection_date   2023-10-11 
_diffrn_detector.diffrn_id              1 
_diffrn_detector.details                ? 
# 
_diffrn_radiation.diffrn_id                        1 
_diffrn_radiation.wavelength_id                    1 
_diffrn_radiation.pdbx_diffrn_protocol             'SINGLE WAVELENGTH' 
_diffrn_radiation.pdbx_monochromatic_or_laue_m_l   ? 
_diffrn_radiation.monochromator                    ? 
_diffrn_radiation.pdbx_scattering_type             x-ray 
# 
_diffrn_radiation_wavelength.id           1 
_diffrn_radiation_wavelength.wavelength   0.94055 
_diffrn_radiation_wavelength.wt           1.0 
# 
_diffrn_source.diffrn_id                   1 
_diffrn_source.source                      SYNCHROTRON 
_diffrn_source.type                        'DIAMOND BEAMLINE I03' 
_diffrn_source.pdbx_wavelength_list        0.94055 
_diffrn_source.pdbx_synchrotron_site       Diamond 
_diffrn_source.pdbx_synchrotron_beamline   I03 
_diffrn_source.pdbx_wavelength             ? 
# 
_reflns.entry_id                     7H3R 
_reflns.pdbx_diffrn_id               1 
_reflns.pdbx_ordinal                 1 
_reflns.d_resolution_low             47.29 
_reflns.d_resolution_high            1.06 
_reflns.number_obs                   60743 
_reflns.percent_possible_obs         86.5 
_reflns.pdbx_Rmerge_I_obs            0.053 
_reflns.pdbx_netI_over_sigmaI        17.1 
_reflns.pdbx_redundancy              6.8 
_reflns.pdbx_Rrim_I_all              0.057 
_reflns.pdbx_Rpim_I_all              0.022 
_reflns.pdbx_CC_half                 0.999 
_reflns.pdbx_number_measured_all     411279 
_reflns.pdbx_chi_squared             0.79 
_reflns.observed_criterion_sigma_I   ? 
_reflns.observed_criterion_sigma_F   ? 
_reflns.number_all                   ? 
_reflns.pdbx_Rsym_value              ? 
_reflns.B_iso_Wilson_estimate        ? 
# 
_reflns_shell.pdbx_diffrn_id              1 
_reflns_shell.pdbx_ordinal                1 
_reflns_shell.d_res_high                  1.06 
_reflns_shell.d_res_low                   1.08 
_reflns_shell.number_measured_all         5958 
_reflns_shell.number_unique_obs           1344 
_reflns_shell.Rmerge_I_obs                1.889 
_reflns_shell.pdbx_chi_squared            0.34 
_reflns_shell.pdbx_redundancy             4.4 
_reflns_shell.percent_possible_obs        38.8 
_reflns_shell.pdbx_netI_over_sigmaI_obs   0.4 
_reflns_shell.pdbx_Rrim_I_all             2.136 
_reflns_shell.pdbx_Rpim_I_all             0.976 
_reflns_shell.pdbx_CC_half                0.369 
_reflns_shell.percent_possible_all        ? 
_reflns_shell.pdbx_Rsym_value             ? 
_reflns_shell.meanI_over_sigI_obs         ? 
# 
_refine.pdbx_refine_id                           'X-RAY DIFFRACTION' 
_refine.entry_id                                 7H3R 
_refine.pdbx_diffrn_id                           1 
_refine.pdbx_TLS_residual_ADP_flag               ? 
_refine.ls_number_reflns_obs                     57511 
_refine.ls_number_reflns_all                     ? 
_refine.pdbx_ls_sigma_I                          ? 
_refine.pdbx_ls_sigma_F                          ? 
_refine.pdbx_data_cutoff_high_absF               ? 
_refine.pdbx_data_cutoff_low_absF                ? 
_refine.pdbx_data_cutoff_high_rms_absF           ? 
_refine.ls_d_res_low                             47.30 
_refine.ls_d_res_high                            1.06 
_refine.ls_percent_reflns_obs                    85.99 
_refine.ls_R_factor_obs                          0.20287 
_refine.ls_R_factor_all                          ? 
_refine.ls_R_factor_R_work                       0.20197 
_refine.ls_R_factor_R_free                       0.21951 
_refine.ls_R_factor_R_free_error                 ? 
_refine.ls_R_factor_R_free_error_details         ? 
_refine.ls_percent_reflns_R_free                 4.9 
_refine.ls_number_reflns_R_free                  2965 
_refine.ls_number_parameters                     ? 
_refine.ls_number_restraints                     ? 
_refine.occupancy_min                            ? 
_refine.occupancy_max                            ? 
_refine.correlation_coeff_Fo_to_Fc               0.966 
_refine.correlation_coeff_Fo_to_Fc_free          0.959 
_refine.B_iso_mean                               19.240 
_refine.aniso_B[1][1]                            -0.10 
_refine.aniso_B[2][2]                            0.41 
_refine.aniso_B[3][3]                            -0.24 
_refine.aniso_B[1][2]                            -0.00 
_refine.aniso_B[1][3]                            -0.37 
_refine.aniso_B[2][3]                            0.00 
_refine.solvent_model_details                    MASK 
_refine.solvent_model_param_ksol                 ? 
_refine.solvent_model_param_bsol                 ? 
_refine.pdbx_solvent_vdw_probe_radii             1.20 
_refine.pdbx_solvent_ion_probe_radii             0.80 
_refine.pdbx_solvent_shrinkage_radii             0.80 
_refine.pdbx_ls_cross_valid_method               THROUGHOUT 
_refine.details                                  'HYDROGENS HAVE BEEN ADDED IN THE RIDING POSITIONS' 
_refine.pdbx_starting_model                      ? 
_refine.pdbx_method_to_determine_struct          'MOLECULAR REPLACEMENT' 
_refine.pdbx_isotropic_thermal_model             ? 
_refine.pdbx_stereochemistry_target_values       'MAXIMUM LIKELIHOOD' 
_refine.pdbx_stereochem_target_val_spec_case     ? 
_refine.pdbx_R_Free_selection_details            RANDOM 
_refine.pdbx_overall_ESU_R                       0.041 
_refine.pdbx_overall_ESU_R_Free                  0.042 
_refine.overall_SU_ML                            ? 
_refine.pdbx_overall_phase_error                 ? 
_refine.overall_SU_B                             ? 
_refine.overall_SU_R_Cruickshank_DPI             ? 
_refine.pdbx_overall_SU_R_free_Cruickshank_DPI   ? 
_refine.pdbx_overall_SU_R_Blow_DPI               ? 
_refine.pdbx_overall_SU_R_free_Blow_DPI          ? 
# 
_refine_hist.pdbx_refine_id                   'X-RAY DIFFRACTION' 
_refine_hist.cycle_id                         1 
_refine_hist.pdbx_number_atoms_protein        1083 
_refine_hist.pdbx_number_atoms_nucleic_acid   0 
_refine_hist.pdbx_number_atoms_ligand         41 
_refine_hist.number_atoms_solvent             227 
_refine_hist.number_atoms_total               1351 
_refine_hist.d_res_high                       1.06 
_refine_hist.d_res_low                        47.30 
# 
loop_
_refine_ls_restr.type 
_refine_ls_restr.dev_ideal 
_refine_ls_restr.dev_ideal_target 
_refine_ls_restr.weight 
_refine_ls_restr.number 
_refine_ls_restr.pdbx_refine_id 
_refine_ls_restr.pdbx_restraint_function 
r_bond_refined_d             0.014  0.014  ? 1613 'X-RAY DIFFRACTION' ? 
r_bond_other_d               0.035  0.015  ? 1295 'X-RAY DIFFRACTION' ? 
r_angle_refined_deg          1.904  1.624  ? 1942 'X-RAY DIFFRACTION' ? 
r_angle_other_deg            2.462  1.619  ? 2946 'X-RAY DIFFRACTION' ? 
r_dihedral_angle_1_deg       6.335  5.000  ? 181  'X-RAY DIFFRACTION' ? 
r_dihedral_angle_2_deg       34.848 22.027 ? 74   'X-RAY DIFFRACTION' ? 
r_dihedral_angle_3_deg       13.827 15.000 ? 208  'X-RAY DIFFRACTION' ? 
r_dihedral_angle_4_deg       23.872 15.000 ? 9    'X-RAY DIFFRACTION' ? 
r_chiral_restr               0.093  0.200  ? 179  'X-RAY DIFFRACTION' ? 
r_gen_planes_refined         0.013  0.020  ? 1644 'X-RAY DIFFRACTION' ? 
r_gen_planes_other           0.021  0.020  ? 334  'X-RAY DIFFRACTION' ? 
r_nbd_refined                ?      ?      ? ?    'X-RAY DIFFRACTION' ? 
r_nbd_other                  ?      ?      ? ?    'X-RAY DIFFRACTION' ? 
r_nbtor_refined              ?      ?      ? ?    'X-RAY DIFFRACTION' ? 
r_nbtor_other                ?      ?      ? ?    'X-RAY DIFFRACTION' ? 
r_xyhbond_nbd_refined        ?      ?      ? ?    'X-RAY DIFFRACTION' ? 
r_xyhbond_nbd_other          ?      ?      ? ?    'X-RAY DIFFRACTION' ? 
r_metal_ion_refined          ?      ?      ? ?    'X-RAY DIFFRACTION' ? 
r_metal_ion_other            ?      ?      ? ?    'X-RAY DIFFRACTION' ? 
r_symmetry_vdw_refined       ?      ?      ? ?    'X-RAY DIFFRACTION' ? 
r_symmetry_vdw_other         ?      ?      ? ?    'X-RAY DIFFRACTION' ? 
r_symmetry_hbond_refined     ?      ?      ? ?    'X-RAY DIFFRACTION' ? 
r_symmetry_hbond_other       ?      ?      ? ?    'X-RAY DIFFRACTION' ? 
r_symmetry_metal_ion_refined ?      ?      ? ?    'X-RAY DIFFRACTION' ? 
r_symmetry_metal_ion_other   ?      ?      ? ?    'X-RAY DIFFRACTION' ? 
r_mcbond_it                  1.538  1.773  ? 804  'X-RAY DIFFRACTION' ? 
r_mcbond_other               1.549  1.747  ? 793  'X-RAY DIFFRACTION' ? 
r_mcangle_it                 2.461  2.537  ? 891  'X-RAY DIFFRACTION' ? 
r_mcangle_other              2.460  2.538  ? 892  'X-RAY DIFFRACTION' ? 
r_scbond_it                  2.202  2.125  ? 797  'X-RAY DIFFRACTION' ? 
r_scbond_other               2.202  2.119  ? 796  'X-RAY DIFFRACTION' ? 
r_scangle_it                 ?      ?      ? ?    'X-RAY DIFFRACTION' ? 
r_scangle_other              3.415  2.962  ? 1034 'X-RAY DIFFRACTION' ? 
r_long_range_B_refined       7.672  25.594 ? 1813 'X-RAY DIFFRACTION' ? 
r_long_range_B_other         7.671  25.628 ? 1814 'X-RAY DIFFRACTION' ? 
r_rigid_bond_restr           ?      ?      ? ?    'X-RAY DIFFRACTION' ? 
r_sphericity_free            ?      ?      ? ?    'X-RAY DIFFRACTION' ? 
r_sphericity_bonded          ?      ?      ? ?    'X-RAY DIFFRACTION' ? 
# 
_refine_ls_shell.pdbx_refine_id                   'X-RAY DIFFRACTION' 
_refine_ls_shell.pdbx_total_number_of_bins_used   20 
_refine_ls_shell.d_res_high                       1.060 
_refine_ls_shell.d_res_low                        1.087 
_refine_ls_shell.number_reflns_R_work             1796 
_refine_ls_shell.R_factor_R_work                  0.367 
_refine_ls_shell.percent_reflns_obs               36.30 
_refine_ls_shell.R_factor_R_free                  0.396 
_refine_ls_shell.R_factor_R_free_error            ? 
_refine_ls_shell.percent_reflns_R_free            ? 
_refine_ls_shell.number_reflns_R_free             91 
_refine_ls_shell.number_reflns_all                ? 
_refine_ls_shell.R_factor_all                     ? 
# 
_struct.entry_id                  7H3R 
_struct.title                     
;Group deposition for crystallographic fragment screening of Coxsackievirus A16 (G-10) 2A protease -- Crystal structure of Coxsackievirus A16 (G-10) 2A protease in complex with Z1082839290 (A71EV2A-x0473)
;
_struct.pdbx_model_details        ? 
_struct.pdbx_CASP_flag            ? 
_struct.pdbx_model_type_details   ? 
# 
_struct_keywords.entry_id        7H3R 
_struct_keywords.pdbx_keywords   HYDROLASE 
_struct_keywords.text            
;Diamond Light Source, I03, ASAP, Coxsackievirus A16, crystallographic fragment screening, PanDDA, Pandda2, XChemExplorer, viral protein, HYDROLASE
;
# 
loop_
_struct_asym.id 
_struct_asym.pdbx_blank_PDB_chainid_flag 
_struct_asym.pdbx_modified 
_struct_asym.entity_id 
_struct_asym.details 
A N N 1 ? 
B N N 2 ? 
C N N 3 ? 
D N N 4 ? 
E N N 4 ? 
F N N 4 ? 
G N N 4 ? 
H N N 4 ? 
I N N 5 ? 
J N N 6 ? 
# 
_struct_ref.id                         1 
_struct_ref.db_name                    UNP 
_struct_ref.db_code                    POLG_CX16G 
_struct_ref.pdbx_db_accession          Q65900 
_struct_ref.pdbx_db_isoform            ? 
_struct_ref.entity_id                  1 
_struct_ref.pdbx_seq_one_letter_code   
;SGAIYVGNYRVVNRHLATHNDWANLVWEDSSRDLLVSSTTAQGCDTIARCDCQTGVYYCSSRRKHYPVSFSKPSLIFVEA
SEYYPARYQSHLMLAVGHSEPGDCGGILRCQHGVVGIVSTGGNGLVGFADVRDLLWLDEEAMEQ
;
_struct_ref.pdbx_align_begin           869 
# 
_struct_ref_seq.align_id                      1 
_struct_ref_seq.ref_id                        1 
_struct_ref_seq.pdbx_PDB_id_code              7H3R 
_struct_ref_seq.pdbx_strand_id                A 
_struct_ref_seq.seq_align_beg                 7 
_struct_ref_seq.pdbx_seq_align_beg_ins_code   ? 
_struct_ref_seq.seq_align_end                 150 
_struct_ref_seq.pdbx_seq_align_end_ins_code   ? 
_struct_ref_seq.pdbx_db_accession             Q65900 
_struct_ref_seq.db_align_beg                  869 
_struct_ref_seq.pdbx_db_align_beg_ins_code    ? 
_struct_ref_seq.db_align_end                  1012 
_struct_ref_seq.pdbx_db_align_end_ins_code    ? 
_struct_ref_seq.pdbx_auth_seq_align_beg       7 
_struct_ref_seq.pdbx_auth_seq_align_end       150 
# 
loop_
_struct_ref_seq_dif.align_id 
_struct_ref_seq_dif.pdbx_pdb_id_code 
_struct_ref_seq_dif.mon_id 
_struct_ref_seq_dif.pdbx_pdb_strand_id 
_struct_ref_seq_dif.seq_num 
_struct_ref_seq_dif.pdbx_pdb_ins_code 
_struct_ref_seq_dif.pdbx_seq_db_name 
_struct_ref_seq_dif.pdbx_seq_db_accession_code 
_struct_ref_seq_dif.db_mon_id 
_struct_ref_seq_dif.pdbx_seq_db_seq_num 
_struct_ref_seq_dif.details 
_struct_ref_seq_dif.pdbx_auth_seq_num 
_struct_ref_seq_dif.pdbx_ordinal 
1 7H3R GLN A 1 ? UNP Q65900 ? ? 'expression tag' 1 1 
1 7H3R GLU A 2 ? UNP Q65900 ? ? 'expression tag' 2 2 
1 7H3R GLN A 3 ? UNP Q65900 ? ? 'expression tag' 3 3 
1 7H3R THR A 4 ? UNP Q65900 ? ? 'expression tag' 4 4 
1 7H3R GLY A 5 ? UNP Q65900 ? ? 'expression tag' 5 5 
1 7H3R GLY A 6 ? UNP Q65900 ? ? 'expression tag' 6 6 
# 
_pdbx_struct_assembly.id                   1 
_pdbx_struct_assembly.details              author_and_software_defined_assembly 
_pdbx_struct_assembly.method_details       PISA 
_pdbx_struct_assembly.oligomeric_details   monomeric 
_pdbx_struct_assembly.oligomeric_count     1 
# 
loop_
_pdbx_struct_assembly_prop.biol_id 
_pdbx_struct_assembly_prop.type 
_pdbx_struct_assembly_prop.value 
_pdbx_struct_assembly_prop.details 
1 'ABSA (A^2)' 830  ? 
1 MORE         -6   ? 
1 'SSA (A^2)'  7370 ? 
# 
_pdbx_struct_assembly_gen.assembly_id       1 
_pdbx_struct_assembly_gen.oper_expression   1 
_pdbx_struct_assembly_gen.asym_id_list      A,B,C,D,E,F,G,H,I,J 
# 
_pdbx_struct_oper_list.id                   1 
_pdbx_struct_oper_list.type                 'identity operation' 
_pdbx_struct_oper_list.name                 1_555 
_pdbx_struct_oper_list.symmetry_operation   x,y,z 
_pdbx_struct_oper_list.matrix[1][1]         1.0000000000 
_pdbx_struct_oper_list.matrix[1][2]         0.0000000000 
_pdbx_struct_oper_list.matrix[1][3]         0.0000000000 
_pdbx_struct_oper_list.vector[1]            0.0000000000 
_pdbx_struct_oper_list.matrix[2][1]         0.0000000000 
_pdbx_struct_oper_list.matrix[2][2]         1.0000000000 
_pdbx_struct_oper_list.matrix[2][3]         0.0000000000 
_pdbx_struct_oper_list.vector[2]            0.0000000000 
_pdbx_struct_oper_list.matrix[3][1]         0.0000000000 
_pdbx_struct_oper_list.matrix[3][2]         0.0000000000 
_pdbx_struct_oper_list.matrix[3][3]         1.0000000000 
_pdbx_struct_oper_list.vector[3]            0.0000000000 
# 
loop_
_struct_conf.conf_type_id 
_struct_conf.id 
_struct_conf.pdbx_PDB_helix_id 
_struct_conf.beg_label_comp_id 
_struct_conf.beg_label_asym_id 
_struct_conf.beg_label_seq_id 
_struct_conf.pdbx_beg_PDB_ins_code 
_struct_conf.end_label_comp_id 
_struct_conf.end_label_asym_id 
_struct_conf.end_label_seq_id 
_struct_conf.pdbx_end_PDB_ins_code 
_struct_conf.beg_auth_comp_id 
_struct_conf.beg_auth_asym_id 
_struct_conf.beg_auth_seq_id 
_struct_conf.end_auth_comp_id 
_struct_conf.end_auth_asym_id 
_struct_conf.end_auth_seq_id 
_struct_conf.pdbx_PDB_helix_class 
_struct_conf.details 
_struct_conf.pdbx_PDB_helix_length 
HELX_P HELX_P1 AA1 HIS A 21  ? ALA A 23  ? HIS A 21  ALA A 23  5 ? 3 
HELX_P HELX_P2 AA2 THR A 24  ? ASN A 30  ? THR A 24  ASN A 30  1 ? 7 
HELX_P HELX_P3 AA3 SER A 36  ? ARG A 38  ? SER A 36  ARG A 38  5 ? 3 
HELX_P HELX_P4 AA4 SER A 66  ? ARG A 69  ? SER A 66  ARG A 69  5 ? 4 
HELX_P HELX_P5 AA5 GLU A 106 ? CYS A 110 ? GLU A 106 CYS A 110 5 ? 5 
HELX_P HELX_P6 AA6 LEU A 140 ? GLU A 145 ? LEU A 140 GLU A 145 5 ? 6 
# 
_struct_conf_type.id          HELX_P 
_struct_conf_type.criteria    ? 
_struct_conf_type.reference   ? 
# 
loop_
_struct_conn.id 
_struct_conn.conn_type_id 
_struct_conn.pdbx_leaving_atom_flag 
_struct_conn.pdbx_PDB_id 
_struct_conn.ptnr1_label_asym_id 
_struct_conn.ptnr1_label_comp_id 
_struct_conn.ptnr1_label_seq_id 
_struct_conn.ptnr1_label_atom_id 
_struct_conn.pdbx_ptnr1_label_alt_id 
_struct_conn.pdbx_ptnr1_PDB_ins_code 
_struct_conn.pdbx_ptnr1_standard_comp_id 
_struct_conn.ptnr1_symmetry 
_struct_conn.ptnr2_label_asym_id 
_struct_conn.ptnr2_label_comp_id 
_struct_conn.ptnr2_label_seq_id 
_struct_conn.ptnr2_label_atom_id 
_struct_conn.pdbx_ptnr2_label_alt_id 
_struct_conn.pdbx_ptnr2_PDB_ins_code 
_struct_conn.ptnr1_auth_asym_id 
_struct_conn.ptnr1_auth_comp_id 
_struct_conn.ptnr1_auth_seq_id 
_struct_conn.ptnr2_auth_asym_id 
_struct_conn.ptnr2_auth_comp_id 
_struct_conn.ptnr2_auth_seq_id 
_struct_conn.ptnr2_symmetry 
_struct_conn.pdbx_ptnr3_label_atom_id 
_struct_conn.pdbx_ptnr3_label_seq_id 
_struct_conn.pdbx_ptnr3_label_comp_id 
_struct_conn.pdbx_ptnr3_label_asym_id 
_struct_conn.pdbx_ptnr3_label_alt_id 
_struct_conn.pdbx_ptnr3_PDB_ins_code 
_struct_conn.details 
_struct_conn.pdbx_dist_value 
_struct_conn.pdbx_value_order 
_struct_conn.pdbx_role 
metalc1 metalc ? ? A CYS 56  SG  ? ? ? 1_555 C ZN . ZN ? ? A CYS 56  A ZN 202 1_555 ? ? ? ? ? ? ? 2.339 ? ? 
metalc2 metalc ? ? A CYS 58  SG  ? ? ? 1_555 C ZN . ZN ? ? A CYS 58  A ZN 202 1_555 ? ? ? ? ? ? ? 2.315 ? ? 
metalc3 metalc ? ? A CYS 116 SG  ? ? ? 1_555 C ZN . ZN ? ? A CYS 116 A ZN 202 1_555 ? ? ? ? ? ? ? 2.279 ? ? 
metalc4 metalc ? ? A HIS 118 ND1 ? ? ? 1_555 C ZN . ZN ? ? A HIS 118 A ZN 202 1_555 ? ? ? ? ? ? ? 2.094 ? ? 
# 
_struct_conn_type.id          metalc 
_struct_conn_type.criteria    ? 
_struct_conn_type.reference   ? 
# 
loop_
_pdbx_struct_conn_angle.id 
_pdbx_struct_conn_angle.ptnr1_label_atom_id 
_pdbx_struct_conn_angle.ptnr1_label_alt_id 
_pdbx_struct_conn_angle.ptnr1_label_asym_id 
_pdbx_struct_conn_angle.ptnr1_label_comp_id 
_pdbx_struct_conn_angle.ptnr1_label_seq_id 
_pdbx_struct_conn_angle.ptnr1_auth_atom_id 
_pdbx_struct_conn_angle.ptnr1_auth_asym_id 
_pdbx_struct_conn_angle.ptnr1_auth_comp_id 
_pdbx_struct_conn_angle.ptnr1_auth_seq_id 
_pdbx_struct_conn_angle.ptnr1_PDB_ins_code 
_pdbx_struct_conn_angle.ptnr1_symmetry 
_pdbx_struct_conn_angle.ptnr2_label_atom_id 
_pdbx_struct_conn_angle.ptnr2_label_alt_id 
_pdbx_struct_conn_angle.ptnr2_label_asym_id 
_pdbx_struct_conn_angle.ptnr2_label_comp_id 
_pdbx_struct_conn_angle.ptnr2_label_seq_id 
_pdbx_struct_conn_angle.ptnr2_auth_atom_id 
_pdbx_struct_conn_angle.ptnr2_auth_asym_id 
_pdbx_struct_conn_angle.ptnr2_auth_comp_id 
_pdbx_struct_conn_angle.ptnr2_auth_seq_id 
_pdbx_struct_conn_angle.ptnr2_PDB_ins_code 
_pdbx_struct_conn_angle.ptnr2_symmetry 
_pdbx_struct_conn_angle.ptnr3_label_atom_id 
_pdbx_struct_conn_angle.ptnr3_label_alt_id 
_pdbx_struct_conn_angle.ptnr3_label_asym_id 
_pdbx_struct_conn_angle.ptnr3_label_comp_id 
_pdbx_struct_conn_angle.ptnr3_label_seq_id 
_pdbx_struct_conn_angle.ptnr3_auth_atom_id 
_pdbx_struct_conn_angle.ptnr3_auth_asym_id 
_pdbx_struct_conn_angle.ptnr3_auth_comp_id 
_pdbx_struct_conn_angle.ptnr3_auth_seq_id 
_pdbx_struct_conn_angle.ptnr3_PDB_ins_code 
_pdbx_struct_conn_angle.ptnr3_symmetry 
_pdbx_struct_conn_angle.value 
_pdbx_struct_conn_angle.value_esd 
1 SG ? A CYS 56  ? A CYS 56  ? 1_555 ZN ? C ZN . ? A ZN 202 ? 1_555 SG  ? A CYS 58  ? A CYS 58  ? 1_555 109.9 ? 
2 SG ? A CYS 56  ? A CYS 56  ? 1_555 ZN ? C ZN . ? A ZN 202 ? 1_555 SG  ? A CYS 116 ? A CYS 116 ? 1_555 106.6 ? 
3 SG ? A CYS 58  ? A CYS 58  ? 1_555 ZN ? C ZN . ? A ZN 202 ? 1_555 SG  ? A CYS 116 ? A CYS 116 ? 1_555 118.1 ? 
4 SG ? A CYS 56  ? A CYS 56  ? 1_555 ZN ? C ZN . ? A ZN 202 ? 1_555 ND1 ? A HIS 118 ? A HIS 118 ? 1_555 104.5 ? 
5 SG ? A CYS 58  ? A CYS 58  ? 1_555 ZN ? C ZN . ? A ZN 202 ? 1_555 ND1 ? A HIS 118 ? A HIS 118 ? 1_555 101.8 ? 
6 SG ? A CYS 116 ? A CYS 116 ? 1_555 ZN ? C ZN . ? A ZN 202 ? 1_555 ND1 ? A HIS 118 ? A HIS 118 ? 1_555 115.1 ? 
# 
loop_
_struct_sheet.id 
_struct_sheet.type 
_struct_sheet.number_strands 
_struct_sheet.details 
AA1 ? 3 ? 
AA2 ? 7 ? 
# 
loop_
_struct_sheet_order.sheet_id 
_struct_sheet_order.range_id_1 
_struct_sheet_order.range_id_2 
_struct_sheet_order.offset 
_struct_sheet_order.sense 
AA1 1 2 ? anti-parallel 
AA1 2 3 ? anti-parallel 
AA2 1 2 ? anti-parallel 
AA2 2 3 ? anti-parallel 
AA2 3 4 ? anti-parallel 
AA2 4 5 ? anti-parallel 
AA2 5 6 ? anti-parallel 
AA2 6 7 ? anti-parallel 
# 
loop_
_struct_sheet_range.sheet_id 
_struct_sheet_range.id 
_struct_sheet_range.beg_label_comp_id 
_struct_sheet_range.beg_label_asym_id 
_struct_sheet_range.beg_label_seq_id 
_struct_sheet_range.pdbx_beg_PDB_ins_code 
_struct_sheet_range.end_label_comp_id 
_struct_sheet_range.end_label_asym_id 
_struct_sheet_range.end_label_seq_id 
_struct_sheet_range.pdbx_end_PDB_ins_code 
_struct_sheet_range.beg_auth_comp_id 
_struct_sheet_range.beg_auth_asym_id 
_struct_sheet_range.beg_auth_seq_id 
_struct_sheet_range.end_auth_comp_id 
_struct_sheet_range.end_auth_asym_id 
_struct_sheet_range.end_auth_seq_id 
AA1 1 LEU A 31  ? ASP A 35  ? LEU A 31  ASP A 35  
AA1 2 LEU A 40  ? CYS A 50  ? LEU A 40  CYS A 50  
AA1 3 ILE A 10  ? ASN A 19  ? ILE A 10  ASN A 19  
AA2 1 LYS A 70  ? SER A 75  ? LYS A 70  SER A 75  
AA2 2 THR A 60  ? CYS A 65  ? THR A 60  CYS A 65  
AA2 3 ILE A 113 ? CYS A 116 ? ILE A 113 CYS A 116 
AA2 4 GLY A 119 ? GLY A 128 ? GLY A 119 GLY A 128 
AA2 5 LEU A 131 ? ASP A 136 ? LEU A 131 ASP A 136 
AA2 6 ARG A 93  ? VAL A 102 ? ARG A 93  VAL A 102 
AA2 7 SER A 80  ? VAL A 84  ? SER A 80  VAL A 84  
# 
loop_
_pdbx_struct_sheet_hbond.sheet_id 
_pdbx_struct_sheet_hbond.range_id_1 
_pdbx_struct_sheet_hbond.range_id_2 
_pdbx_struct_sheet_hbond.range_1_label_atom_id 
_pdbx_struct_sheet_hbond.range_1_label_comp_id 
_pdbx_struct_sheet_hbond.range_1_label_asym_id 
_pdbx_struct_sheet_hbond.range_1_label_seq_id 
_pdbx_struct_sheet_hbond.range_1_PDB_ins_code 
_pdbx_struct_sheet_hbond.range_1_auth_atom_id 
_pdbx_struct_sheet_hbond.range_1_auth_comp_id 
_pdbx_struct_sheet_hbond.range_1_auth_asym_id 
_pdbx_struct_sheet_hbond.range_1_auth_seq_id 
_pdbx_struct_sheet_hbond.range_2_label_atom_id 
_pdbx_struct_sheet_hbond.range_2_label_comp_id 
_pdbx_struct_sheet_hbond.range_2_label_asym_id 
_pdbx_struct_sheet_hbond.range_2_label_seq_id 
_pdbx_struct_sheet_hbond.range_2_PDB_ins_code 
_pdbx_struct_sheet_hbond.range_2_auth_atom_id 
_pdbx_struct_sheet_hbond.range_2_auth_comp_id 
_pdbx_struct_sheet_hbond.range_2_auth_asym_id 
_pdbx_struct_sheet_hbond.range_2_auth_seq_id 
AA1 1 2 N TRP A 33  ? N TRP A 33  O VAL A 42  ? O VAL A 42  
AA1 2 3 N LEU A 41  ? N LEU A 41  O VAL A 18  ? O VAL A 18  
AA2 1 2 O LYS A 70  ? O LYS A 70  N CYS A 65  ? N CYS A 65  
AA2 2 3 N VAL A 62  ? N VAL A 62  O ARG A 115 ? O ARG A 115 
AA2 3 4 N LEU A 114 ? N LEU A 114 O VAL A 121 ? O VAL A 121 
AA2 4 5 N SER A 125 ? N SER A 125 O GLY A 133 ? O GLY A 133 
AA2 5 6 O PHE A 134 ? O PHE A 134 N MET A 99  ? N MET A 99  
AA2 6 7 O ARG A 93  ? O ARG A 93  N VAL A 84  ? N VAL A 84  
# 
_pdbx_entry_details.entry_id                   7H3R 
_pdbx_entry_details.compound_details           ? 
_pdbx_entry_details.source_details             ? 
_pdbx_entry_details.nonpolymer_details         ? 
_pdbx_entry_details.sequence_details           ? 
_pdbx_entry_details.has_ligand_of_interest     ? 
_pdbx_entry_details.has_protein_modification   N 
# 
loop_
_pdbx_validate_close_contact.id 
_pdbx_validate_close_contact.PDB_model_num 
_pdbx_validate_close_contact.auth_atom_id_1 
_pdbx_validate_close_contact.auth_asym_id_1 
_pdbx_validate_close_contact.auth_comp_id_1 
_pdbx_validate_close_contact.auth_seq_id_1 
_pdbx_validate_close_contact.PDB_ins_code_1 
_pdbx_validate_close_contact.label_alt_id_1 
_pdbx_validate_close_contact.auth_atom_id_2 
_pdbx_validate_close_contact.auth_asym_id_2 
_pdbx_validate_close_contact.auth_comp_id_2 
_pdbx_validate_close_contact.auth_seq_id_2 
_pdbx_validate_close_contact.PDB_ins_code_2 
_pdbx_validate_close_contact.label_alt_id_2 
_pdbx_validate_close_contact.dist 
1  1 CB  A ALA 86  ? ? N A ALA 92  ? ? 1.84 
2  1 N   A SER 87  ? ? O A TYR 90  ? ? 1.90 
3  1 O   A HOH 471 ? ? O A HOH 476 ? ? 1.97 
4  1 O   A HOH 512 ? ? O A HOH 522 ? ? 2.02 
5  1 OE1 A GLU 106 ? ? O A HOH 301 ? ? 2.03 
6  1 O   A HOH 344 ? ? O A HOH 444 ? ? 2.04 
7  1 O   A HOH 335 ? ? O A HOH 339 ? ? 2.08 
8  1 O   A THR 46  ? ? O A HOH 302 ? ? 2.13 
9  1 O   A SER 87  ? ? O A HOH 303 ? ? 2.16 
10 1 CB  A ALA 86  ? ? C A PRO 91  ? ? 2.19 
# 
loop_
_pdbx_validate_symm_contact.id 
_pdbx_validate_symm_contact.PDB_model_num 
_pdbx_validate_symm_contact.auth_atom_id_1 
_pdbx_validate_symm_contact.auth_asym_id_1 
_pdbx_validate_symm_contact.auth_comp_id_1 
_pdbx_validate_symm_contact.auth_seq_id_1 
_pdbx_validate_symm_contact.PDB_ins_code_1 
_pdbx_validate_symm_contact.label_alt_id_1 
_pdbx_validate_symm_contact.site_symmetry_1 
_pdbx_validate_symm_contact.auth_atom_id_2 
_pdbx_validate_symm_contact.auth_asym_id_2 
_pdbx_validate_symm_contact.auth_comp_id_2 
_pdbx_validate_symm_contact.auth_seq_id_2 
_pdbx_validate_symm_contact.PDB_ins_code_2 
_pdbx_validate_symm_contact.label_alt_id_2 
_pdbx_validate_symm_contact.site_symmetry_2 
_pdbx_validate_symm_contact.dist 
1 1 O3 A SO4 208 ? ? 1_555 O4 A SO4 208 ? ? 2_556 1.19 
2 1 S  A SO4 208 ? ? 1_555 O3 A SO4 208 ? ? 2_556 1.69 
3 1 O3 A SO4 208 ? ? 1_555 O3 A SO4 208 ? ? 2_556 1.80 
# 
_pdbx_struct_special_symmetry.id              1 
_pdbx_struct_special_symmetry.PDB_model_num   1 
_pdbx_struct_special_symmetry.auth_asym_id    A 
_pdbx_struct_special_symmetry.auth_comp_id    ST0 
_pdbx_struct_special_symmetry.auth_seq_id     201 
_pdbx_struct_special_symmetry.PDB_ins_code    ? 
_pdbx_struct_special_symmetry.label_asym_id   B 
_pdbx_struct_special_symmetry.label_comp_id   ST0 
_pdbx_struct_special_symmetry.label_seq_id    . 
# 
loop_
_pdbx_distant_solvent_atoms.id 
_pdbx_distant_solvent_atoms.PDB_model_num 
_pdbx_distant_solvent_atoms.auth_atom_id 
_pdbx_distant_solvent_atoms.label_alt_id 
_pdbx_distant_solvent_atoms.auth_asym_id 
_pdbx_distant_solvent_atoms.auth_comp_id 
_pdbx_distant_solvent_atoms.auth_seq_id 
_pdbx_distant_solvent_atoms.PDB_ins_code 
_pdbx_distant_solvent_atoms.neighbor_macromolecule_distance 
_pdbx_distant_solvent_atoms.neighbor_ligand_distance 
1 1 O ? A HOH 526 ? 5.84 . 
2 1 O ? A HOH 527 ? 8.63 . 
# 
loop_
_pdbx_unobs_or_zero_occ_residues.id 
_pdbx_unobs_or_zero_occ_residues.PDB_model_num 
_pdbx_unobs_or_zero_occ_residues.polymer_flag 
_pdbx_unobs_or_zero_occ_residues.occupancy_flag 
_pdbx_unobs_or_zero_occ_residues.auth_asym_id 
_pdbx_unobs_or_zero_occ_residues.auth_comp_id 
_pdbx_unobs_or_zero_occ_residues.auth_seq_id 
_pdbx_unobs_or_zero_occ_residues.PDB_ins_code 
_pdbx_unobs_or_zero_occ_residues.label_asym_id 
_pdbx_unobs_or_zero_occ_residues.label_comp_id 
_pdbx_unobs_or_zero_occ_residues.label_seq_id 
1  1 Y 1 A GLN 1   ? A GLN 1   
2  1 Y 1 A GLU 2   ? A GLU 2   
3  1 Y 1 A GLN 3   ? A GLN 3   
4  1 Y 1 A THR 4   ? A THR 4   
5  1 Y 1 A GLY 5   ? A GLY 5   
6  1 Y 1 A GLY 6   ? A GLY 6   
7  1 Y 1 A ALA 147 ? A ALA 147 
8  1 Y 1 A MET 148 ? A MET 148 
9  1 Y 1 A GLU 149 ? A GLU 149 
10 1 Y 1 A GLN 150 ? A GLN 150 
# 
loop_
_chem_comp_atom.comp_id 
_chem_comp_atom.atom_id 
_chem_comp_atom.type_symbol 
_chem_comp_atom.pdbx_aromatic_flag 
_chem_comp_atom.pdbx_stereo_config 
_chem_comp_atom.pdbx_ordinal 
ALA N    N  N N 1   
ALA CA   C  N S 2   
ALA C    C  N N 3   
ALA O    O  N N 4   
ALA CB   C  N N 5   
ALA OXT  O  N N 6   
ALA H    H  N N 7   
ALA H2   H  N N 8   
ALA HA   H  N N 9   
ALA HB1  H  N N 10  
ALA HB2  H  N N 11  
ALA HB3  H  N N 12  
ALA HXT  H  N N 13  
ARG N    N  N N 14  
ARG CA   C  N S 15  
ARG C    C  N N 16  
ARG O    O  N N 17  
ARG CB   C  N N 18  
ARG CG   C  N N 19  
ARG CD   C  N N 20  
ARG NE   N  N N 21  
ARG CZ   C  N N 22  
ARG NH1  N  N N 23  
ARG NH2  N  N N 24  
ARG OXT  O  N N 25  
ARG H    H  N N 26  
ARG H2   H  N N 27  
ARG HA   H  N N 28  
ARG HB2  H  N N 29  
ARG HB3  H  N N 30  
ARG HG2  H  N N 31  
ARG HG3  H  N N 32  
ARG HD2  H  N N 33  
ARG HD3  H  N N 34  
ARG HE   H  N N 35  
ARG HH11 H  N N 36  
ARG HH12 H  N N 37  
ARG HH21 H  N N 38  
ARG HH22 H  N N 39  
ARG HXT  H  N N 40  
ASN N    N  N N 41  
ASN CA   C  N S 42  
ASN C    C  N N 43  
ASN O    O  N N 44  
ASN CB   C  N N 45  
ASN CG   C  N N 46  
ASN OD1  O  N N 47  
ASN ND2  N  N N 48  
ASN OXT  O  N N 49  
ASN H    H  N N 50  
ASN H2   H  N N 51  
ASN HA   H  N N 52  
ASN HB2  H  N N 53  
ASN HB3  H  N N 54  
ASN HD21 H  N N 55  
ASN HD22 H  N N 56  
ASN HXT  H  N N 57  
ASP N    N  N N 58  
ASP CA   C  N S 59  
ASP C    C  N N 60  
ASP O    O  N N 61  
ASP CB   C  N N 62  
ASP CG   C  N N 63  
ASP OD1  O  N N 64  
ASP OD2  O  N N 65  
ASP OXT  O  N N 66  
ASP H    H  N N 67  
ASP H2   H  N N 68  
ASP HA   H  N N 69  
ASP HB2  H  N N 70  
ASP HB3  H  N N 71  
ASP HD2  H  N N 72  
ASP HXT  H  N N 73  
CYS N    N  N N 74  
CYS CA   C  N R 75  
CYS C    C  N N 76  
CYS O    O  N N 77  
CYS CB   C  N N 78  
CYS SG   S  N N 79  
CYS OXT  O  N N 80  
CYS H    H  N N 81  
CYS H2   H  N N 82  
CYS HA   H  N N 83  
CYS HB2  H  N N 84  
CYS HB3  H  N N 85  
CYS HG   H  N N 86  
CYS HXT  H  N N 87  
DMS S    S  N N 88  
DMS O    O  N N 89  
DMS C1   C  N N 90  
DMS C2   C  N N 91  
DMS H11  H  N N 92  
DMS H12  H  N N 93  
DMS H13  H  N N 94  
DMS H21  H  N N 95  
DMS H22  H  N N 96  
DMS H23  H  N N 97  
GLN N    N  N N 98  
GLN CA   C  N S 99  
GLN C    C  N N 100 
GLN O    O  N N 101 
GLN CB   C  N N 102 
GLN CG   C  N N 103 
GLN CD   C  N N 104 
GLN OE1  O  N N 105 
GLN NE2  N  N N 106 
GLN OXT  O  N N 107 
GLN H    H  N N 108 
GLN H2   H  N N 109 
GLN HA   H  N N 110 
GLN HB2  H  N N 111 
GLN HB3  H  N N 112 
GLN HG2  H  N N 113 
GLN HG3  H  N N 114 
GLN HE21 H  N N 115 
GLN HE22 H  N N 116 
GLN HXT  H  N N 117 
GLU N    N  N N 118 
GLU CA   C  N S 119 
GLU C    C  N N 120 
GLU O    O  N N 121 
GLU CB   C  N N 122 
GLU CG   C  N N 123 
GLU CD   C  N N 124 
GLU OE1  O  N N 125 
GLU OE2  O  N N 126 
GLU OXT  O  N N 127 
GLU H    H  N N 128 
GLU H2   H  N N 129 
GLU HA   H  N N 130 
GLU HB2  H  N N 131 
GLU HB3  H  N N 132 
GLU HG2  H  N N 133 
GLU HG3  H  N N 134 
GLU HE2  H  N N 135 
GLU HXT  H  N N 136 
GLY N    N  N N 137 
GLY CA   C  N N 138 
GLY C    C  N N 139 
GLY O    O  N N 140 
GLY OXT  O  N N 141 
GLY H    H  N N 142 
GLY H2   H  N N 143 
GLY HA2  H  N N 144 
GLY HA3  H  N N 145 
GLY HXT  H  N N 146 
HIS N    N  N N 147 
HIS CA   C  N S 148 
HIS C    C  N N 149 
HIS O    O  N N 150 
HIS CB   C  N N 151 
HIS CG   C  Y N 152 
HIS ND1  N  Y N 153 
HIS CD2  C  Y N 154 
HIS CE1  C  Y N 155 
HIS NE2  N  Y N 156 
HIS OXT  O  N N 157 
HIS H    H  N N 158 
HIS H2   H  N N 159 
HIS HA   H  N N 160 
HIS HB2  H  N N 161 
HIS HB3  H  N N 162 
HIS HD1  H  N N 163 
HIS HD2  H  N N 164 
HIS HE1  H  N N 165 
HIS HE2  H  N N 166 
HIS HXT  H  N N 167 
HOH O    O  N N 168 
HOH H1   H  N N 169 
HOH H2   H  N N 170 
ILE N    N  N N 171 
ILE CA   C  N S 172 
ILE C    C  N N 173 
ILE O    O  N N 174 
ILE CB   C  N S 175 
ILE CG1  C  N N 176 
ILE CG2  C  N N 177 
ILE CD1  C  N N 178 
ILE OXT  O  N N 179 
ILE H    H  N N 180 
ILE H2   H  N N 181 
ILE HA   H  N N 182 
ILE HB   H  N N 183 
ILE HG12 H  N N 184 
ILE HG13 H  N N 185 
ILE HG21 H  N N 186 
ILE HG22 H  N N 187 
ILE HG23 H  N N 188 
ILE HD11 H  N N 189 
ILE HD12 H  N N 190 
ILE HD13 H  N N 191 
ILE HXT  H  N N 192 
LEU N    N  N N 193 
LEU CA   C  N S 194 
LEU C    C  N N 195 
LEU O    O  N N 196 
LEU CB   C  N N 197 
LEU CG   C  N N 198 
LEU CD1  C  N N 199 
LEU CD2  C  N N 200 
LEU OXT  O  N N 201 
LEU H    H  N N 202 
LEU H2   H  N N 203 
LEU HA   H  N N 204 
LEU HB2  H  N N 205 
LEU HB3  H  N N 206 
LEU HG   H  N N 207 
LEU HD11 H  N N 208 
LEU HD12 H  N N 209 
LEU HD13 H  N N 210 
LEU HD21 H  N N 211 
LEU HD22 H  N N 212 
LEU HD23 H  N N 213 
LEU HXT  H  N N 214 
LYS N    N  N N 215 
LYS CA   C  N S 216 
LYS C    C  N N 217 
LYS O    O  N N 218 
LYS CB   C  N N 219 
LYS CG   C  N N 220 
LYS CD   C  N N 221 
LYS CE   C  N N 222 
LYS NZ   N  N N 223 
LYS OXT  O  N N 224 
LYS H    H  N N 225 
LYS H2   H  N N 226 
LYS HA   H  N N 227 
LYS HB2  H  N N 228 
LYS HB3  H  N N 229 
LYS HG2  H  N N 230 
LYS HG3  H  N N 231 
LYS HD2  H  N N 232 
LYS HD3  H  N N 233 
LYS HE2  H  N N 234 
LYS HE3  H  N N 235 
LYS HZ1  H  N N 236 
LYS HZ2  H  N N 237 
LYS HZ3  H  N N 238 
LYS HXT  H  N N 239 
MET N    N  N N 240 
MET CA   C  N S 241 
MET C    C  N N 242 
MET O    O  N N 243 
MET CB   C  N N 244 
MET CG   C  N N 245 
MET SD   S  N N 246 
MET CE   C  N N 247 
MET OXT  O  N N 248 
MET H    H  N N 249 
MET H2   H  N N 250 
MET HA   H  N N 251 
MET HB2  H  N N 252 
MET HB3  H  N N 253 
MET HG2  H  N N 254 
MET HG3  H  N N 255 
MET HE1  H  N N 256 
MET HE2  H  N N 257 
MET HE3  H  N N 258 
MET HXT  H  N N 259 
PHE N    N  N N 260 
PHE CA   C  N S 261 
PHE C    C  N N 262 
PHE O    O  N N 263 
PHE CB   C  N N 264 
PHE CG   C  Y N 265 
PHE CD1  C  Y N 266 
PHE CD2  C  Y N 267 
PHE CE1  C  Y N 268 
PHE CE2  C  Y N 269 
PHE CZ   C  Y N 270 
PHE OXT  O  N N 271 
PHE H    H  N N 272 
PHE H2   H  N N 273 
PHE HA   H  N N 274 
PHE HB2  H  N N 275 
PHE HB3  H  N N 276 
PHE HD1  H  N N 277 
PHE HD2  H  N N 278 
PHE HE1  H  N N 279 
PHE HE2  H  N N 280 
PHE HZ   H  N N 281 
PHE HXT  H  N N 282 
PRO N    N  N N 283 
PRO CA   C  N S 284 
PRO C    C  N N 285 
PRO O    O  N N 286 
PRO CB   C  N N 287 
PRO CG   C  N N 288 
PRO CD   C  N N 289 
PRO OXT  O  N N 290 
PRO H    H  N N 291 
PRO HA   H  N N 292 
PRO HB2  H  N N 293 
PRO HB3  H  N N 294 
PRO HG2  H  N N 295 
PRO HG3  H  N N 296 
PRO HD2  H  N N 297 
PRO HD3  H  N N 298 
PRO HXT  H  N N 299 
SER N    N  N N 300 
SER CA   C  N S 301 
SER C    C  N N 302 
SER O    O  N N 303 
SER CB   C  N N 304 
SER OG   O  N N 305 
SER OXT  O  N N 306 
SER H    H  N N 307 
SER H2   H  N N 308 
SER HA   H  N N 309 
SER HB2  H  N N 310 
SER HB3  H  N N 311 
SER HG   H  N N 312 
SER HXT  H  N N 313 
SO4 S    S  N N 314 
SO4 O1   O  N N 315 
SO4 O2   O  N N 316 
SO4 O3   O  N N 317 
SO4 O4   O  N N 318 
ST0 C4   C  N N 319 
ST0 C5   C  N N 320 
ST0 C6   C  N N 321 
ST0 C7   C  N N 322 
ST0 C8   C  N N 323 
ST0 N    N  N N 324 
ST0 C    C  N N 325 
ST0 O    O  N N 326 
ST0 C1   C  N N 327 
ST0 C2   C  N N 328 
ST0 C3   C  N N 329 
ST0 C9   C  N N 330 
ST0 O1   O  N N 331 
ST0 O2   O  N N 332 
ST0 S    S  N N 333 
ST0 H1   H  N N 334 
ST0 H2   H  N N 335 
ST0 H3   H  N N 336 
ST0 H4   H  N N 337 
ST0 H5   H  N N 338 
ST0 H6   H  N N 339 
ST0 H7   H  N N 340 
ST0 H8   H  N N 341 
ST0 H9   H  N N 342 
ST0 H10  H  N N 343 
ST0 H11  H  N N 344 
ST0 H12  H  N N 345 
ST0 H13  H  N N 346 
ST0 H14  H  N N 347 
ST0 H15  H  N N 348 
ST0 H16  H  N N 349 
ST0 H17  H  N N 350 
ST0 H18  H  N N 351 
ST0 H19  H  N N 352 
THR N    N  N N 353 
THR CA   C  N S 354 
THR C    C  N N 355 
THR O    O  N N 356 
THR CB   C  N R 357 
THR OG1  O  N N 358 
THR CG2  C  N N 359 
THR OXT  O  N N 360 
THR H    H  N N 361 
THR H2   H  N N 362 
THR HA   H  N N 363 
THR HB   H  N N 364 
THR HG1  H  N N 365 
THR HG21 H  N N 366 
THR HG22 H  N N 367 
THR HG23 H  N N 368 
THR HXT  H  N N 369 
TRP N    N  N N 370 
TRP CA   C  N S 371 
TRP C    C  N N 372 
TRP O    O  N N 373 
TRP CB   C  N N 374 
TRP CG   C  Y N 375 
TRP CD1  C  Y N 376 
TRP CD2  C  Y N 377 
TRP NE1  N  Y N 378 
TRP CE2  C  Y N 379 
TRP CE3  C  Y N 380 
TRP CZ2  C  Y N 381 
TRP CZ3  C  Y N 382 
TRP CH2  C  Y N 383 
TRP OXT  O  N N 384 
TRP H    H  N N 385 
TRP H2   H  N N 386 
TRP HA   H  N N 387 
TRP HB2  H  N N 388 
TRP HB3  H  N N 389 
TRP HD1  H  N N 390 
TRP HE1  H  N N 391 
TRP HE3  H  N N 392 
TRP HZ2  H  N N 393 
TRP HZ3  H  N N 394 
TRP HH2  H  N N 395 
TRP HXT  H  N N 396 
TYR N    N  N N 397 
TYR CA   C  N S 398 
TYR C    C  N N 399 
TYR O    O  N N 400 
TYR CB   C  N N 401 
TYR CG   C  Y N 402 
TYR CD1  C  Y N 403 
TYR CD2  C  Y N 404 
TYR CE1  C  Y N 405 
TYR CE2  C  Y N 406 
TYR CZ   C  Y N 407 
TYR OH   O  N N 408 
TYR OXT  O  N N 409 
TYR H    H  N N 410 
TYR H2   H  N N 411 
TYR HA   H  N N 412 
TYR HB2  H  N N 413 
TYR HB3  H  N N 414 
TYR HD1  H  N N 415 
TYR HD2  H  N N 416 
TYR HE1  H  N N 417 
TYR HE2  H  N N 418 
TYR HH   H  N N 419 
TYR HXT  H  N N 420 
VAL N    N  N N 421 
VAL CA   C  N S 422 
VAL C    C  N N 423 
VAL O    O  N N 424 
VAL CB   C  N N 425 
VAL CG1  C  N N 426 
VAL CG2  C  N N 427 
VAL OXT  O  N N 428 
VAL H    H  N N 429 
VAL H2   H  N N 430 
VAL HA   H  N N 431 
VAL HB   H  N N 432 
VAL HG11 H  N N 433 
VAL HG12 H  N N 434 
VAL HG13 H  N N 435 
VAL HG21 H  N N 436 
VAL HG22 H  N N 437 
VAL HG23 H  N N 438 
VAL HXT  H  N N 439 
ZN  ZN   ZN N N 440 
# 
loop_
_chem_comp_bond.comp_id 
_chem_comp_bond.atom_id_1 
_chem_comp_bond.atom_id_2 
_chem_comp_bond.value_order 
_chem_comp_bond.pdbx_aromatic_flag 
_chem_comp_bond.pdbx_stereo_config 
_chem_comp_bond.pdbx_ordinal 
ALA N   CA   sing N N 1   
ALA N   H    sing N N 2   
ALA N   H2   sing N N 3   
ALA CA  C    sing N N 4   
ALA CA  CB   sing N N 5   
ALA CA  HA   sing N N 6   
ALA C   O    doub N N 7   
ALA C   OXT  sing N N 8   
ALA CB  HB1  sing N N 9   
ALA CB  HB2  sing N N 10  
ALA CB  HB3  sing N N 11  
ALA OXT HXT  sing N N 12  
ARG N   CA   sing N N 13  
ARG N   H    sing N N 14  
ARG N   H2   sing N N 15  
ARG CA  C    sing N N 16  
ARG CA  CB   sing N N 17  
ARG CA  HA   sing N N 18  
ARG C   O    doub N N 19  
ARG C   OXT  sing N N 20  
ARG CB  CG   sing N N 21  
ARG CB  HB2  sing N N 22  
ARG CB  HB3  sing N N 23  
ARG CG  CD   sing N N 24  
ARG CG  HG2  sing N N 25  
ARG CG  HG3  sing N N 26  
ARG CD  NE   sing N N 27  
ARG CD  HD2  sing N N 28  
ARG CD  HD3  sing N N 29  
ARG NE  CZ   sing N N 30  
ARG NE  HE   sing N N 31  
ARG CZ  NH1  sing N N 32  
ARG CZ  NH2  doub N N 33  
ARG NH1 HH11 sing N N 34  
ARG NH1 HH12 sing N N 35  
ARG NH2 HH21 sing N N 36  
ARG NH2 HH22 sing N N 37  
ARG OXT HXT  sing N N 38  
ASN N   CA   sing N N 39  
ASN N   H    sing N N 40  
ASN N   H2   sing N N 41  
ASN CA  C    sing N N 42  
ASN CA  CB   sing N N 43  
ASN CA  HA   sing N N 44  
ASN C   O    doub N N 45  
ASN C   OXT  sing N N 46  
ASN CB  CG   sing N N 47  
ASN CB  HB2  sing N N 48  
ASN CB  HB3  sing N N 49  
ASN CG  OD1  doub N N 50  
ASN CG  ND2  sing N N 51  
ASN ND2 HD21 sing N N 52  
ASN ND2 HD22 sing N N 53  
ASN OXT HXT  sing N N 54  
ASP N   CA   sing N N 55  
ASP N   H    sing N N 56  
ASP N   H2   sing N N 57  
ASP CA  C    sing N N 58  
ASP CA  CB   sing N N 59  
ASP CA  HA   sing N N 60  
ASP C   O    doub N N 61  
ASP C   OXT  sing N N 62  
ASP CB  CG   sing N N 63  
ASP CB  HB2  sing N N 64  
ASP CB  HB3  sing N N 65  
ASP CG  OD1  doub N N 66  
ASP CG  OD2  sing N N 67  
ASP OD2 HD2  sing N N 68  
ASP OXT HXT  sing N N 69  
CYS N   CA   sing N N 70  
CYS N   H    sing N N 71  
CYS N   H2   sing N N 72  
CYS CA  C    sing N N 73  
CYS CA  CB   sing N N 74  
CYS CA  HA   sing N N 75  
CYS C   O    doub N N 76  
CYS C   OXT  sing N N 77  
CYS CB  SG   sing N N 78  
CYS CB  HB2  sing N N 79  
CYS CB  HB3  sing N N 80  
CYS SG  HG   sing N N 81  
CYS OXT HXT  sing N N 82  
DMS S   O    doub N N 83  
DMS S   C1   sing N N 84  
DMS S   C2   sing N N 85  
DMS C1  H11  sing N N 86  
DMS C1  H12  sing N N 87  
DMS C1  H13  sing N N 88  
DMS C2  H21  sing N N 89  
DMS C2  H22  sing N N 90  
DMS C2  H23  sing N N 91  
GLN N   CA   sing N N 92  
GLN N   H    sing N N 93  
GLN N   H2   sing N N 94  
GLN CA  C    sing N N 95  
GLN CA  CB   sing N N 96  
GLN CA  HA   sing N N 97  
GLN C   O    doub N N 98  
GLN C   OXT  sing N N 99  
GLN CB  CG   sing N N 100 
GLN CB  HB2  sing N N 101 
GLN CB  HB3  sing N N 102 
GLN CG  CD   sing N N 103 
GLN CG  HG2  sing N N 104 
GLN CG  HG3  sing N N 105 
GLN CD  OE1  doub N N 106 
GLN CD  NE2  sing N N 107 
GLN NE2 HE21 sing N N 108 
GLN NE2 HE22 sing N N 109 
GLN OXT HXT  sing N N 110 
GLU N   CA   sing N N 111 
GLU N   H    sing N N 112 
GLU N   H2   sing N N 113 
GLU CA  C    sing N N 114 
GLU CA  CB   sing N N 115 
GLU CA  HA   sing N N 116 
GLU C   O    doub N N 117 
GLU C   OXT  sing N N 118 
GLU CB  CG   sing N N 119 
GLU CB  HB2  sing N N 120 
GLU CB  HB3  sing N N 121 
GLU CG  CD   sing N N 122 
GLU CG  HG2  sing N N 123 
GLU CG  HG3  sing N N 124 
GLU CD  OE1  doub N N 125 
GLU CD  OE2  sing N N 126 
GLU OE2 HE2  sing N N 127 
GLU OXT HXT  sing N N 128 
GLY N   CA   sing N N 129 
GLY N   H    sing N N 130 
GLY N   H2   sing N N 131 
GLY CA  C    sing N N 132 
GLY CA  HA2  sing N N 133 
GLY CA  HA3  sing N N 134 
GLY C   O    doub N N 135 
GLY C   OXT  sing N N 136 
GLY OXT HXT  sing N N 137 
HIS N   CA   sing N N 138 
HIS N   H    sing N N 139 
HIS N   H2   sing N N 140 
HIS CA  C    sing N N 141 
HIS CA  CB   sing N N 142 
HIS CA  HA   sing N N 143 
HIS C   O    doub N N 144 
HIS C   OXT  sing N N 145 
HIS CB  CG   sing N N 146 
HIS CB  HB2  sing N N 147 
HIS CB  HB3  sing N N 148 
HIS CG  ND1  sing Y N 149 
HIS CG  CD2  doub Y N 150 
HIS ND1 CE1  doub Y N 151 
HIS ND1 HD1  sing N N 152 
HIS CD2 NE2  sing Y N 153 
HIS CD2 HD2  sing N N 154 
HIS CE1 NE2  sing Y N 155 
HIS CE1 HE1  sing N N 156 
HIS NE2 HE2  sing N N 157 
HIS OXT HXT  sing N N 158 
HOH O   H1   sing N N 159 
HOH O   H2   sing N N 160 
ILE N   CA   sing N N 161 
ILE N   H    sing N N 162 
ILE N   H2   sing N N 163 
ILE CA  C    sing N N 164 
ILE CA  CB   sing N N 165 
ILE CA  HA   sing N N 166 
ILE C   O    doub N N 167 
ILE C   OXT  sing N N 168 
ILE CB  CG1  sing N N 169 
ILE CB  CG2  sing N N 170 
ILE CB  HB   sing N N 171 
ILE CG1 CD1  sing N N 172 
ILE CG1 HG12 sing N N 173 
ILE CG1 HG13 sing N N 174 
ILE CG2 HG21 sing N N 175 
ILE CG2 HG22 sing N N 176 
ILE CG2 HG23 sing N N 177 
ILE CD1 HD11 sing N N 178 
ILE CD1 HD12 sing N N 179 
ILE CD1 HD13 sing N N 180 
ILE OXT HXT  sing N N 181 
LEU N   CA   sing N N 182 
LEU N   H    sing N N 183 
LEU N   H2   sing N N 184 
LEU CA  C    sing N N 185 
LEU CA  CB   sing N N 186 
LEU CA  HA   sing N N 187 
LEU C   O    doub N N 188 
LEU C   OXT  sing N N 189 
LEU CB  CG   sing N N 190 
LEU CB  HB2  sing N N 191 
LEU CB  HB3  sing N N 192 
LEU CG  CD1  sing N N 193 
LEU CG  CD2  sing N N 194 
LEU CG  HG   sing N N 195 
LEU CD1 HD11 sing N N 196 
LEU CD1 HD12 sing N N 197 
LEU CD1 HD13 sing N N 198 
LEU CD2 HD21 sing N N 199 
LEU CD2 HD22 sing N N 200 
LEU CD2 HD23 sing N N 201 
LEU OXT HXT  sing N N 202 
LYS N   CA   sing N N 203 
LYS N   H    sing N N 204 
LYS N   H2   sing N N 205 
LYS CA  C    sing N N 206 
LYS CA  CB   sing N N 207 
LYS CA  HA   sing N N 208 
LYS C   O    doub N N 209 
LYS C   OXT  sing N N 210 
LYS CB  CG   sing N N 211 
LYS CB  HB2  sing N N 212 
LYS CB  HB3  sing N N 213 
LYS CG  CD   sing N N 214 
LYS CG  HG2  sing N N 215 
LYS CG  HG3  sing N N 216 
LYS CD  CE   sing N N 217 
LYS CD  HD2  sing N N 218 
LYS CD  HD3  sing N N 219 
LYS CE  NZ   sing N N 220 
LYS CE  HE2  sing N N 221 
LYS CE  HE3  sing N N 222 
LYS NZ  HZ1  sing N N 223 
LYS NZ  HZ2  sing N N 224 
LYS NZ  HZ3  sing N N 225 
LYS OXT HXT  sing N N 226 
MET N   CA   sing N N 227 
MET N   H    sing N N 228 
MET N   H2   sing N N 229 
MET CA  C    sing N N 230 
MET CA  CB   sing N N 231 
MET CA  HA   sing N N 232 
MET C   O    doub N N 233 
MET C   OXT  sing N N 234 
MET CB  CG   sing N N 235 
MET CB  HB2  sing N N 236 
MET CB  HB3  sing N N 237 
MET CG  SD   sing N N 238 
MET CG  HG2  sing N N 239 
MET CG  HG3  sing N N 240 
MET SD  CE   sing N N 241 
MET CE  HE1  sing N N 242 
MET CE  HE2  sing N N 243 
MET CE  HE3  sing N N 244 
MET OXT HXT  sing N N 245 
PHE N   CA   sing N N 246 
PHE N   H    sing N N 247 
PHE N   H2   sing N N 248 
PHE CA  C    sing N N 249 
PHE CA  CB   sing N N 250 
PHE CA  HA   sing N N 251 
PHE C   O    doub N N 252 
PHE C   OXT  sing N N 253 
PHE CB  CG   sing N N 254 
PHE CB  HB2  sing N N 255 
PHE CB  HB3  sing N N 256 
PHE CG  CD1  doub Y N 257 
PHE CG  CD2  sing Y N 258 
PHE CD1 CE1  sing Y N 259 
PHE CD1 HD1  sing N N 260 
PHE CD2 CE2  doub Y N 261 
PHE CD2 HD2  sing N N 262 
PHE CE1 CZ   doub Y N 263 
PHE CE1 HE1  sing N N 264 
PHE CE2 CZ   sing Y N 265 
PHE CE2 HE2  sing N N 266 
PHE CZ  HZ   sing N N 267 
PHE OXT HXT  sing N N 268 
PRO N   CA   sing N N 269 
PRO N   CD   sing N N 270 
PRO N   H    sing N N 271 
PRO CA  C    sing N N 272 
PRO CA  CB   sing N N 273 
PRO CA  HA   sing N N 274 
PRO C   O    doub N N 275 
PRO C   OXT  sing N N 276 
PRO CB  CG   sing N N 277 
PRO CB  HB2  sing N N 278 
PRO CB  HB3  sing N N 279 
PRO CG  CD   sing N N 280 
PRO CG  HG2  sing N N 281 
PRO CG  HG3  sing N N 282 
PRO CD  HD2  sing N N 283 
PRO CD  HD3  sing N N 284 
PRO OXT HXT  sing N N 285 
SER N   CA   sing N N 286 
SER N   H    sing N N 287 
SER N   H2   sing N N 288 
SER CA  C    sing N N 289 
SER CA  CB   sing N N 290 
SER CA  HA   sing N N 291 
SER C   O    doub N N 292 
SER C   OXT  sing N N 293 
SER CB  OG   sing N N 294 
SER CB  HB2  sing N N 295 
SER CB  HB3  sing N N 296 
SER OG  HG   sing N N 297 
SER OXT HXT  sing N N 298 
SO4 S   O1   doub N N 299 
SO4 S   O2   doub N N 300 
SO4 S   O3   sing N N 301 
SO4 S   O4   sing N N 302 
ST0 O2  C8   sing N N 303 
ST0 O2  C7   sing N N 304 
ST0 C8  C9   sing N N 305 
ST0 C7  C6   sing N N 306 
ST0 C9  C5   sing N N 307 
ST0 C6  C5   sing N N 308 
ST0 C5  S    sing N N 309 
ST0 S   O1   doub N N 310 
ST0 S   O    doub N N 311 
ST0 S   N    sing N N 312 
ST0 C   C1   sing N N 313 
ST0 C   N    sing N N 314 
ST0 C   C4   sing N N 315 
ST0 C1  C2   sing N N 316 
ST0 C2  C3   sing N N 317 
ST0 C3  C4   sing N N 318 
ST0 C4  H1   sing N N 319 
ST0 C4  H2   sing N N 320 
ST0 C5  H3   sing N N 321 
ST0 C6  H4   sing N N 322 
ST0 C6  H5   sing N N 323 
ST0 C7  H6   sing N N 324 
ST0 C7  H7   sing N N 325 
ST0 C8  H8   sing N N 326 
ST0 C8  H9   sing N N 327 
ST0 N   H10  sing N N 328 
ST0 C   H11  sing N N 329 
ST0 C1  H12  sing N N 330 
ST0 C1  H13  sing N N 331 
ST0 C2  H14  sing N N 332 
ST0 C2  H15  sing N N 333 
ST0 C3  H16  sing N N 334 
ST0 C3  H17  sing N N 335 
ST0 C9  H18  sing N N 336 
ST0 C9  H19  sing N N 337 
THR N   CA   sing N N 338 
THR N   H    sing N N 339 
THR N   H2   sing N N 340 
THR CA  C    sing N N 341 
THR CA  CB   sing N N 342 
THR CA  HA   sing N N 343 
THR C   O    doub N N 344 
THR C   OXT  sing N N 345 
THR CB  OG1  sing N N 346 
THR CB  CG2  sing N N 347 
THR CB  HB   sing N N 348 
THR OG1 HG1  sing N N 349 
THR CG2 HG21 sing N N 350 
THR CG2 HG22 sing N N 351 
THR CG2 HG23 sing N N 352 
THR OXT HXT  sing N N 353 
TRP N   CA   sing N N 354 
TRP N   H    sing N N 355 
TRP N   H2   sing N N 356 
TRP CA  C    sing N N 357 
TRP CA  CB   sing N N 358 
TRP CA  HA   sing N N 359 
TRP C   O    doub N N 360 
TRP C   OXT  sing N N 361 
TRP CB  CG   sing N N 362 
TRP CB  HB2  sing N N 363 
TRP CB  HB3  sing N N 364 
TRP CG  CD1  doub Y N 365 
TRP CG  CD2  sing Y N 366 
TRP CD1 NE1  sing Y N 367 
TRP CD1 HD1  sing N N 368 
TRP CD2 CE2  doub Y N 369 
TRP CD2 CE3  sing Y N 370 
TRP NE1 CE2  sing Y N 371 
TRP NE1 HE1  sing N N 372 
TRP CE2 CZ2  sing Y N 373 
TRP CE3 CZ3  doub Y N 374 
TRP CE3 HE3  sing N N 375 
TRP CZ2 CH2  doub Y N 376 
TRP CZ2 HZ2  sing N N 377 
TRP CZ3 CH2  sing Y N 378 
TRP CZ3 HZ3  sing N N 379 
TRP CH2 HH2  sing N N 380 
TRP OXT HXT  sing N N 381 
TYR N   CA   sing N N 382 
TYR N   H    sing N N 383 
TYR N   H2   sing N N 384 
TYR CA  C    sing N N 385 
TYR CA  CB   sing N N 386 
TYR CA  HA   sing N N 387 
TYR C   O    doub N N 388 
TYR C   OXT  sing N N 389 
TYR CB  CG   sing N N 390 
TYR CB  HB2  sing N N 391 
TYR CB  HB3  sing N N 392 
TYR CG  CD1  doub Y N 393 
TYR CG  CD2  sing Y N 394 
TYR CD1 CE1  sing Y N 395 
TYR CD1 HD1  sing N N 396 
TYR CD2 CE2  doub Y N 397 
TYR CD2 HD2  sing N N 398 
TYR CE1 CZ   doub Y N 399 
TYR CE1 HE1  sing N N 400 
TYR CE2 CZ   sing Y N 401 
TYR CE2 HE2  sing N N 402 
TYR CZ  OH   sing N N 403 
TYR OH  HH   sing N N 404 
TYR OXT HXT  sing N N 405 
VAL N   CA   sing N N 406 
VAL N   H    sing N N 407 
VAL N   H2   sing N N 408 
VAL CA  C    sing N N 409 
VAL CA  CB   sing N N 410 
VAL CA  HA   sing N N 411 
VAL C   O    doub N N 412 
VAL C   OXT  sing N N 413 
VAL CB  CG1  sing N N 414 
VAL CB  CG2  sing N N 415 
VAL CB  HB   sing N N 416 
VAL CG1 HG11 sing N N 417 
VAL CG1 HG12 sing N N 418 
VAL CG1 HG13 sing N N 419 
VAL CG2 HG21 sing N N 420 
VAL CG2 HG22 sing N N 421 
VAL CG2 HG23 sing N N 422 
VAL OXT HXT  sing N N 423 
# 
_pdbx_audit_support.funding_organization   
'National Institutes of Health/National Institute Of Allergy and Infectious Diseases (NIH/NIAID)' 
_pdbx_audit_support.country                'United States' 
_pdbx_audit_support.grant_number           U19AI171399 
_pdbx_audit_support.ordinal                1 
# 
_pdbx_deposit_group.group_id            G_1002288 
_pdbx_deposit_group.group_description   'Crystallographic fragment screening of Coxsackievirus A16 (G-10) 2A protease' 
_pdbx_deposit_group.group_title         
'Group deposition for crystallographic fragment screening of Coxsackievirus A16 (G-10) 2A protease' 
_pdbx_deposit_group.group_type          'changed state' 
# 
_atom_sites.entry_id                    7H3R 
_atom_sites.fract_transf_matrix[1][1]   -0.00081037 
_atom_sites.fract_transf_matrix[1][2]   -0.01134814 
_atom_sites.fract_transf_matrix[1][3]   -0.00251572 
_atom_sites.fract_transf_matrix[2][1]   -0.00190978 
_atom_sites.fract_transf_matrix[2][2]   0.00392594 
_atom_sites.fract_transf_matrix[2][3]   -0.01709430 
_atom_sites.fract_transf_matrix[3][1]   0.03042478 
_atom_sites.fract_transf_matrix[3][2]   -0.00409307 
_atom_sites.fract_transf_matrix[3][3]   -0.00433909 
_atom_sites.fract_transf_vector[1]      0.185003 
_atom_sites.fract_transf_vector[2]      0.125555 
_atom_sites.fract_transf_vector[3]      0.445404 
# 
loop_
_atom_type.symbol 
C  
N  
O  
S  
ZN 
# 
loop_
_atom_site.group_PDB 
_atom_site.id 
_atom_site.type_symbol 
_atom_site.label_atom_id 
_atom_site.label_alt_id 
_atom_site.label_comp_id 
_atom_site.label_asym_id 
_atom_site.label_entity_id 
_atom_site.label_seq_id 
_atom_site.pdbx_PDB_ins_code 
_atom_site.Cartn_x 
_atom_site.Cartn_y 
_atom_site.Cartn_z 
_atom_site.occupancy 
_atom_site.B_iso_or_equiv 
_atom_site.pdbx_formal_charge 
_atom_site.auth_seq_id 
_atom_site.auth_comp_id 
_atom_site.auth_asym_id 
_atom_site.auth_atom_id 
_atom_site.pdbx_PDB_model_num 
ATOM   1    N  N   . SER A 1 7   ? 9.556   -4.872  -1.694  1.00 17.68 ? 7   SER A N   1 
ATOM   2    C  CA  . SER A 1 7   ? 8.532   -5.878  -1.924  1.00 17.42 ? 7   SER A CA  1 
ATOM   3    C  C   . SER A 1 7   ? 7.658   -6.031  -0.683  1.00 16.76 ? 7   SER A C   1 
ATOM   4    O  O   . SER A 1 7   ? 8.021   -5.613  0.420   1.00 17.87 ? 7   SER A O   1 
ATOM   5    C  CB  . SER A 1 7   ? 9.160   -7.202  -2.303  1.00 19.68 ? 7   SER A CB  1 
ATOM   6    O  OG  . SER A 1 7   ? 10.067  -7.546  -1.295  1.00 24.48 ? 7   SER A OG  1 
ATOM   7    N  N   . GLY A 1 8   ? 6.522   -6.641  -0.864  1.00 15.32 ? 8   GLY A N   1 
ATOM   8    C  CA  . GLY A 1 8   ? 5.631   -7.015  0.229   1.00 15.06 ? 8   GLY A CA  1 
ATOM   9    C  C   . GLY A 1 8   ? 4.196   -7.036  -0.207  1.00 13.99 ? 8   GLY A C   1 
ATOM   10   O  O   . GLY A 1 8   ? 3.827   -6.368  -1.174  1.00 15.91 ? 8   GLY A O   1 
ATOM   11   N  N   . ALA A 1 9   ? 3.354   -7.771  0.503   1.00 13.42 ? 9   ALA A N   1 
ATOM   12   C  CA  . ALA A 1 9   ? 1.936   -7.891  0.205   1.00 13.23 ? 9   ALA A CA  1 
ATOM   13   C  C   . ALA A 1 9   ? 1.130   -7.889  1.488   1.00 12.62 ? 9   ALA A C   1 
ATOM   14   O  O   . ALA A 1 9   ? 1.673   -8.145  2.571   1.00 14.55 ? 9   ALA A O   1 
ATOM   15   C  CB  . ALA A 1 9   ? 1.672   -9.172  -0.546  1.00 14.28 ? 9   ALA A CB  1 
ATOM   16   N  N   . ILE A 1 10  ? -0.144  -7.691  1.318   1.00 12.56 ? 10  ILE A N   1 
ATOM   17   C  CA  . ILE A 1 10  ? -1.158  -7.921  2.373   1.00 14.23 ? 10  ILE A CA  1 
ATOM   18   C  C   . ILE A 1 10  ? -1.868  -9.207  2.009   1.00 15.94 ? 10  ILE A C   1 
ATOM   19   O  O   . ILE A 1 10  ? -2.326  -9.337  0.854   1.00 16.09 ? 10  ILE A O   1 
ATOM   20   C  CB  . ILE A 1 10  ? -2.171  -6.770  2.496   1.00 13.15 ? 10  ILE A CB  1 
ATOM   21   C  CG1 . ILE A 1 10  ? -1.497  -5.407  2.582   1.00 13.64 ? 10  ILE A CG1 1 
ATOM   22   C  CG2 . ILE A 1 10  ? -3.061  -7.014  3.700   1.00 15.06 ? 10  ILE A CG2 1 
ATOM   23   C  CD1 . ILE A 1 10  ? -2.417  -4.243  2.375   1.00 13.47 ? 10  ILE A CD1 1 
ATOM   24   N  N   . TYR A 1 11  ? -2.102  -10.062 3.001   1.00 17.54 ? 11  TYR A N   1 
ATOM   25   C  CA  . TYR A 1 11  ? -2.827  -11.338 2.797   1.00 18.80 ? 11  TYR A CA  1 
ATOM   26   C  C   . TYR A 1 11  ? -4.060  -11.327 3.690   1.00 17.26 ? 11  TYR A C   1 
ATOM   27   O  O   . TYR A 1 11  ? -3.838  -11.541 4.942   1.00 21.81 ? 11  TYR A O   1 
ATOM   28   C  CB  . TYR A 1 11  ? -1.922  -12.522 3.127   1.00 19.45 ? 11  TYR A CB  1 
ATOM   29   C  CG  . TYR A 1 11  ? -0.778  -12.613 2.152   1.00 18.68 ? 11  TYR A CG  1 
ATOM   30   C  CD1 . TYR A 1 11  ? -0.956  -13.200 0.907   1.00 20.01 ? 11  TYR A CD1 1 
ATOM   31   C  CD2 . TYR A 1 11  ? 0.468   -12.128 2.449   1.00 19.59 ? 11  TYR A CD2 1 
ATOM   32   C  CE1 . TYR A 1 11  ? 0.076   -13.267 -0.007  1.00 17.70 ? 11  TYR A CE1 1 
ATOM   33   C  CE2 . TYR A 1 11  ? 1.521   -12.176 1.538   1.00 20.65 ? 11  TYR A CE2 1 
ATOM   34   C  CZ  . TYR A 1 11  ? 1.317   -12.754 0.291   1.00 19.70 ? 11  TYR A CZ  1 
ATOM   35   O  OH  . TYR A 1 11  ? 2.329   -12.847 -0.622  1.00 19.53 ? 11  TYR A OH  1 
ATOM   36   N  N   . VAL A 1 12  ? -5.205  -11.028 3.126   1.00 17.04 ? 12  VAL A N   1 
ATOM   37   C  CA  . VAL A 1 12  ? -6.494  -10.923 3.869   1.00 19.16 ? 12  VAL A CA  1 
ATOM   38   C  C   . VAL A 1 12  ? -7.477  -11.888 3.208   1.00 19.78 ? 12  VAL A C   1 
ATOM   39   O  O   . VAL A 1 12  ? -7.771  -11.793 2.000   1.00 20.54 ? 12  VAL A O   1 
ATOM   40   C  CB  . VAL A 1 12  ? -7.006  -9.470  3.965   1.00 19.25 ? 12  VAL A CB  1 
ATOM   41   C  CG1 . VAL A 1 12  ? -7.114  -8.759  2.638   1.00 18.82 ? 12  VAL A CG1 1 
ATOM   42   C  CG2 . VAL A 1 12  ? -8.338  -9.456  4.700   1.00 19.90 ? 12  VAL A CG2 1 
ATOM   43   N  N   . GLY A 1 13  ? -8.057  -12.786 4.012   1.00 23.46 ? 13  GLY A N   1 
ATOM   44   C  CA  . GLY A 1 13  ? -8.892  -13.851 3.453   1.00 23.48 ? 13  GLY A CA  1 
ATOM   45   C  C   . GLY A 1 13  ? -8.148  -14.587 2.325   1.00 19.16 ? 13  GLY A C   1 
ATOM   46   O  O   . GLY A 1 13  ? -7.000  -14.991 2.582   1.00 22.97 ? 13  GLY A O   1 
ATOM   47   N  N   . ASN A 1 14  ? -8.821  -14.663 1.181   1.00 25.11 ? 14  ASN A N   1 
ATOM   48   C  CA  . ASN A 1 14  ? -8.320  -15.305 -0.064  1.00 24.76 ? 14  ASN A CA  1 
ATOM   49   C  C   . ASN A 1 14  ? -7.981  -14.213 -1.095  1.00 25.68 ? 14  ASN A C   1 
ATOM   50   O  O   . ASN A 1 14  ? -8.183  -14.386 -2.342  1.00 23.02 ? 14  ASN A O   1 
ATOM   51   C  CB  . ASN A 1 14  ? -9.274  -16.416 -0.520  1.00 29.27 ? 14  ASN A CB  1 
ATOM   52   C  CG  . ASN A 1 14  ? -9.198  -17.631 0.402   1.00 31.89 ? 14  ASN A CG  1 
ATOM   53   O  OD1 . ASN A 1 14  ? -8.399  -18.545 0.209   1.00 34.05 ? 14  ASN A OD1 1 
ATOM   54   N  ND2 . ASN A 1 14  ? -9.955  -17.612 1.483   1.00 28.85 ? 14  ASN A ND2 1 
ATOM   55   N  N   . TYR A 1 15  ? -7.462  -13.088 -0.586  1.00 22.16 ? 15  TYR A N   1 
ATOM   56   C  CA  . TYR A 1 15  ? -6.908  -11.997 -1.412  1.00 19.06 ? 15  TYR A CA  1 
ATOM   57   C  C   . TYR A 1 15  ? -5.445  -11.781 -1.058  1.00 17.65 ? 15  TYR A C   1 
ATOM   58   O  O   . TYR A 1 15  ? -4.949  -11.881 0.075   1.00 17.71 ? 15  TYR A O   1 
ATOM   59   C  CB  . TYR A 1 15  ? -7.718  -10.715 -1.218  1.00 19.51 ? 15  TYR A CB  1 
ATOM   60   C  CG  . TYR A 1 15  ? -9.171  -10.813 -1.584  1.00 20.57 ? 15  TYR A CG  1 
ATOM   61   C  CD1 . TYR A 1 15  ? -9.572  -11.195 -2.852  1.00 23.14 ? 15  TYR A CD1 1 
ATOM   62   C  CD2 . TYR A 1 15  ? -10.167 -10.553 -0.650  1.00 22.65 ? 15  TYR A CD2 1 
ATOM   63   C  CE1 . TYR A 1 15  ? -10.904 -11.255 -3.215  1.00 25.09 ? 15  TYR A CE1 1 
ATOM   64   C  CE2 . TYR A 1 15  ? -11.504 -10.616 -0.994  1.00 23.85 ? 15  TYR A CE2 1 
ATOM   65   C  CZ  . TYR A 1 15  ? -11.881 -10.983 -2.276  1.00 26.37 ? 15  TYR A CZ  1 
ATOM   66   O  OH  . TYR A 1 15  ? -13.196 -11.054 -2.639  1.00 29.60 ? 15  TYR A OH  1 
ATOM   67   N  N   . ARG A 1 16  ? -4.687  -11.391 -2.094  1.00 16.48 ? 16  ARG A N   1 
ATOM   68   C  CA  . ARG A 1 16  ? -3.295  -10.937 -1.982  1.00 15.24 ? 16  ARG A CA  1 
ATOM   69   C  C   . ARG A 1 16  ? -3.276  -9.537  -2.562  1.00 15.47 ? 16  ARG A C   1 
ATOM   70   O  O   . ARG A 1 16  ? -3.693  -9.351  -3.736  1.00 14.81 ? 16  ARG A O   1 
ATOM   71   C  CB  . ARG A 1 16  ? -2.350  -11.836 -2.779  1.00 15.98 ? 16  ARG A CB  1 
ATOM   72   C  CG  . ARG A 1 16  ? -0.972  -11.264 -3.044  1.00 16.54 ? 16  ARG A CG  1 
ATOM   73   C  CD  . ARG A 1 16  ? -0.048  -12.305 -3.680  1.00 17.10 ? 16  ARG A CD  1 
ATOM   74   N  NE  . ARG A 1 16  ? 0.890   -11.786 -4.662  1.00 16.01 ? 16  ARG A NE  1 
ATOM   75   C  CZ  . ARG A 1 16  ? 2.108   -11.385 -4.450  1.00 15.60 ? 16  ARG A CZ  1 
ATOM   76   N  NH1 . ARG A 1 16  ? 2.651   -11.366 -3.243  1.00 18.07 ? 16  ARG A NH1 1 
ATOM   77   N  NH2 . ARG A 1 16  ? 2.811   -10.916 -5.442  1.00 16.61 ? 16  ARG A NH2 1 
ATOM   78   N  N   . VAL A 1 17  ? -2.867  -8.556  -1.761  1.00 12.99 ? 17  VAL A N   1 
ATOM   79   C  CA  . VAL A 1 17  ? -2.830  -7.131  -2.170  1.00 12.33 ? 17  VAL A CA  1 
ATOM   80   C  C   . VAL A 1 17  ? -1.375  -6.730  -2.345  1.00 11.93 ? 17  VAL A C   1 
ATOM   81   O  O   . VAL A 1 17  ? -0.590  -6.833  -1.425  1.00 12.58 ? 17  VAL A O   1 
ATOM   82   C  CB  . VAL A 1 17  ? -3.497  -6.223  -1.112  1.00 11.97 ? 17  VAL A CB  1 
ATOM   83   C  CG1 . VAL A 1 17  ? -3.543  -4.820  -1.693  1.00 13.39 ? 17  VAL A CG1 1 
ATOM   84   C  CG2 . VAL A 1 17  ? -4.874  -6.737  -0.699  1.00 13.44 ? 17  VAL A CG2 1 
ATOM   85   N  N   . VAL A 1 18  ? -1.038  -6.266  -3.538  1.00 11.08 ? 18  VAL A N   1 
ATOM   86   C  CA  . VAL A 1 18  ? 0.333   -5.901  -3.889  1.00 11.73 ? 18  VAL A CA  1 
ATOM   87   C  C   . VAL A 1 18  ? 0.341   -4.569  -4.607  1.00 11.17 ? 18  VAL A C   1 
ATOM   88   O  O   . VAL A 1 18  ? -0.674  -4.123  -5.121  1.00 11.97 ? 18  VAL A O   1 
ATOM   89   C  CB  . VAL A 1 18  ? 1.022   -6.952  -4.768  1.00 12.73 ? 18  VAL A CB  1 
ATOM   90   C  CG1 . VAL A 1 18  ? 1.308   -8.181  -3.956  1.00 15.75 ? 18  VAL A CG1 1 
ATOM   91   C  CG2 . VAL A 1 18  ? 0.272   -7.246  -6.062  1.00 13.04 ? 18  VAL A CG2 1 
ATOM   92   N  N   . ASN A 1 19  ? 1.508   -3.968  -4.651  1.00 10.95 ? 19  ASN A N   1 
ATOM   93   C  CA  . ASN A 1 19  ? 1.673   -2.823  -5.548  1.00 11.07 ? 19  ASN A CA  1 
ATOM   94   C  C   . ASN A 1 19  ? 1.440   -3.290  -6.979  1.00 11.29 ? 19  ASN A C   1 
ATOM   95   O  O   . ASN A 1 19  ? 2.057   -4.299  -7.400  1.00 12.01 ? 19  ASN A O   1 
ATOM   96   C  CB  . ASN A 1 19  ? 3.079   -2.235  -5.456  1.00 11.32 ? 19  ASN A CB  1 
ATOM   97   C  CG  . ASN A 1 19  ? 3.417   -1.724  -4.076  1.00 11.83 ? 19  ASN A CG  1 
ATOM   98   O  OD1 . ASN A 1 19  ? 3.999   -2.416  -3.265  1.00 12.07 ? 19  ASN A OD1 1 
ATOM   99   N  ND2 . ASN A 1 19  ? 3.099   -0.471  -3.813  1.00 12.48 ? 19  ASN A ND2 1 
ATOM   100  N  N   . ARG A 1 20  ? 0.612   -2.576  -7.718  1.00 11.19 ? 20  ARG A N   1 
ATOM   101  C  CA  . ARG A 1 20  ? 0.341   -2.984  -9.130  1.00 11.78 ? 20  ARG A CA  1 
ATOM   102  C  C   . ARG A 1 20  ? 1.645   -3.124  -9.901  1.00 12.76 ? 20  ARG A C   1 
ATOM   103  O  O   . ARG A 1 20  ? 1.788   -4.094  -10.702 1.00 12.35 ? 20  ARG A O   1 
ATOM   104  C  CB  . ARG A 1 20  ? -0.590  -1.982  -9.795  1.00 12.50 ? 20  ARG A CB  1 
ATOM   105  C  CG  . ARG A 1 20  ? -1.150  -2.455  -11.130 1.00 13.15 ? 20  ARG A CG  1 
ATOM   106  C  CD  . ARG A 1 20  ? -1.972  -1.350  -11.710 1.00 13.50 ? 20  ARG A CD  1 
ATOM   107  N  NE  . ARG A 1 20  ? -2.576  -1.660  -13.024 1.00 15.39 ? 20  ARG A NE  1 
ATOM   108  C  CZ  . ARG A 1 20  ? -2.003  -1.512  -14.179 1.00 16.35 ? 20  ARG A CZ  1 
ATOM   109  N  NH1 . ARG A 1 20  ? -0.742  -1.207  -14.289 1.00 18.01 ? 20  ARG A NH1 1 
ATOM   110  N  NH2 . ARG A 1 20  ? -2.711  -1.746  -15.292 1.00 17.66 ? 20  ARG A NH2 1 
ATOM   111  N  N   . HIS A 1 21  ? 2.603   -2.231  -9.680  1.00 12.56 ? 21  HIS A N   1 
ATOM   112  C  CA  . HIS A 1 21  ? 3.845   -2.234  -10.482 1.00 12.98 ? 21  HIS A CA  1 
ATOM   113  C  C   . HIS A 1 21  ? 4.717   -3.428  -10.137 1.00 13.48 ? 21  HIS A C   1 
ATOM   114  O  O   . HIS A 1 21  ? 5.687   -3.689  -10.886 1.00 14.84 ? 21  HIS A O   1 
ATOM   115  C  CB  . HIS A 1 21  ? 4.609   -0.910  -10.420 1.00 14.42 ? 21  HIS A CB  1 
ATOM   116  C  CG  . HIS A 1 21  ? 5.300   -0.668  -9.125  1.00 14.13 ? 21  HIS A CG  1 
ATOM   117  N  ND1 . HIS A 1 21  ? 4.642   -0.065  -8.046  1.00 13.84 ? 21  HIS A ND1 1 
ATOM   118  C  CD2 . HIS A 1 21  ? 6.557   -0.928  -8.728  1.00 14.05 ? 21  HIS A CD2 1 
ATOM   119  C  CE1 . HIS A 1 21  ? 5.528   0.063   -7.062  1.00 14.54 ? 21  HIS A CE1 1 
ATOM   120  N  NE2 . HIS A 1 21  ? 6.689   -0.442  -7.436  1.00 15.55 ? 21  HIS A NE2 1 
ATOM   121  N  N   . LEU A 1 22  ? 4.457   -4.144  -9.071  1.00 11.53 ? 22  LEU A N   1 
ATOM   122  C  CA  . LEU A 1 22  ? 5.216   -5.343  -8.644  1.00 12.35 ? 22  LEU A CA  1 
ATOM   123  C  C   . LEU A 1 22  ? 4.417   -6.625  -8.844  1.00 12.64 ? 22  LEU A C   1 
ATOM   124  O  O   . LEU A 1 22  ? 4.901   -7.726  -8.458  1.00 14.15 ? 22  LEU A O   1 
ATOM   125  C  CB  . LEU A 1 22  ? 5.668   -5.200  -7.178  1.00 13.30 ? 22  LEU A CB  1 
ATOM   126  C  CG  . LEU A 1 22  ? 6.598   -4.031  -6.914  1.00 13.40 ? 22  LEU A CG  1 
ATOM   127  C  CD1 . LEU A 1 22  ? 7.012   -3.969  -5.437  1.00 14.08 ? 22  LEU A CD1 1 
ATOM   128  C  CD2 . LEU A 1 22  ? 7.879   -4.123  -7.811  1.00 14.49 ? 22  LEU A CD2 1 
ATOM   129  N  N   . ALA A 1 23  ? 3.221   -6.547  -9.364  1.00 12.38 ? 23  ALA A N   1 
ATOM   130  C  CA  . ALA A 1 23  ? 2.383   -7.746  -9.556  1.00 12.89 ? 23  ALA A CA  1 
ATOM   131  C  C   . ALA A 1 23  ? 3.078   -8.726  -10.499 1.00 13.20 ? 23  ALA A C   1 
ATOM   132  O  O   . ALA A 1 23  ? 3.699   -8.274  -11.486 1.00 13.83 ? 23  ALA A O   1 
ATOM   133  C  CB  . ALA A 1 23  ? 1.036   -7.349  -10.106 1.00 13.22 ? 23  ALA A CB  1 
ATOM   134  N  N   . THR A 1 24  ? 2.959   -9.974  -10.210 1.00 13.10 ? 24  THR A N   1 
ATOM   135  C  CA  . THR A 1 24  ? 3.570   -11.043 -11.027 1.00 14.52 ? 24  THR A CA  1 
ATOM   136  C  C   . THR A 1 24  ? 2.628   -11.507 -12.123 1.00 13.91 ? 24  THR A C   1 
ATOM   137  O  O   . THR A 1 24  ? 1.444   -11.168 -12.157 1.00 13.08 ? 24  THR A O   1 
ATOM   138  C  CB  . THR A 1 24  ? 3.966   -12.211 -10.136 1.00 15.58 ? 24  THR A CB  1 
ATOM   139  O  OG1 . THR A 1 24  ? 2.766   -12.778 -9.627  1.00 16.16 ? 24  THR A OG1 1 
ATOM   140  C  CG2 . THR A 1 24  ? 4.897   -11.800 -9.009  1.00 17.81 ? 24  THR A CG2 1 
ATOM   141  N  N   . HIS A 1 25  ? 3.153   -12.340 -13.050 1.00 14.84 ? 25  HIS A N   1 
ATOM   142  C  CA  . HIS A 1 25  ? 2.246   -12.969 -14.032 1.00 15.19 ? 25  HIS A CA  1 
ATOM   143  C  C   . HIS A 1 25  ? 1.152   -13.760 -13.294 1.00 14.02 ? 25  HIS A C   1 
ATOM   144  O  O   . HIS A 1 25  ? 0.012   -13.699 -13.680 1.00 14.43 ? 25  HIS A O   1 
ATOM   145  C  CB  . HIS A 1 25  ? 3.015   -13.868 -15.026 1.00 16.50 ? 25  HIS A CB  1 
ATOM   146  C  CG  . HIS A 1 25  ? 2.089   -14.835 -15.721 1.00 18.45 ? 25  HIS A CG  1 
ATOM   147  N  ND1 . HIS A 1 25  ? 1.313   -14.475 -16.793 1.00 19.22 ? 25  HIS A ND1 1 
ATOM   148  C  CD2 . HIS A 1 25  ? 1.724   -16.112 -15.426 1.00 20.78 ? 25  HIS A CD2 1 
ATOM   149  C  CE1 . HIS A 1 25  ? 0.590   -15.494 -17.200 1.00 20.98 ? 25  HIS A CE1 1 
ATOM   150  N  NE2 . HIS A 1 25  ? 0.797   -16.506 -16.362 1.00 21.97 ? 25  HIS A NE2 1 
ATOM   151  N  N   . ASN A 1 26  ? 1.510   -14.500 -12.240 1.00 15.03 ? 26  ASN A N   1 
ATOM   152  C  CA  . ASN A 1 26  ? 0.500   -15.284 -11.499 1.00 16.22 ? 26  ASN A CA  1 
ATOM   153  C  C   . ASN A 1 26  ? -0.574  -14.360 -10.895 1.00 14.54 ? 26  ASN A C   1 
ATOM   154  O  O   . ASN A 1 26  ? -1.740  -14.647 -10.907 1.00 14.45 ? 26  ASN A O   1 
ATOM   155  C  CB  . ASN A 1 26  ? 1.148   -16.117 -10.401 1.00 19.05 ? 26  ASN A CB  1 
ATOM   156  C  CG  . ASN A 1 26  ? 0.131   -17.001 -9.717  1.00 24.86 ? 26  ASN A CG  1 
ATOM   157  O  OD1 . ASN A 1 26  ? -0.301  -18.003 -10.289 1.00 27.66 ? 26  ASN A OD1 1 
ATOM   158  N  ND2 . ASN A 1 26  ? -0.324  -16.606 -8.542  1.00 25.79 ? 26  ASN A ND2 1 
ATOM   159  N  N   . ASP A 1 27  ? -0.160  -13.176 -10.408 1.00 14.53 ? 27  ASP A N   1 
ATOM   160  C  CA  . ASP A 1 27  ? -1.159  -12.192 -9.925  1.00 13.26 ? 27  ASP A CA  1 
ATOM   161  C  C   . ASP A 1 27  ? -2.144  -11.823 -11.024 1.00 12.56 ? 27  ASP A C   1 
ATOM   162  O  O   . ASP A 1 27  ? -3.357  -11.803 -10.812 1.00 13.67 ? 27  ASP A O   1 
ATOM   163  C  CB  . ASP A 1 27  ? -0.488  -10.932 -9.371  1.00 13.40 ? 27  ASP A CB  1 
ATOM   164  C  CG  . ASP A 1 27  ? 0.232   -11.120 -8.045  1.00 14.27 ? 27  ASP A CG  1 
ATOM   165  O  OD1 . ASP A 1 27  ? -0.311  -11.863 -7.195  1.00 16.21 ? 27  ASP A OD1 1 
ATOM   166  O  OD2 . ASP A 1 27  ? 1.306   -10.560 -7.878  1.00 13.87 ? 27  ASP A OD2 1 
ATOM   167  N  N   . TRP A 1 28  ? -1.618  -11.438 -12.195 1.00 12.46 ? 28  TRP A N   1 
ATOM   168  C  CA  . TRP A 1 28  ? -2.454  -11.017 -13.325 1.00 12.93 ? 28  TRP A CA  1 
ATOM   169  C  C   . TRP A 1 28  ? -3.309  -12.187 -13.820 1.00 12.14 ? 28  TRP A C   1 
ATOM   170  O  O   . TRP A 1 28  ? -4.385  -11.930 -14.258 1.00 13.49 ? 28  TRP A O   1 
ATOM   171  C  CB  . TRP A 1 28  ? -1.574  -10.511 -14.457 1.00 12.82 ? 28  TRP A CB  1 
ATOM   172  C  CG  . TRP A 1 28  ? -1.128  -9.096  -14.209 1.00 12.61 ? 28  TRP A CG  1 
ATOM   173  C  CD1 . TRP A 1 28  ? 0.101   -8.642  -13.839 1.00 13.58 ? 28  TRP A CD1 1 
ATOM   174  C  CD2 . TRP A 1 28  ? -1.917  -7.933  -14.425 1.00 12.76 ? 28  TRP A CD2 1 
ATOM   175  N  NE1 . TRP A 1 28  ? 0.100   -7.263  -13.790 1.00 12.70 ? 28  TRP A NE1 1 
ATOM   176  C  CE2 . TRP A 1 28  ? -1.131  -6.811  -14.130 1.00 11.89 ? 28  TRP A CE2 1 
ATOM   177  C  CE3 . TRP A 1 28  ? -3.234  -7.707  -14.823 1.00 13.62 ? 28  TRP A CE3 1 
ATOM   178  C  CZ2 . TRP A 1 28  ? -1.593  -5.506  -14.302 1.00 13.12 ? 28  TRP A CZ2 1 
ATOM   179  C  CZ3 . TRP A 1 28  ? -3.706  -6.425  -14.947 1.00 14.62 ? 28  TRP A CZ3 1 
ATOM   180  C  CH2 . TRP A 1 28  ? -2.900  -5.327  -14.669 1.00 12.96 ? 28  TRP A CH2 1 
ATOM   181  N  N   . ALA A 1 29  ? -2.830  -13.429 -13.718 1.00 13.26 ? 29  ALA A N   1 
ATOM   182  C  CA  . ALA A 1 29  ? -3.577  -14.627 -14.182 1.00 14.12 ? 29  ALA A CA  1 
ATOM   183  C  C   . ALA A 1 29  ? -4.674  -15.001 -13.183 1.00 16.18 ? 29  ALA A C   1 
ATOM   184  O  O   . ALA A 1 29  ? -5.538  -15.848 -13.485 1.00 17.86 ? 29  ALA A O   1 
ATOM   185  C  CB  . ALA A 1 29  ? -2.583  -15.748 -14.387 1.00 15.13 ? 29  ALA A CB  1 
ATOM   186  N  N   . ASN A 1 30  ? -4.680  -14.371 -12.005 1.00 17.25 ? 30  ASN A N   1 
ATOM   187  C  CA  . ASN A 1 30  ? -5.614  -14.672 -10.903 1.00 17.40 ? 30  ASN A CA  1 
ATOM   188  C  C   . ASN A 1 30  ? -6.176  -13.332 -10.438 1.00 16.55 ? 30  ASN A C   1 
ATOM   189  O  O   . ASN A 1 30  ? -6.429  -13.150 -9.228  1.00 18.30 ? 30  ASN A O   1 
ATOM   190  C  CB  . ASN A 1 30  ? -4.895  -15.452 -9.817  1.00 18.25 ? 30  ASN A CB  1 
ATOM   191  C  CG  . ASN A 1 30  ? -4.560  -16.865 -10.271 1.00 20.67 ? 30  ASN A CG  1 
ATOM   192  O  OD1 . ASN A 1 30  ? -5.405  -17.757 -10.282 1.00 24.72 ? 30  ASN A OD1 1 
ATOM   193  N  ND2 . ASN A 1 30  ? -3.324  -17.090 -10.632 1.00 21.16 ? 30  ASN A ND2 1 
ATOM   194  N  N   . LEU A 1 31  ? -6.442  -12.427 -11.350 1.00 16.43 ? 31  LEU A N   1 
ATOM   195  C  CA  . LEU A 1 31  ? -6.747  -11.030 -11.018 1.00 16.25 ? 31  LEU A CA  1 
ATOM   196  C  C   . LEU A 1 31  ? -8.118  -10.950 -10.365 1.00 17.85 ? 31  LEU A C   1 
ATOM   197  O  O   . LEU A 1 31  ? -9.062  -11.605 -10.871 1.00 19.31 ? 31  LEU A O   1 
ATOM   198  C  CB  . LEU A 1 31  ? -6.749  -10.225 -12.299 1.00 15.10 ? 31  LEU A CB  1 
ATOM   199  C  CG  . LEU A 1 31  ? -6.990  -8.732  -12.067 1.00 15.30 ? 31  LEU A CG  1 
ATOM   200  C  CD1 . LEU A 1 31  ? -5.920  -8.079  -11.185 1.00 16.54 ? 31  LEU A CD1 1 
ATOM   201  C  CD2 . LEU A 1 31  ? -7.132  -8.015  -13.385 1.00 16.88 ? 31  LEU A CD2 1 
ATOM   202  N  N   . VAL A 1 32  ? -8.235  -10.166 -9.290  1.00 17.27 ? 32  VAL A N   1 
ATOM   203  C  CA  . VAL A 1 32  ? -9.552  -9.767  -8.720  1.00 16.76 ? 32  VAL A CA  1 
ATOM   204  C  C   . VAL A 1 32  ? -9.875  -8.335  -9.125  1.00 17.78 ? 32  VAL A C   1 
ATOM   205  O  O   . VAL A 1 32  ? -10.982 -8.000  -9.588  1.00 19.09 ? 32  VAL A O   1 
ATOM   206  C  CB  . VAL A 1 32  ? -9.535  -9.970  -7.198  1.00 19.13 ? 32  VAL A CB  1 
ATOM   207  C  CG1 . VAL A 1 32  ? -10.773 -9.422  -6.521  1.00 20.45 ? 32  VAL A CG1 1 
ATOM   208  C  CG2 . VAL A 1 32  ? -9.303  -11.423 -6.842  1.00 20.58 ? 32  VAL A CG2 1 
ATOM   209  N  N   . TRP A 1 33  ? -8.924  -7.428  -8.941  1.00 15.68 ? 33  TRP A N   1 
ATOM   210  C  CA  . TRP A 1 33  ? -9.158  -5.989  -9.126  1.00 16.12 ? 33  TRP A CA  1 
ATOM   211  C  C   . TRP A 1 33  ? -7.808  -5.308  -9.273  1.00 14.39 ? 33  TRP A C   1 
ATOM   212  O  O   . TRP A 1 33  ? -6.831  -5.733  -8.613  1.00 14.71 ? 33  TRP A O   1 
ATOM   213  C  CB  . TRP A 1 33  ? -9.979  -5.456  -7.941  1.00 16.96 ? 33  TRP A CB  1 
ATOM   214  C  CG  . TRP A 1 33  ? -10.047 -3.969  -7.857  1.00 17.36 ? 33  TRP A CG  1 
ATOM   215  C  CD1 . TRP A 1 33  ? -10.945 -3.155  -8.470  1.00 19.74 ? 33  TRP A CD1 1 
ATOM   216  C  CD2 . TRP A 1 33  ? -9.210  -3.097  -7.066  1.00 16.24 ? 33  TRP A CD2 1 
ATOM   217  N  NE1 . TRP A 1 33  ? -10.692 -1.842  -8.176  1.00 20.49 ? 33  TRP A NE1 1 
ATOM   218  C  CE2 . TRP A 1 33  ? -9.666  -1.782  -7.268  1.00 17.76 ? 33  TRP A CE2 1 
ATOM   219  C  CE3 . TRP A 1 33  ? -8.136  -3.312  -6.206  1.00 16.18 ? 33  TRP A CE3 1 
ATOM   220  C  CZ2 . TRP A 1 33  ? -9.111  -0.684  -6.618  1.00 18.39 ? 33  TRP A CZ2 1 
ATOM   221  C  CZ3 . TRP A 1 33  ? -7.562  -2.223  -5.582  1.00 17.79 ? 33  TRP A CZ3 1 
ATOM   222  C  CH2 . TRP A 1 33  ? -8.033  -0.938  -5.813  1.00 17.93 ? 33  TRP A CH2 1 
ATOM   223  N  N   . GLU A 1 34  ? -7.742  -4.311  -10.102 1.00 14.70 ? 34  GLU A N   1 
ATOM   224  C  CA  . GLU A 1 34  ? -6.499  -3.522  -10.172 1.00 15.64 ? 34  GLU A CA  1 
ATOM   225  C  C   . GLU A 1 34  ? -6.837  -2.090  -10.532 1.00 16.38 ? 34  GLU A C   1 
ATOM   226  O  O   . GLU A 1 34  ? -7.902  -1.840  -11.222 1.00 16.65 ? 34  GLU A O   1 
ATOM   227  C  CB  . GLU A 1 34  ? -5.482  -4.098  -11.152 1.00 15.53 ? 34  GLU A CB  1 
ATOM   228  C  CG  . GLU A 1 34  ? -6.082  -4.301  -12.552 1.00 16.74 ? 34  GLU A CG  1 
ATOM   229  C  CD  . GLU A 1 34  ? -6.040  -3.128  -13.515 1.00 18.17 ? 34  GLU A CD  1 
ATOM   230  O  OE1 . GLU A 1 34  ? -6.811  -3.152  -14.496 1.00 19.78 ? 34  GLU A OE1 1 
ATOM   231  O  OE2 . GLU A 1 34  ? -5.288  -2.185  -13.309 1.00 16.66 ? 34  GLU A OE2 1 
ATOM   232  N  N   . ASP A 1 35  ? -6.040  -1.157  -10.056 1.00 15.57 ? 35  ASP A N   1 
ATOM   233  C  CA  . ASP A 1 35  ? -6.249  0.280   -10.336 1.00 15.93 ? 35  ASP A CA  1 
ATOM   234  C  C   . ASP A 1 35  ? -4.896  0.950   -10.475 1.00 16.34 ? 35  ASP A C   1 
ATOM   235  O  O   . ASP A 1 35  ? -4.209  1.065   -9.462  1.00 15.92 ? 35  ASP A O   1 
ATOM   236  C  CB  . ASP A 1 35  ? -7.152  0.865   -9.250  1.00 17.14 ? 35  ASP A CB  1 
ATOM   237  C  CG  . ASP A 1 35  ? -7.451  2.336   -9.389  1.00 17.17 ? 35  ASP A CG  1 
ATOM   238  O  OD1 . ASP A 1 35  ? -6.585  3.070   -9.814  1.00 20.80 ? 35  ASP A OD1 1 
ATOM   239  O  OD2 . ASP A 1 35  ? -8.579  2.711   -8.962  1.00 23.25 ? 35  ASP A OD2 1 
ATOM   240  N  N   A SER A 1 36  ? -4.481  1.338   -11.671 0.25 16.94 ? 36  SER A N   1 
ATOM   241  N  N   B SER A 1 36  ? -4.481  1.338   -11.671 0.25 16.94 ? 36  SER A N   1 
ATOM   242  C  CA  A SER A 1 36  ? -3.170  1.960   -11.918 0.25 16.05 ? 36  SER A CA  1 
ATOM   243  C  CA  B SER A 1 36  ? -3.161  1.963   -11.916 0.25 17.18 ? 36  SER A CA  1 
ATOM   244  C  C   A SER A 1 36  ? -3.072  3.283   -11.157 0.25 17.37 ? 36  SER A C   1 
ATOM   245  C  C   B SER A 1 36  ? -3.072  3.283   -11.157 0.25 17.37 ? 36  SER A C   1 
ATOM   246  O  O   A SER A 1 36  ? -2.010  3.558   -10.626 0.25 17.19 ? 36  SER A O   1 
ATOM   247  O  O   B SER A 1 36  ? -2.010  3.558   -10.626 0.25 17.19 ? 36  SER A O   1 
ATOM   248  C  CB  A SER A 1 36  ? -2.963  2.168   -13.388 0.25 16.64 ? 36  SER A CB  1 
ATOM   249  C  CB  B SER A 1 36  ? -2.865  2.201   -13.385 0.25 18.73 ? 36  SER A CB  1 
ATOM   250  O  OG  A SER A 1 36  ? -1.786  2.890   -13.625 0.25 16.89 ? 36  SER A OG  1 
ATOM   251  O  OG  B SER A 1 36  ? -4.031  2.632   -14.077 0.25 23.65 ? 36  SER A OG  1 
ATOM   252  N  N   . SER A 1 37  ? -4.177  4.022   -11.082 1.00 16.99 ? 37  SER A N   1 
ATOM   253  C  CA  . SER A 1 37  ? -4.142  5.347   -10.424 1.00 18.04 ? 37  SER A CA  1 
ATOM   254  C  C   . SER A 1 37  ? -3.778  5.200   -8.951  1.00 18.44 ? 37  SER A C   1 
ATOM   255  O  O   . SER A 1 37  ? -3.203  6.146   -8.417  1.00 19.06 ? 37  SER A O   1 
ATOM   256  C  CB  . SER A 1 37  ? -5.401  6.134   -10.592 1.00 17.86 ? 37  SER A CB  1 
ATOM   257  O  OG  . SER A 1 37  ? -6.458  5.637   -9.825  1.00 22.58 ? 37  SER A OG  1 
ATOM   258  N  N   . ARG A 1 38  ? -4.063  4.055   -8.347  1.00 15.04 ? 38  ARG A N   1 
ATOM   259  C  CA  . ARG A 1 38  ? -3.794  3.780   -6.898  1.00 15.45 ? 38  ARG A CA  1 
ATOM   260  C  C   . ARG A 1 38  ? -2.532  2.938   -6.720  1.00 14.26 ? 38  ARG A C   1 
ATOM   261  O  O   . ARG A 1 38  ? -2.165  2.684   -5.549  1.00 13.79 ? 38  ARG A O   1 
ATOM   262  C  CB  . ARG A 1 38  ? -4.976  3.043   -6.271  1.00 16.15 ? 38  ARG A CB  1 
ATOM   263  C  CG  . ARG A 1 38  ? -6.261  3.835   -6.283  1.00 16.38 ? 38  ARG A CG  1 
ATOM   264  C  CD  . ARG A 1 38  ? -7.330  3.012   -5.658  1.00 16.58 ? 38  ARG A CD  1 
ATOM   265  N  NE  . ARG A 1 38  ? -7.104  2.714   -4.237  1.00 14.82 ? 38  ARG A NE  1 
ATOM   266  C  CZ  . ARG A 1 38  ? -8.085  2.638   -3.348  1.00 14.91 ? 38  ARG A CZ  1 
ATOM   267  N  NH1 . ARG A 1 38  ? -9.354  2.785   -3.721  1.00 16.65 ? 38  ARG A NH1 1 
ATOM   268  N  NH2 . ARG A 1 38  ? -7.810  2.474   -2.056  1.00 15.15 ? 38  ARG A NH2 1 
ATOM   269  N  N   . ASP A 1 39  ? -1.919  2.449   -7.791  1.00 13.62 ? 39  ASP A N   1 
ATOM   270  C  CA  . ASP A 1 39  ? -0.809  1.472   -7.697  1.00 12.95 ? 39  ASP A CA  1 
ATOM   271  C  C   . ASP A 1 39  ? -1.206  0.236   -6.900  1.00 12.30 ? 39  ASP A C   1 
ATOM   272  O  O   . ASP A 1 39  ? -0.373  -0.269  -6.187  1.00 12.91 ? 39  ASP A O   1 
ATOM   273  C  CB  . ASP A 1 39  ? 0.454   2.102   -7.085  1.00 14.06 ? 39  ASP A CB  1 
ATOM   274  C  CG  . ASP A 1 39  ? 1.690   1.238   -7.127  1.00 15.22 ? 39  ASP A CG  1 
ATOM   275  O  OD1 . ASP A 1 39  ? 1.840   0.475   -8.101  1.00 14.95 ? 39  ASP A OD1 1 
ATOM   276  O  OD2 . ASP A 1 39  ? 2.492   1.237   -6.159  1.00 14.56 ? 39  ASP A OD2 1 
ATOM   277  N  N   . LEU A 1 40  ? -2.435  -0.261  -7.076  1.00 12.43 ? 40  LEU A N   1 
ATOM   278  C  CA  . LEU A 1 40  ? -2.848  -1.473  -6.357  1.00 12.14 ? 40  LEU A CA  1 
ATOM   279  C  C   . LEU A 1 40  ? -3.322  -2.556  -7.304  1.00 11.51 ? 40  LEU A C   1 
ATOM   280  O  O   . LEU A 1 40  ? -3.990  -2.255  -8.317  1.00 12.10 ? 40  LEU A O   1 
ATOM   281  C  CB  . LEU A 1 40  ? -3.968  -1.199  -5.356  1.00 12.17 ? 40  LEU A CB  1 
ATOM   282  C  CG  . LEU A 1 40  ? -3.583  -0.424  -4.101  1.00 13.01 ? 40  LEU A CG  1 
ATOM   283  C  CD1 . LEU A 1 40  ? -4.796  -0.268  -3.214  1.00 13.90 ? 40  LEU A CD1 1 
ATOM   284  C  CD2 . LEU A 1 40  ? -2.492  -1.126  -3.342  1.00 12.54 ? 40  LEU A CD2 1 
ATOM   285  N  N   . LEU A 1 41  ? -3.066  -3.780  -6.905  1.00 10.79 ? 41  LEU A N   1 
ATOM   286  C  CA  . LEU A 1 41  ? -3.593  -4.963  -7.578  1.00 10.75 ? 41  LEU A CA  1 
ATOM   287  C  C   . LEU A 1 41  ? -3.889  -5.992  -6.511  1.00 11.24 ? 41  LEU A C   1 
ATOM   288  O  O   . LEU A 1 41  ? -3.084  -6.166  -5.581  1.00 12.70 ? 41  LEU A O   1 
ATOM   289  C  CB  . LEU A 1 41  ? -2.614  -5.449  -8.648  1.00 12.06 ? 41  LEU A CB  1 
ATOM   290  C  CG  . LEU A 1 41  ? -3.082  -6.677  -9.456  1.00 11.96 ? 41  LEU A CG  1 
ATOM   291  C  CD1 . LEU A 1 41  ? -2.541  -6.632  -10.889 1.00 12.03 ? 41  LEU A CD1 1 
ATOM   292  C  CD2 . LEU A 1 41  ? -2.673  -7.978  -8.802  1.00 12.68 ? 41  LEU A CD2 1 
ATOM   293  N  N   . VAL A 1 42  ? -5.019  -6.636  -6.710  1.00 12.63 ? 42  VAL A N   1 
ATOM   294  C  CA  . VAL A 1 42  ? -5.456  -7.728  -5.806  1.00 12.84 ? 42  VAL A CA  1 
ATOM   295  C  C   . VAL A 1 42  ? -5.636  -8.982  -6.661  1.00 13.63 ? 42  VAL A C   1 
ATOM   296  O  O   . VAL A 1 42  ? -6.364  -8.903  -7.650  1.00 14.87 ? 42  VAL A O   1 
ATOM   297  C  CB  . VAL A 1 42  ? -6.739  -7.351  -5.064  1.00 13.83 ? 42  VAL A CB  1 
ATOM   298  C  CG1 . VAL A 1 42  ? -7.150  -8.483  -4.154  1.00 15.38 ? 42  VAL A CG1 1 
ATOM   299  C  CG2 . VAL A 1 42  ? -6.550  -6.081  -4.258  1.00 13.67 ? 42  VAL A CG2 1 
ATOM   300  N  N   . SER A 1 43  ? -5.048  -10.051 -6.207  1.00 13.90 ? 43  SER A N   1 
ATOM   301  C  CA  . SER A 1 43  ? -5.201  -11.393 -6.831  1.00 14.55 ? 43  SER A CA  1 
ATOM   302  C  C   . SER A 1 43  ? -5.842  -12.344 -5.815  1.00 17.33 ? 43  SER A C   1 
ATOM   303  O  O   . SER A 1 43  ? -5.807  -12.090 -4.571  1.00 17.60 ? 43  SER A O   1 
ATOM   304  C  CB  . SER A 1 43  ? -3.872  -11.889 -7.340  1.00 14.68 ? 43  SER A CB  1 
ATOM   305  O  OG  . SER A 1 43  ? -2.894  -12.013 -6.342  1.00 15.95 ? 43  SER A OG  1 
ATOM   306  N  N   . SER A 1 44  ? -6.263  -13.511 -6.287  1.00 18.35 ? 44  SER A N   1 
ATOM   307  C  CA  . SER A 1 44  ? -6.918  -14.554 -5.464  1.00 20.82 ? 44  SER A CA  1 
ATOM   308  C  C   . SER A 1 44  ? -5.866  -15.521 -4.959  1.00 21.82 ? 44  SER A C   1 
ATOM   309  O  O   . SER A 1 44  ? -4.860  -15.764 -5.668  1.00 22.51 ? 44  SER A O   1 
ATOM   310  C  CB  . SER A 1 44  ? -7.944  -15.251 -6.272  1.00 23.38 ? 44  SER A CB  1 
ATOM   311  O  OG  . SER A 1 44  ? -7.292  -15.954 -7.316  1.00 25.88 ? 44  SER A OG  1 
ATOM   312  N  N   . THR A 1 45  ? -6.063  -16.081 -3.767  1.00 24.20 ? 45  THR A N   1 
ATOM   313  C  CA  . THR A 1 45  ? -5.111  -17.015 -3.120  1.00 26.09 ? 45  THR A CA  1 
ATOM   314  C  C   . THR A 1 45  ? -5.817  -18.347 -2.808  1.00 28.37 ? 45  THR A C   1 
ATOM   315  O  O   . THR A 1 45  ? -7.030  -18.356 -2.668  1.00 30.13 ? 45  THR A O   1 
ATOM   316  C  CB  . THR A 1 45  ? -4.532  -16.454 -1.819  1.00 25.91 ? 45  THR A CB  1 
ATOM   317  O  OG1 . THR A 1 45  ? -5.644  -16.357 -0.932  1.00 26.81 ? 45  THR A OG1 1 
ATOM   318  C  CG2 . THR A 1 45  ? -3.881  -15.103 -2.009  1.00 25.24 ? 45  THR A CG2 1 
ATOM   319  N  N   . THR A 1 46  ? -5.046  -19.414 -2.670  1.00 32.93 ? 46  THR A N   1 
ATOM   320  C  CA  . THR A 1 46  ? -5.599  -20.736 -2.281  1.00 33.11 ? 46  THR A CA  1 
ATOM   321  C  C   . THR A 1 46  ? -5.715  -20.767 -0.749  1.00 33.66 ? 46  THR A C   1 
ATOM   322  O  O   . THR A 1 46  ? -6.802  -21.102 -0.281  1.00 36.62 ? 46  THR A O   1 
ATOM   323  C  CB  . THR A 1 46  ? -4.818  -21.844 -2.995  1.00 32.73 ? 46  THR A CB  1 
ATOM   324  O  OG1 . THR A 1 46  ? -3.430  -21.724 -2.704  1.00 35.84 ? 46  THR A OG1 1 
ATOM   325  C  CG2 . THR A 1 46  ? -5.002  -21.754 -4.491  1.00 34.11 ? 46  THR A CG2 1 
ATOM   326  N  N   . ALA A 1 47  ? -4.678  -20.340 -0.019  1.00 34.47 ? 47  ALA A N   1 
ATOM   327  C  CA  . ALA A 1 47  ? -4.629  -20.320 1.465   1.00 32.37 ? 47  ALA A CA  1 
ATOM   328  C  C   . ALA A 1 47  ? -5.148  -18.984 2.013   1.00 33.23 ? 47  ALA A C   1 
ATOM   329  O  O   . ALA A 1 47  ? -4.948  -17.953 1.348   1.00 29.91 ? 47  ALA A O   1 
ATOM   330  C  CB  . ALA A 1 47  ? -3.223  -20.582 1.924   1.00 32.10 ? 47  ALA A CB  1 
ATOM   331  N  N   . GLN A 1 48  ? -5.775  -19.014 3.194   1.00 29.14 ? 48  GLN A N   1 
ATOM   332  C  CA  . GLN A 1 48  ? -6.200  -17.815 3.977   1.00 28.70 ? 48  GLN A CA  1 
ATOM   333  C  C   . GLN A 1 48  ? -4.999  -17.092 4.593   1.00 26.96 ? 48  GLN A C   1 
ATOM   334  O  O   . GLN A 1 48  ? -4.040  -17.754 5.021   1.00 30.33 ? 48  GLN A O   1 
ATOM   335  C  CB  . GLN A 1 48  ? -7.202  -18.231 5.050   1.00 32.55 ? 48  GLN A CB  1 
ATOM   336  C  CG  . GLN A 1 48  ? -8.523  -18.693 4.458   1.00 37.34 ? 48  GLN A CG  1 
ATOM   337  C  CD  . GLN A 1 48  ? -9.667  -18.471 5.415   1.00 47.70 ? 48  GLN A CD  1 
ATOM   338  O  OE1 . GLN A 1 48  ? -9.953  -19.307 6.269   1.00 56.95 ? 48  GLN A OE1 1 
ATOM   339  N  NE2 . GLN A 1 48  ? -10.336 -17.337 5.277   1.00 54.85 ? 48  GLN A NE2 1 
ATOM   340  N  N   . GLY A 1 49  ? -5.048  -15.750 4.610   1.00 28.33 ? 49  GLY A N   1 
ATOM   341  C  CA  . GLY A 1 49  ? -3.931  -14.909 5.080   1.00 28.84 ? 49  GLY A CA  1 
ATOM   342  C  C   . GLY A 1 49  ? -4.090  -14.454 6.526   1.00 26.93 ? 49  GLY A C   1 
ATOM   343  O  O   . GLY A 1 49  ? -5.252  -14.497 7.013   1.00 28.62 ? 49  GLY A O   1 
ATOM   344  N  N   . CYS A 1 50  ? -2.988  -13.975 7.132   1.00 29.16 ? 50  CYS A N   1 
ATOM   345  C  CA  . CYS A 1 50  ? -2.858  -13.622 8.577   1.00 27.44 ? 50  CYS A CA  1 
ATOM   346  C  C   . CYS A 1 50  ? -3.338  -12.180 8.843   1.00 25.13 ? 50  CYS A C   1 
ATOM   347  O  O   . CYS A 1 50  ? -3.486  -11.858 10.034  1.00 25.83 ? 50  CYS A O   1 
ATOM   348  C  CB  . CYS A 1 50  ? -1.425  -13.779 9.108   1.00 29.84 ? 50  CYS A CB  1 
ATOM   349  S  SG  . CYS A 1 50  ? -0.839  -15.481 9.390   1.00 41.81 ? 50  CYS A SG  1 
ATOM   350  N  N   . ASP A 1 51  ? -3.583  -11.345 7.830   1.00 22.16 ? 51  ASP A N   1 
ATOM   351  C  CA  . ASP A 1 51  ? -3.766  -9.883  8.065   1.00 19.32 ? 51  ASP A CA  1 
ATOM   352  C  C   . ASP A 1 51  ? -5.231  -9.471  8.219   1.00 19.10 ? 51  ASP A C   1 
ATOM   353  O  O   . ASP A 1 51  ? -6.123  -9.997  7.579   1.00 20.72 ? 51  ASP A O   1 
ATOM   354  C  CB  . ASP A 1 51  ? -3.087  -9.037  6.980   1.00 19.69 ? 51  ASP A CB  1 
ATOM   355  C  CG  . ASP A 1 51  ? -1.619  -9.304  6.769   1.00 21.86 ? 51  ASP A CG  1 
ATOM   356  O  OD1 . ASP A 1 51  ? -0.838  -9.410  7.731   1.00 24.91 ? 51  ASP A OD1 1 
ATOM   357  O  OD2 . ASP A 1 51  ? -1.240  -9.368  5.588   1.00 22.39 ? 51  ASP A OD2 1 
ATOM   358  N  N   . THR A 1 52  ? -5.432  -8.457  9.065   1.00 15.86 ? 52  THR A N   1 
ATOM   359  C  CA  . THR A 1 52  ? -6.691  -7.740  9.298   1.00 16.73 ? 52  THR A CA  1 
ATOM   360  C  C   . THR A 1 52  ? -6.527  -6.327  8.735   1.00 13.91 ? 52  THR A C   1 
ATOM   361  O  O   . THR A 1 52  ? -5.504  -5.686  9.020   1.00 14.38 ? 52  THR A O   1 
ATOM   362  C  CB  . THR A 1 52  ? -6.989  -7.619  10.798  1.00 17.85 ? 52  THR A CB  1 
ATOM   363  O  OG1 . THR A 1 52  ? -7.150  -8.959  11.267  1.00 21.28 ? 52  THR A OG1 1 
ATOM   364  C  CG2 . THR A 1 52  ? -8.218  -6.800  11.117  1.00 19.07 ? 52  THR A CG2 1 
ATOM   365  N  N   . ILE A 1 53  ? -7.486  -5.900  7.940   1.00 13.73 ? 53  ILE A N   1 
ATOM   366  C  CA  . ILE A 1 53  ? -7.498  -4.528  7.405   1.00 13.70 ? 53  ILE A CA  1 
ATOM   367  C  C   . ILE A 1 53  ? -8.107  -3.593  8.433   1.00 13.20 ? 53  ILE A C   1 
ATOM   368  O  O   . ILE A 1 53  ? -9.198  -3.854  8.987   1.00 13.20 ? 53  ILE A O   1 
ATOM   369  C  CB  . ILE A 1 53  ? -8.237  -4.454  6.070   1.00 14.55 ? 53  ILE A CB  1 
ATOM   370  C  CG1 . ILE A 1 53  ? -7.756  -5.545  5.094   1.00 14.83 ? 53  ILE A CG1 1 
ATOM   371  C  CG2 . ILE A 1 53  ? -8.113  -3.069  5.489   1.00 13.15 ? 53  ILE A CG2 1 
ATOM   372  C  CD1 . ILE A 1 53  ? -6.296  -5.482  4.771   1.00 15.40 ? 53  ILE A CD1 1 
ATOM   373  N  N   . ALA A 1 54  ? -7.460  -2.458  8.632   1.00 12.87 ? 54  ALA A N   1 
ATOM   374  C  CA  . ALA A 1 54  ? -7.958  -1.375  9.483   1.00 12.43 ? 54  ALA A CA  1 
ATOM   375  C  C   . ALA A 1 54  ? -9.216  -0.828  8.822   1.00 11.07 ? 54  ALA A C   1 
ATOM   376  O  O   . ALA A 1 54  ? -9.231  -0.594  7.598   1.00 12.10 ? 54  ALA A O   1 
ATOM   377  C  CB  . ALA A 1 54  ? -6.898  -0.297  9.609   1.00 11.93 ? 54  ALA A CB  1 
ATOM   378  N  N   . ARG A 1 55  ? -10.206 -0.442  9.636   1.00 11.86 ? 55  ARG A N   1 
ATOM   379  C  CA  . ARG A 1 55  ? -11.421 0.267   9.181   1.00 12.39 ? 55  ARG A CA  1 
ATOM   380  C  C   . ARG A 1 55  ? -11.550 1.461   10.106  1.00 11.71 ? 55  ARG A C   1 
ATOM   381  O  O   . ARG A 1 55  ? -12.133 1.313   11.199  1.00 13.34 ? 55  ARG A O   1 
ATOM   382  C  CB  . ARG A 1 55  ? -12.669 -0.621  9.119   1.00 13.57 ? 55  ARG A CB  1 
ATOM   383  C  CG  . ARG A 1 55  ? -12.494 -1.892  8.286   1.00 14.22 ? 55  ARG A CG  1 
ATOM   384  C  CD  . ARG A 1 55  ? -12.303 -1.649  6.795   1.00 14.08 ? 55  ARG A CD  1 
ATOM   385  N  NE  . ARG A 1 55  ? -12.123 -2.909  6.055   1.00 16.55 ? 55  ARG A NE  1 
ATOM   386  C  CZ  . ARG A 1 55  ? -11.598 -2.982  4.822   1.00 15.60 ? 55  ARG A CZ  1 
ATOM   387  N  NH1 . ARG A 1 55  ? -11.280 -1.909  4.179   1.00 14.62 ? 55  ARG A NH1 1 
ATOM   388  N  NH2 . ARG A 1 55  ? -11.390 -4.161  4.230   1.00 18.64 ? 55  ARG A NH2 1 
ATOM   389  N  N   . CYS A 1 56  ? -11.072 2.600   9.684   1.00 11.44 ? 56  CYS A N   1 
ATOM   390  C  CA  . CYS A 1 56  ? -10.791 3.719   10.591  1.00 11.61 ? 56  CYS A CA  1 
ATOM   391  C  C   . CYS A 1 56  ? -10.311 4.898   9.794   1.00 11.62 ? 56  CYS A C   1 
ATOM   392  O  O   . CYS A 1 56  ? -10.041 4.811   8.585   1.00 12.51 ? 56  CYS A O   1 
ATOM   393  C  CB  . CYS A 1 56  ? -9.703  3.366   11.602  1.00 10.69 ? 56  CYS A CB  1 
ATOM   394  S  SG  . CYS A 1 56  ? -8.093  3.176   10.855  1.00 11.77 ? 56  CYS A SG  1 
ATOM   395  N  N   A ASP A 1 57  ? -10.167 6.062   10.459  0.25 12.84 ? 57  ASP A N   1 
ATOM   396  N  N   B ASP A 1 57  ? -10.144 5.968   10.589  0.25 13.15 ? 57  ASP A N   1 
ATOM   397  C  CA  A ASP A 1 57  ? -9.491  7.245   9.875   0.25 12.87 ? 57  ASP A CA  1 
ATOM   398  C  CA  B ASP A 1 57  ? -9.700  7.311   10.174  0.25 13.11 ? 57  ASP A CA  1 
ATOM   399  C  C   A ASP A 1 57  ? -8.272  7.622   10.741  0.25 12.33 ? 57  ASP A C   1 
ATOM   400  C  C   B ASP A 1 57  ? -8.304  7.631   10.763  0.25 12.60 ? 57  ASP A C   1 
ATOM   401  O  O   A ASP A 1 57  ? -7.977  8.803   10.861  0.25 12.70 ? 57  ASP A O   1 
ATOM   402  O  O   B ASP A 1 57  ? -7.929  8.811   10.684  0.25 12.70 ? 57  ASP A O   1 
ATOM   403  C  CB  A ASP A 1 57  ? -10.470 8.406   9.658   0.25 13.88 ? 57  ASP A CB  1 
ATOM   404  C  CB  B ASP A 1 57  ? -10.777 8.324   10.596  0.25 15.24 ? 57  ASP A CB  1 
ATOM   405  C  CG  A ASP A 1 57  ? -10.953 9.049   10.942  0.25 15.00 ? 57  ASP A CG  1 
ATOM   406  C  CG  B ASP A 1 57  ? -10.721 9.665   9.898   0.25 17.74 ? 57  ASP A CG  1 
ATOM   407  O  OD1 A ASP A 1 57  ? -10.705 8.490   12.011  0.25 15.12 ? 57  ASP A OD1 1 
ATOM   408  O  OD1 B ASP A 1 57  ? -10.485 9.686   8.691   0.25 20.36 ? 57  ASP A OD1 1 
ATOM   409  O  OD2 A ASP A 1 57  ? -11.692 10.070  10.836  0.25 18.52 ? 57  ASP A OD2 1 
ATOM   410  O  OD2 B ASP A 1 57  ? -10.916 10.696  10.586  0.25 19.76 ? 57  ASP A OD2 1 
ATOM   411  N  N   . CYS A 1 58  ? -7.543  6.664   11.275  1.00 11.98 ? 58  CYS A N   1 
ATOM   412  C  CA  . CYS A 1 58  ? -6.265  6.960   11.958  1.00 11.69 ? 58  CYS A CA  1 
ATOM   413  C  C   . CYS A 1 58  ? -5.342  7.720   11.014  1.00 11.54 ? 58  CYS A C   1 
ATOM   414  O  O   . CYS A 1 58  ? -5.321  7.486   9.796   1.00 11.87 ? 58  CYS A O   1 
ATOM   415  C  CB  . CYS A 1 58  ? -5.564  5.677   12.367  1.00 13.03 ? 58  CYS A CB  1 
ATOM   416  S  SG  . CYS A 1 58  ? -6.335  4.857   13.788  1.00 13.05 ? 58  CYS A SG  1 
ATOM   417  N  N   . GLN A 1 59  ? -4.544  8.575   11.649  1.00 11.73 ? 59  GLN A N   1 
ATOM   418  C  CA  . GLN A 1 59  ? -3.452  9.298   10.981  1.00 12.11 ? 59  GLN A CA  1 
ATOM   419  C  C   . GLN A 1 59  ? -2.165  9.103   11.765  1.00 10.61 ? 59  GLN A C   1 
ATOM   420  O  O   . GLN A 1 59  ? -1.238  9.825   11.478  1.00 12.07 ? 59  GLN A O   1 
ATOM   421  C  CB  . GLN A 1 59  ? -3.732  10.804  10.847  1.00 13.20 ? 59  GLN A CB  1 
ATOM   422  C  CG  . GLN A 1 59  ? -4.724  11.151  9.762   1.00 15.26 ? 59  GLN A CG  1 
ATOM   423  C  CD  . GLN A 1 59  ? -4.815  12.651  9.573   1.00 14.30 ? 59  GLN A CD  1 
ATOM   424  O  OE1 . GLN A 1 59  ? -5.743  13.299  10.091  1.00 17.45 ? 59  GLN A OE1 1 
ATOM   425  N  NE2 . GLN A 1 59  ? -3.816  13.242  8.961   1.00 15.83 ? 59  GLN A NE2 1 
ATOM   426  N  N   . THR A 1 60  ? -2.101  8.083   12.600  1.00 10.77 ? 60  THR A N   1 
ATOM   427  C  CA  . THR A 1 60  ? -0.818  7.675   13.168  1.00 11.50 ? 60  THR A CA  1 
ATOM   428  C  C   . THR A 1 60  ? -0.705  6.162   13.085  1.00 10.84 ? 60  THR A C   1 
ATOM   429  O  O   . THR A 1 60  ? -1.721  5.428   13.229  1.00 12.04 ? 60  THR A O   1 
ATOM   430  C  CB  . THR A 1 60  ? -0.652  8.153   14.597  1.00 13.60 ? 60  THR A CB  1 
ATOM   431  O  OG1 . THR A 1 60  ? -1.571  7.475   15.404  1.00 19.02 ? 60  THR A OG1 1 
ATOM   432  C  CG2 . THR A 1 60  ? -0.759  9.637   14.757  1.00 14.23 ? 60  THR A CG2 1 
ATOM   433  N  N   . GLY A 1 61  ? 0.519   5.704   12.862  1.00 10.23 ? 61  GLY A N   1 
ATOM   434  C  CA  . GLY A 1 61  ? 0.729   4.264   12.735  1.00 9.73  ? 61  GLY A CA  1 
ATOM   435  C  C   . GLY A 1 61  ? 2.221   4.002   12.650  1.00 9.97  ? 61  GLY A C   1 
ATOM   436  O  O   . GLY A 1 61  ? 3.034   4.835   13.052  1.00 10.69 ? 61  GLY A O   1 
ATOM   437  N  N   . VAL A 1 62  ? 2.553   2.825   12.191  1.00 8.68  ? 62  VAL A N   1 
ATOM   438  C  CA  . VAL A 1 62  ? 3.947   2.338   12.127  1.00 9.28  ? 62  VAL A CA  1 
ATOM   439  C  C   . VAL A 1 62  ? 4.101   1.688   10.775  1.00 9.19  ? 62  VAL A C   1 
ATOM   440  O  O   . VAL A 1 62  ? 3.277   0.887   10.380  1.00 9.68  ? 62  VAL A O   1 
ATOM   441  C  CB  . VAL A 1 62  ? 4.245   1.356   13.253  1.00 10.28 ? 62  VAL A CB  1 
ATOM   442  C  CG1 . VAL A 1 62  ? 5.621   0.724   13.083  1.00 10.98 ? 62  VAL A CG1 1 
ATOM   443  C  CG2 . VAL A 1 62  ? 4.151   2.058   14.597  1.00 10.62 ? 62  VAL A CG2 1 
ATOM   444  N  N   . TYR A 1 63  ? 5.198   1.965   10.073  1.00 9.37  ? 63  TYR A N   1 
ATOM   445  C  CA  . TYR A 1 63  ? 5.442   1.317   8.768   1.00 8.93  ? 63  TYR A CA  1 
ATOM   446  C  C   . TYR A 1 63  ? 6.789   0.631   8.747   1.00 9.56  ? 63  TYR A C   1 
ATOM   447  O  O   . TYR A 1 63  ? 7.743   1.039   9.448   1.00 10.24 ? 63  TYR A O   1 
ATOM   448  C  CB  . TYR A 1 63  ? 5.357   2.272   7.577   1.00 9.82  ? 63  TYR A CB  1 
ATOM   449  C  CG  . TYR A 1 63  ? 6.586   3.092   7.246   1.00 10.36 ? 63  TYR A CG  1 
ATOM   450  C  CD1 . TYR A 1 63  ? 6.886   4.215   7.984   1.00 10.59 ? 63  TYR A CD1 1 
ATOM   451  C  CD2 . TYR A 1 63  ? 7.408   2.774   6.173   1.00 10.44 ? 63  TYR A CD2 1 
ATOM   452  C  CE1 . TYR A 1 63  ? 7.968   5.021   7.649   1.00 11.61 ? 63  TYR A CE1 1 
ATOM   453  C  CE2 . TYR A 1 63  ? 8.505   3.545   5.844   1.00 11.29 ? 63  TYR A CE2 1 
ATOM   454  C  CZ  . TYR A 1 63  ? 8.807   4.653   6.617   1.00 11.28 ? 63  TYR A CZ  1 
ATOM   455  O  OH  . TYR A 1 63  ? 9.911   5.422   6.317   1.00 13.17 ? 63  TYR A OH  1 
ATOM   456  N  N   . TYR A 1 64  ? 6.873   -0.400  7.947   1.00 9.44  ? 64  TYR A N   1 
ATOM   457  C  CA  . TYR A 1 64  ? 8.149   -1.108  7.732   1.00 9.98  ? 64  TYR A CA  1 
ATOM   458  C  C   . TYR A 1 64  ? 8.901   -0.551  6.528   1.00 10.02 ? 64  TYR A C   1 
ATOM   459  O  O   . TYR A 1 64  ? 8.403   -0.474  5.423   1.00 10.29 ? 64  TYR A O   1 
ATOM   460  C  CB  . TYR A 1 64  ? 7.890   -2.594  7.500   1.00 10.93 ? 64  TYR A CB  1 
ATOM   461  C  CG  . TYR A 1 64  ? 9.186   -3.325  7.331   1.00 12.76 ? 64  TYR A CG  1 
ATOM   462  C  CD1 . TYR A 1 64  ? 10.094  -3.359  8.375   1.00 13.55 ? 64  TYR A CD1 1 
ATOM   463  C  CD2 . TYR A 1 64  ? 9.492   -3.986  6.162   1.00 13.54 ? 64  TYR A CD2 1 
ATOM   464  C  CE1 . TYR A 1 64  ? 11.341  -3.968  8.215   1.00 15.95 ? 64  TYR A CE1 1 
ATOM   465  C  CE2 . TYR A 1 64  ? 10.720  -4.626  5.984   1.00 15.79 ? 64  TYR A CE2 1 
ATOM   466  C  CZ  . TYR A 1 64  ? 11.622  -4.624  7.029   1.00 15.27 ? 64  TYR A CZ  1 
ATOM   467  O  OH  . TYR A 1 64  ? 12.878  -5.200  6.875   1.00 17.78 ? 64  TYR A OH  1 
ATOM   468  N  N   . CYS A 1 65  ? 10.164  -0.234  6.802   1.00 10.31 ? 65  CYS A N   1 
ATOM   469  C  CA  . CYS A 1 65  ? 11.125  0.321   5.836   1.00 11.08 ? 65  CYS A CA  1 
ATOM   470  C  C   . CYS A 1 65  ? 12.224  -0.703  5.572   1.00 11.18 ? 65  CYS A C   1 
ATOM   471  O  O   . CYS A 1 65  ? 13.205  -0.828  6.394   1.00 11.64 ? 65  CYS A O   1 
ATOM   472  C  CB  . CYS A 1 65  ? 11.703  1.612   6.356   1.00 10.62 ? 65  CYS A CB  1 
ATOM   473  S  SG  . CYS A 1 65  ? 12.926  2.310   5.234   1.00 12.23 ? 65  CYS A SG  1 
ATOM   474  N  N   . SER A 1 66  ? 12.127  -1.455  4.485   1.00 11.08 ? 66  SER A N   1 
ATOM   475  C  CA  . SER A 1 66  ? 13.137  -2.505  4.194   1.00 12.91 ? 66  SER A CA  1 
ATOM   476  C  C   . SER A 1 66  ? 14.548  -1.938  4.033   1.00 11.44 ? 66  SER A C   1 
ATOM   477  O  O   . SER A 1 66  ? 15.509  -2.629  4.459   1.00 13.80 ? 66  SER A O   1 
ATOM   478  C  CB  . SER A 1 66  ? 12.722  -3.342  3.018   1.00 14.65 ? 66  SER A CB  1 
ATOM   479  O  OG  . SER A 1 66  ? 12.871  -2.709  1.776   1.00 17.99 ? 66  SER A OG  1 
ATOM   480  N  N   . SER A 1 67  ? 14.678  -0.767  3.506   1.00 10.95 ? 67  SER A N   1 
ATOM   481  C  CA  . SER A 1 67  ? 16.007  -0.141  3.225   1.00 11.44 ? 67  SER A CA  1 
ATOM   482  C  C   . SER A 1 67  ? 16.618  0.364   4.527   1.00 12.33 ? 67  SER A C   1 
ATOM   483  O  O   . SER A 1 67  ? 17.816  0.806   4.454   1.00 13.48 ? 67  SER A O   1 
ATOM   484  C  CB  . SER A 1 67  ? 15.922  0.923   2.217   1.00 11.88 ? 67  SER A CB  1 
ATOM   485  O  OG  . SER A 1 67  ? 15.125  2.027   2.665   1.00 13.09 ? 67  SER A OG  1 
ATOM   486  N  N   . ARG A 1 68  ? 15.980  0.153   5.679   1.00 11.88 ? 68  ARG A N   1 
ATOM   487  C  CA  . ARG A 1 68  ? 16.546  0.443   7.017   1.00 11.97 ? 68  ARG A CA  1 
ATOM   488  C  C   . ARG A 1 68  ? 16.427  -0.754  7.909   1.00 12.65 ? 68  ARG A C   1 
ATOM   489  O  O   . ARG A 1 68  ? 16.866  -0.651  9.047   1.00 14.63 ? 68  ARG A O   1 
ATOM   490  C  CB  . ARG A 1 68  ? 15.898  1.687   7.632   1.00 12.76 ? 68  ARG A CB  1 
ATOM   491  C  CG  . ARG A 1 68  ? 16.128  2.961   6.860   1.00 13.01 ? 68  ARG A CG  1 
ATOM   492  C  CD  . ARG A 1 68  ? 17.561  3.454   7.080   1.00 13.80 ? 68  ARG A CD  1 
ATOM   493  N  NE  . ARG A 1 68  ? 17.783  4.673   6.366   1.00 15.34 ? 68  ARG A NE  1 
ATOM   494  C  CZ  . ARG A 1 68  ? 18.289  4.780   5.140   1.00 14.74 ? 68  ARG A CZ  1 
ATOM   495  N  NH1 . ARG A 1 68  ? 18.597  3.683   4.460   1.00 15.37 ? 68  ARG A NH1 1 
ATOM   496  N  NH2 . ARG A 1 68  ? 18.475  5.962   4.587   1.00 15.31 ? 68  ARG A NH2 1 
ATOM   497  N  N   . ARG A 1 69  ? 15.799  -1.813  7.450   1.00 12.79 ? 69  ARG A N   1 
ATOM   498  C  CA  . ARG A 1 69  ? 15.443  -2.916  8.342   1.00 13.02 ? 69  ARG A CA  1 
ATOM   499  C  C   . ARG A 1 69  ? 14.838  -2.376  9.637   1.00 14.45 ? 69  ARG A C   1 
ATOM   500  O  O   . ARG A 1 69  ? 15.123  -2.886  10.726  1.00 15.92 ? 69  ARG A O   1 
ATOM   501  C  CB  . ARG A 1 69  ? 16.678  -3.768  8.633   1.00 15.42 ? 69  ARG A CB  1 
ATOM   502  C  CG  . ARG A 1 69  ? 17.172  -4.545  7.436   1.00 15.39 ? 69  ARG A CG  1 
ATOM   503  C  CD  . ARG A 1 69  ? 18.234  -5.550  7.854   1.00 16.87 ? 69  ARG A CD  1 
ATOM   504  N  NE  . ARG A 1 69  ? 18.844  -6.228  6.695   1.00 18.23 ? 69  ARG A NE  1 
ATOM   505  C  CZ  . ARG A 1 69  ? 20.135  -6.154  6.320   1.00 17.92 ? 69  ARG A CZ  1 
ATOM   506  N  NH1 . ARG A 1 69  ? 20.963  -5.298  6.919   1.00 19.00 ? 69  ARG A NH1 1 
ATOM   507  N  NH2 . ARG A 1 69  ? 20.550  -6.822  5.242   1.00 21.09 ? 69  ARG A NH2 1 
ATOM   508  N  N   . LYS A 1 70  ? 13.851  -1.481  9.525   1.00 13.43 ? 70  LYS A N   1 
ATOM   509  C  CA  . LYS A 1 70  ? 13.272  -0.843  10.728  1.00 14.45 ? 70  LYS A CA  1 
ATOM   510  C  C   . LYS A 1 70  ? 11.805  -0.521  10.506  1.00 12.68 ? 70  LYS A C   1 
ATOM   511  O  O   . LYS A 1 70  ? 11.419  -0.224  9.355   1.00 13.61 ? 70  LYS A O   1 
ATOM   512  C  CB  . LYS A 1 70  ? 13.995  0.459   11.077  1.00 16.88 ? 70  LYS A CB  1 
ATOM   513  C  CG  . LYS A 1 70  ? 15.368  0.280   11.719  1.00 21.53 ? 70  LYS A CG  1 
ATOM   514  C  CD  . LYS A 1 70  ? 15.879  1.547   12.359  1.00 27.45 ? 70  LYS A CD  1 
ATOM   515  C  CE  . LYS A 1 70  ? 17.209  1.323   13.046  1.00 32.05 ? 70  LYS A CE  1 
ATOM   516  N  NZ  . LYS A 1 70  ? 18.189  0.663   12.145  1.00 38.20 ? 70  LYS A NZ  1 
ATOM   517  N  N   . HIS A 1 71  ? 11.062  -0.589  11.584  1.00 12.34 ? 71  HIS A N   1 
ATOM   518  C  CA  . HIS A 1 71  ? 9.678   -0.089  11.645  1.00 11.91 ? 71  HIS A CA  1 
ATOM   519  C  C   . HIS A 1 71  ? 9.725   1.295   12.240  1.00 13.09 ? 71  HIS A C   1 
ATOM   520  O  O   . HIS A 1 71  ? 10.337  1.462   13.325  1.00 15.35 ? 71  HIS A O   1 
ATOM   521  C  CB  . HIS A 1 71  ? 8.808   -1.013  12.472  1.00 12.73 ? 71  HIS A CB  1 
ATOM   522  C  CG  . HIS A 1 71  ? 8.573   -2.347  11.859  1.00 13.29 ? 71  HIS A CG  1 
ATOM   523  N  ND1 . HIS A 1 71  ? 7.436   -2.719  11.154  1.00 13.71 ? 71  HIS A ND1 1 
ATOM   524  C  CD2 . HIS A 1 71  ? 9.395   -3.417  11.806  1.00 14.79 ? 71  HIS A CD2 1 
ATOM   525  C  CE1 . HIS A 1 71  ? 7.553   -3.982  10.777  1.00 13.24 ? 71  HIS A CE1 1 
ATOM   526  N  NE2 . HIS A 1 71  ? 8.722   -4.440  11.195  1.00 17.91 ? 71  HIS A NE2 1 
ATOM   527  N  N   . TYR A 1 72  ? 9.097   2.275   11.637  1.00 11.00 ? 72  TYR A N   1 
ATOM   528  C  CA  . TYR A 1 72  ? 9.074   3.657   12.118  1.00 10.69 ? 72  TYR A CA  1 
ATOM   529  C  C   . TYR A 1 72  ? 7.660   4.080   12.455  1.00 10.51 ? 72  TYR A C   1 
ATOM   530  O  O   . TYR A 1 72  ? 6.759   3.956   11.628  1.00 10.30 ? 72  TYR A O   1 
ATOM   531  C  CB  . TYR A 1 72  ? 9.584   4.598   11.039  1.00 11.72 ? 72  TYR A CB  1 
ATOM   532  C  CG  . TYR A 1 72  ? 11.036  4.435   10.693  1.00 12.75 ? 72  TYR A CG  1 
ATOM   533  C  CD1 . TYR A 1 72  ? 12.006  4.987   11.531  1.00 14.50 ? 72  TYR A CD1 1 
ATOM   534  C  CD2 . TYR A 1 72  ? 11.461  3.791   9.541   1.00 13.38 ? 72  TYR A CD2 1 
ATOM   535  C  CE1 . TYR A 1 72  ? 13.368  4.908   11.221  1.00 15.06 ? 72  TYR A CE1 1 
ATOM   536  C  CE2 . TYR A 1 72  ? 12.808  3.687   9.234   1.00 13.07 ? 72  TYR A CE2 1 
ATOM   537  C  CZ  . TYR A 1 72  ? 13.760  4.261   10.067  1.00 13.81 ? 72  TYR A CZ  1 
ATOM   538  O  OH  . TYR A 1 72  ? 15.084  4.154   9.693   1.00 15.58 ? 72  TYR A OH  1 
ATOM   539  N  N   . PRO A 1 73  ? 7.472   4.751   13.593  1.00 10.64 ? 73  PRO A N   1 
ATOM   540  C  CA  . PRO A 1 73  ? 6.175   5.365   13.876  1.00 10.15 ? 73  PRO A CA  1 
ATOM   541  C  C   . PRO A 1 73  ? 6.085   6.662   13.098  1.00 10.72 ? 73  PRO A C   1 
ATOM   542  O  O   . PRO A 1 73  ? 7.020   7.478   13.093  1.00 12.86 ? 73  PRO A O   1 
ATOM   543  C  CB  . PRO A 1 73  ? 6.242   5.639   15.410  1.00 11.40 ? 73  PRO A CB  1 
ATOM   544  C  CG  . PRO A 1 73  ? 7.698   5.718   15.737  1.00 13.85 ? 73  PRO A CG  1 
ATOM   545  C  CD  . PRO A 1 73  ? 8.460   4.931   14.686  1.00 12.41 ? 73  PRO A CD  1 
ATOM   546  N  N   . VAL A 1 74  ? 4.935   6.895   12.496  1.00 10.25 ? 74  VAL A N   1 
ATOM   547  C  CA  . VAL A 1 74  ? 4.702   8.092   11.663  1.00 10.86 ? 74  VAL A CA  1 
ATOM   548  C  C   . VAL A 1 74  ? 3.296   8.613   11.877  1.00 11.24 ? 74  VAL A C   1 
ATOM   549  O  O   . VAL A 1 74  ? 2.335   7.899   12.145  1.00 11.36 ? 74  VAL A O   1 
ATOM   550  C  CB  . VAL A 1 74  ? 4.895   7.800   10.168  1.00 12.62 ? 74  VAL A CB  1 
ATOM   551  C  CG1 . VAL A 1 74  ? 6.349   7.576   9.794   1.00 12.97 ? 74  VAL A CG1 1 
ATOM   552  C  CG2 . VAL A 1 74  ? 4.061   6.638   9.684   1.00 13.42 ? 74  VAL A CG2 1 
ATOM   553  N  N   . SER A 1 75  ? 3.208   9.910   11.647  1.00 10.76 ? 75  SER A N   1 
ATOM   554  C  CA  . SER A 1 75  ? 1.939   10.594  11.366  1.00 10.39 ? 75  SER A CA  1 
ATOM   555  C  C   . SER A 1 75  ? 1.800   10.702  9.854   1.00 10.59 ? 75  SER A C   1 
ATOM   556  O  O   . SER A 1 75  ? 2.783   10.953  9.165   1.00 11.40 ? 75  SER A O   1 
ATOM   557  C  CB  . SER A 1 75  ? 2.002   11.960  11.945  1.00 13.20 ? 75  SER A CB  1 
ATOM   558  O  OG  . SER A 1 75  ? 2.033   11.975  13.346  1.00 20.38 ? 75  SER A OG  1 
ATOM   559  N  N   . PHE A 1 76  ? 0.604   10.479  9.329   1.00 10.84 ? 76  PHE A N   1 
ATOM   560  C  CA  . PHE A 1 76  ? 0.397   10.486  7.868   1.00 11.09 ? 76  PHE A CA  1 
ATOM   561  C  C   . PHE A 1 76  ? -0.885  11.209  7.537   1.00 11.15 ? 76  PHE A C   1 
ATOM   562  O  O   . PHE A 1 76  ? -1.832  11.268  8.331   1.00 11.70 ? 76  PHE A O   1 
ATOM   563  C  CB  . PHE A 1 76  ? 0.393   9.047   7.319   1.00 10.66 ? 76  PHE A CB  1 
ATOM   564  C  CG  . PHE A 1 76  ? -0.541  8.052   7.952   1.00 10.26 ? 76  PHE A CG  1 
ATOM   565  C  CD1 . PHE A 1 76  ? -0.153  7.332   9.045   1.00 11.20 ? 76  PHE A CD1 1 
ATOM   566  C  CD2 . PHE A 1 76  ? -1.826  7.862   7.456   1.00 11.11 ? 76  PHE A CD2 1 
ATOM   567  C  CE1 . PHE A 1 76  ? -0.987  6.416   9.646   1.00 11.13 ? 76  PHE A CE1 1 
ATOM   568  C  CE2 . PHE A 1 76  ? -2.652  6.941   8.053   1.00 10.95 ? 76  PHE A CE2 1 
ATOM   569  C  CZ  . PHE A 1 76  ? -2.260  6.239   9.155   1.00 10.76 ? 76  PHE A CZ  1 
ATOM   570  N  N   . SER A 1 77  ? -0.875  11.736  6.320   1.00 11.65 ? 77  SER A N   1 
ATOM   571  C  CA  . SER A 1 77  ? -2.053  12.483  5.801   1.00 12.47 ? 77  SER A CA  1 
ATOM   572  C  C   . SER A 1 77  ? -3.151  11.515  5.380   1.00 13.22 ? 77  SER A C   1 
ATOM   573  O  O   . SER A 1 77  ? -2.884  10.376  5.073   1.00 13.40 ? 77  SER A O   1 
ATOM   574  C  CB  . SER A 1 77  ? -1.663  13.366  4.676   1.00 13.57 ? 77  SER A CB  1 
ATOM   575  O  OG  . SER A 1 77  ? -1.129  12.623  3.598   1.00 14.87 ? 77  SER A OG  1 
ATOM   576  N  N   . LYS A 1 78  ? -4.400  11.986  5.334   1.00 13.09 ? 78  LYS A N   1 
ATOM   577  C  CA  . LYS A 1 78  ? -5.567  11.194  4.866   1.00 13.28 ? 78  LYS A CA  1 
ATOM   578  C  C   . LYS A 1 78  ? -5.388  10.953  3.368   1.00 13.34 ? 78  LYS A C   1 
ATOM   579  O  O   . LYS A 1 78  ? -4.752  11.701  2.641   1.00 14.44 ? 78  LYS A O   1 
ATOM   580  C  CB  . LYS A 1 78  ? -6.879  11.915  5.193   1.00 15.19 ? 78  LYS A CB  1 
ATOM   581  C  CG  . LYS A 1 78  ? -7.100  12.126  6.679   1.00 16.42 ? 78  LYS A CG  1 
ATOM   582  C  CD  . LYS A 1 78  ? -8.441  12.766  7.009   1.00 20.32 ? 78  LYS A CD  1 
ATOM   583  C  CE  . LYS A 1 78  ? -8.748  12.624  8.481   1.00 23.40 ? 78  LYS A CE  1 
ATOM   584  N  NZ  . LYS A 1 78  ? -10.109 13.092  8.824   1.00 28.26 ? 78  LYS A NZ  1 
ATOM   585  N  N   . PRO A 1 79  ? -5.948  9.830   2.867   1.00 14.51 ? 79  PRO A N   1 
ATOM   586  C  CA  . PRO A 1 79  ? -5.788  9.448   1.466   1.00 14.43 ? 79  PRO A CA  1 
ATOM   587  C  C   . PRO A 1 79  ? -6.256  10.576  0.542   1.00 14.60 ? 79  PRO A C   1 
ATOM   588  O  O   . PRO A 1 79  ? -7.367  11.090  0.747   1.00 18.21 ? 79  PRO A O   1 
ATOM   589  C  CB  . PRO A 1 79  ? -6.678  8.206   1.329   1.00 16.20 ? 79  PRO A CB  1 
ATOM   590  C  CG  . PRO A 1 79  ? -6.732  7.634   2.701   1.00 17.26 ? 79  PRO A CG  1 
ATOM   591  C  CD  . PRO A 1 79  ? -6.668  8.832   3.649   1.00 13.79 ? 79  PRO A CD  1 
ATOM   592  N  N   A SER A 1 80  ? -5.395  10.962  -0.399  0.13 15.98 ? 80  SER A N   1 
ATOM   593  N  N   B SER A 1 80  ? -5.452  10.920  -0.440  0.13 16.09 ? 80  SER A N   1 
ATOM   594  C  CA  A SER A 1 80  ? -5.635  12.109  -1.316  0.13 18.51 ? 80  SER A CA  1 
ATOM   595  C  CA  B SER A 1 80  ? -5.829  12.002  -1.378  0.13 18.40 ? 80  SER A CA  1 
ATOM   596  C  C   A SER A 1 80  ? -5.080  11.826  -2.711  0.13 18.78 ? 80  SER A C   1 
ATOM   597  C  C   B SER A 1 80  ? -5.177  11.772  -2.728  0.13 18.86 ? 80  SER A C   1 
ATOM   598  O  O   A SER A 1 80  ? -4.274  10.885  -2.913  0.13 17.26 ? 80  SER A O   1 
ATOM   599  O  O   B SER A 1 80  ? -4.495  10.755  -2.909  0.13 16.97 ? 80  SER A O   1 
ATOM   600  C  CB  A SER A 1 80  ? -5.024  13.415  -0.819  0.13 21.33 ? 80  SER A CB  1 
ATOM   601  C  CB  B SER A 1 80  ? -5.462  13.354  -0.829  0.13 20.97 ? 80  SER A CB  1 
ATOM   602  O  OG  A SER A 1 80  ? -4.764  13.396  0.573   0.13 24.65 ? 80  SER A OG  1 
ATOM   603  O  OG  B SER A 1 80  ? -5.859  13.458  0.524   0.13 26.13 ? 80  SER A OG  1 
ATOM   604  N  N   . LEU A 1 81  ? -5.326  12.771  -3.615  0.26 18.95 ? 81  LEU A N   1 
ATOM   605  C  CA  . LEU A 1 81  ? -4.765  12.717  -4.960  0.26 21.70 ? 81  LEU A CA  1 
ATOM   606  C  C   . LEU A 1 81  ? -3.488  13.520  -4.835  0.26 21.18 ? 81  LEU A C   1 
ATOM   607  O  O   . LEU A 1 81  ? -3.584  14.701  -4.548  0.26 23.01 ? 81  LEU A O   1 
ATOM   608  C  CB  . LEU A 1 81  ? -5.711  13.351  -5.991  0.26 21.94 ? 81  LEU A CB  1 
ATOM   609  C  CG  . LEU A 1 81  ? -5.113  13.493  -7.391  0.26 24.79 ? 81  LEU A CG  1 
ATOM   610  C  CD1 . LEU A 1 81  ? -4.555  12.196  -7.952  0.26 26.38 ? 81  LEU A CD1 1 
ATOM   611  C  CD2 . LEU A 1 81  ? -6.100  14.125  -8.362  0.26 27.44 ? 81  LEU A CD2 1 
ATOM   612  N  N   . ILE A 1 82  ? -2.365  12.904  -5.116  0.26 18.68 ? 82  ILE A N   1 
ATOM   613  C  CA  . ILE A 1 82  ? -1.059  13.540  -4.937  0.26 19.95 ? 82  ILE A CA  1 
ATOM   614  C  C   . ILE A 1 82  ? -0.369  13.451  -6.282  0.26 20.22 ? 82  ILE A C   1 
ATOM   615  O  O   . ILE A 1 82  ? -0.306  12.382  -6.864  0.26 19.83 ? 82  ILE A O   1 
ATOM   616  C  CB  . ILE A 1 82  ? -0.282  12.818  -3.821  0.26 20.18 ? 82  ILE A CB  1 
ATOM   617  C  CG1 . ILE A 1 82  ? -1.008  12.939  -2.486  0.26 20.03 ? 82  ILE A CG1 1 
ATOM   618  C  CG2 . ILE A 1 82  ? 1.140   13.276  -3.765  0.26 21.55 ? 82  ILE A CG2 1 
ATOM   619  C  CD1 . ILE A 1 82  ? -1.177  14.356  -1.948  0.26 22.38 ? 82  ILE A CD1 1 
ATOM   620  N  N   . PHE A 1 83  ? 0.030   14.593  -6.769  0.26 20.25 ? 83  PHE A N   1 
ATOM   621  C  CA  . PHE A 1 83  ? 0.754   14.600  -8.044  0.26 23.03 ? 83  PHE A CA  1 
ATOM   622  C  C   . PHE A 1 83  ? 2.128   14.062  -7.689  0.26 23.93 ? 83  PHE A C   1 
ATOM   623  O  O   . PHE A 1 83  ? 2.846   14.634  -6.958  0.26 26.79 ? 83  PHE A O   1 
ATOM   624  C  CB  . PHE A 1 83  ? 0.806   15.979  -8.703  0.26 26.75 ? 83  PHE A CB  1 
ATOM   625  C  CG  . PHE A 1 83  ? 1.504   15.900  -10.036 0.26 30.86 ? 83  PHE A CG  1 
ATOM   626  C  CD1 . PHE A 1 83  ? 0.810   15.524  -11.178 0.26 35.23 ? 83  PHE A CD1 1 
ATOM   627  C  CD2 . PHE A 1 83  ? 2.872   16.055  -10.142 0.26 35.19 ? 83  PHE A CD2 1 
ATOM   628  C  CE1 . PHE A 1 83  ? 1.460   15.408  -12.399 0.26 36.88 ? 83  PHE A CE1 1 
ATOM   629  C  CE2 . PHE A 1 83  ? 3.516   15.944  -11.350 0.26 36.27 ? 83  PHE A CE2 1 
ATOM   630  C  CZ  . PHE A 1 83  ? 2.816   15.611  -12.495 0.26 37.20 ? 83  PHE A CZ  1 
ATOM   631  N  N   . VAL A 1 84  ? 2.392   12.848  -8.114  0.26 21.13 ? 84  VAL A N   1 
ATOM   632  C  CA  . VAL A 1 84  ? 3.677   12.189  -7.799  0.26 20.01 ? 84  VAL A CA  1 
ATOM   633  C  C   . VAL A 1 84  ? 4.578   12.359  -8.995  0.26 18.98 ? 84  VAL A C   1 
ATOM   634  O  O   . VAL A 1 84  ? 4.091   12.056  -10.108 0.26 21.65 ? 84  VAL A O   1 
ATOM   635  C  CB  . VAL A 1 84  ? 3.449   10.672  -7.593  0.26 20.07 ? 84  VAL A CB  1 
ATOM   636  C  CG1 . VAL A 1 84  ? 4.721   9.957   -7.218  0.26 19.22 ? 84  VAL A CG1 1 
ATOM   637  C  CG2 . VAL A 1 84  ? 2.371   10.435  -6.573  0.26 20.66 ? 84  VAL A CG2 1 
ATOM   638  N  N   . GLU A 1 85  ? 5.825   12.679  -8.710  0.26 19.57 ? 85  GLU A N   1 
ATOM   639  C  CA  . GLU A 1 85  ? 6.856   12.846  -9.739  0.26 22.33 ? 85  GLU A CA  1 
ATOM   640  C  C   . GLU A 1 85  ? 7.106   11.458  -10.300 0.26 24.18 ? 85  GLU A C   1 
ATOM   641  O  O   . GLU A 1 85  ? 7.130   10.468  -9.518  0.26 22.39 ? 85  GLU A O   1 
ATOM   642  C  CB  . GLU A 1 85  ? 8.148   13.322  -9.079  0.26 24.75 ? 85  GLU A CB  1 
ATOM   643  C  CG  . GLU A 1 85  ? 8.312   14.831  -8.961  0.26 28.30 ? 85  GLU A CG  1 
ATOM   644  C  CD  . GLU A 1 85  ? 9.099   15.391  -10.135 0.26 32.02 ? 85  GLU A CD  1 
ATOM   645  O  OE1 . GLU A 1 85  ? 10.296  15.314  -10.099 0.26 31.68 ? 85  GLU A OE1 1 
ATOM   646  O  OE2 . GLU A 1 85  ? 8.477   15.814  -11.090 0.26 37.11 ? 85  GLU A OE2 1 
ATOM   647  N  N   . ALA A 1 86  ? 7.473   11.379  -11.582 0.26 26.53 ? 86  ALA A N   1 
ATOM   648  C  CA  . ALA A 1 86  ? 7.825   10.065  -12.181 0.26 26.37 ? 86  ALA A CA  1 
ATOM   649  C  C   . ALA A 1 86  ? 8.930   9.322   -11.378 0.26 25.47 ? 86  ALA A C   1 
ATOM   650  O  O   . ALA A 1 86  ? 9.820   9.928   -10.834 0.26 25.97 ? 86  ALA A O   1 
ATOM   651  C  CB  . ALA A 1 86  ? 8.153   10.288  -13.644 0.26 28.67 ? 86  ALA A CB  1 
ATOM   652  N  N   . SER A 1 87  ? 8.904   7.996   -11.338 0.26 25.77 ? 87  SER A N   1 
ATOM   653  C  CA  . SER A 1 87  ? 9.871   7.244   -10.499 0.26 24.16 ? 87  SER A CA  1 
ATOM   654  C  C   . SER A 1 87  ? 10.567  6.123   -11.291 0.26 26.30 ? 87  SER A C   1 
ATOM   655  O  O   . SER A 1 87  ? 10.253  5.936   -12.490 0.26 26.38 ? 87  SER A O   1 
ATOM   656  C  CB  . SER A 1 87  ? 9.049   6.623   -9.432  0.26 24.75 ? 87  SER A CB  1 
ATOM   657  O  OG  . SER A 1 87  ? 8.144   5.779   -10.077 0.26 23.86 ? 87  SER A OG  1 
ATOM   658  N  N   . GLU A 1 88  ? 11.371  5.341   -10.557 0.26 28.65 ? 88  GLU A N   1 
ATOM   659  C  CA  . GLU A 1 88  ? 12.134  4.167   -11.086 0.26 29.81 ? 88  GLU A CA  1 
ATOM   660  C  C   . GLU A 1 88  ? 11.161  3.228   -11.795 0.26 29.46 ? 88  GLU A C   1 
ATOM   661  O  O   . GLU A 1 88  ? 11.555  2.679   -12.805 0.26 28.42 ? 88  GLU A O   1 
ATOM   662  C  CB  . GLU A 1 88  ? 13.006  3.523   -9.986  0.26 33.00 ? 88  GLU A CB  1 
ATOM   663  C  CG  . GLU A 1 88  ? 12.825  2.051   -9.673  0.26 36.43 ? 88  GLU A CG  1 
ATOM   664  C  CD  . GLU A 1 88  ? 14.101  1.364   -9.189  0.26 42.41 ? 88  GLU A CD  1 
ATOM   665  O  OE1 . GLU A 1 88  ? 15.195  1.932   -9.376  0.26 44.18 ? 88  GLU A OE1 1 
ATOM   666  O  OE2 . GLU A 1 88  ? 14.006  0.218   -8.707  0.26 44.34 ? 88  GLU A OE2 1 
ATOM   667  N  N   . TYR A 1 89  ? 9.890   3.282   -11.388 1.00 22.14 ? 89  TYR A N   1 
ATOM   668  C  CA  . TYR A 1 89  ? 8.796   2.389   -11.859 1.00 23.69 ? 89  TYR A CA  1 
ATOM   669  C  C   . TYR A 1 89  ? 7.587   3.150   -12.410 1.00 25.85 ? 89  TYR A C   1 
ATOM   670  O  O   . TYR A 1 89  ? 6.720   2.478   -13.031 1.00 24.16 ? 89  TYR A O   1 
ATOM   671  C  CB  . TYR A 1 89  ? 8.404   1.406   -10.754 1.00 21.44 ? 89  TYR A CB  1 
ATOM   672  C  CG  . TYR A 1 89  ? 8.174   2.053   -9.407  1.00 19.90 ? 89  TYR A CG  1 
ATOM   673  C  CD1 . TYR A 1 89  ? 9.220   2.218   -8.508  1.00 20.93 ? 89  TYR A CD1 1 
ATOM   674  C  CD2 . TYR A 1 89  ? 6.904   2.449   -9.010  1.00 22.24 ? 89  TYR A CD2 1 
ATOM   675  C  CE1 . TYR A 1 89  ? 9.025   2.815   -7.276  1.00 18.78 ? 89  TYR A CE1 1 
ATOM   676  C  CE2 . TYR A 1 89  ? 6.692   3.051   -7.773  1.00 22.55 ? 89  TYR A CE2 1 
ATOM   677  C  CZ  . TYR A 1 89  ? 7.755   3.212   -6.897  1.00 20.32 ? 89  TYR A CZ  1 
ATOM   678  O  OH  . TYR A 1 89  ? 7.638   3.797   -5.668  1.00 19.57 ? 89  TYR A OH  1 
ATOM   679  N  N   . TYR A 1 90  ? 7.466   4.464   -12.197 1.00 23.99 ? 90  TYR A N   1 
ATOM   680  C  CA  . TYR A 1 90  ? 6.366   5.262   -12.790 1.00 23.49 ? 90  TYR A CA  1 
ATOM   681  C  C   . TYR A 1 90  ? 6.896   6.615   -13.243 1.00 23.97 ? 90  TYR A C   1 
ATOM   682  O  O   . TYR A 1 90  ? 7.844   7.168   -12.678 1.00 23.89 ? 90  TYR A O   1 
ATOM   683  C  CB  . TYR A 1 90  ? 5.240   5.525   -11.786 1.00 23.48 ? 90  TYR A CB  1 
ATOM   684  C  CG  . TYR A 1 90  ? 4.275   4.386   -11.528 1.00 23.83 ? 90  TYR A CG  1 
ATOM   685  C  CD1 . TYR A 1 90  ? 3.571   3.720   -12.529 1.00 25.41 ? 90  TYR A CD1 1 
ATOM   686  C  CD2 . TYR A 1 90  ? 4.004   3.986   -10.231 1.00 22.97 ? 90  TYR A CD2 1 
ATOM   687  C  CE1 . TYR A 1 90  ? 2.651   2.708   -12.242 1.00 25.56 ? 90  TYR A CE1 1 
ATOM   688  C  CE2 . TYR A 1 90  ? 3.100   2.969   -9.940  1.00 20.94 ? 90  TYR A CE2 1 
ATOM   689  C  CZ  . TYR A 1 90  ? 2.401   2.312   -10.931 1.00 23.24 ? 90  TYR A CZ  1 
ATOM   690  O  OH  . TYR A 1 90  ? 1.497   1.312   -10.571 1.00 20.77 ? 90  TYR A OH  1 
ATOM   691  N  N   . PRO A 1 91  ? 6.203   7.233   -14.226 1.00 24.38 ? 91  PRO A N   1 
ATOM   692  C  CA  . PRO A 1 91  ? 6.564   8.579   -14.672 1.00 25.15 ? 91  PRO A CA  1 
ATOM   693  C  C   . PRO A 1 91  ? 6.098   9.541   -13.574 1.00 24.39 ? 91  PRO A C   1 
ATOM   694  O  O   . PRO A 1 91  ? 5.342   9.099   -12.706 1.00 23.79 ? 91  PRO A O   1 
ATOM   695  C  CB  . PRO A 1 91  ? 5.756   8.689   -15.972 1.00 25.40 ? 91  PRO A CB  1 
ATOM   696  C  CG  . PRO A 1 91  ? 4.486   7.913   -15.658 1.00 26.80 ? 91  PRO A CG  1 
ATOM   697  C  CD  . PRO A 1 91  ? 4.988   6.714   -14.879 1.00 25.77 ? 91  PRO A CD  1 
ATOM   698  N  N   . ALA A 1 92  ? 6.399   10.833  -13.702 1.00 25.09 ? 92  ALA A N   1 
ATOM   699  C  CA  . ALA A 1 92  ? 5.693   11.883  -12.939 1.00 22.71 ? 92  ALA A CA  1 
ATOM   700  C  C   . ALA A 1 92  ? 4.199   11.771  -13.241 1.00 22.00 ? 92  ALA A C   1 
ATOM   701  O  O   . ALA A 1 92  ? 3.829   11.690  -14.421 1.00 24.32 ? 92  ALA A O   1 
ATOM   702  C  CB  . ALA A 1 92  ? 6.212   13.252  -13.304 1.00 22.86 ? 92  ALA A CB  1 
ATOM   703  N  N   . ARG A 1 93  ? 3.337   11.687  -12.240 1.00 20.54 ? 93  ARG A N   1 
ATOM   704  C  CA  . ARG A 1 93  ? 1.878   11.573  -12.481 1.00 21.90 ? 93  ARG A CA  1 
ATOM   705  C  C   . ARG A 1 93  ? 1.129   11.783  -11.167 1.00 22.41 ? 93  ARG A C   1 
ATOM   706  O  O   . ARG A 1 93  ? 1.796   11.838  -10.100 1.00 23.44 ? 93  ARG A O   1 
ATOM   707  C  CB  . ARG A 1 93  ? 1.578   10.171  -13.032 1.00 23.98 ? 93  ARG A CB  1 
ATOM   708  C  CG  . ARG A 1 93  ? 1.812   9.072   -12.006 1.00 23.06 ? 93  ARG A CG  1 
ATOM   709  C  CD  . ARG A 1 93  ? 1.635   7.624   -12.445 1.00 26.18 ? 93  ARG A CD  1 
ATOM   710  N  NE  . ARG A 1 93  ? 1.373   6.860   -11.233 1.00 24.18 ? 93  ARG A NE  1 
ATOM   711  C  CZ  . ARG A 1 93  ? 0.532   5.833   -11.103 1.00 24.63 ? 93  ARG A CZ  1 
ATOM   712  N  NH1 . ARG A 1 93  ? -0.114  5.322   -12.146 1.00 25.06 ? 93  ARG A NH1 1 
ATOM   713  N  NH2 . ARG A 1 93  ? 0.351   5.322   -9.900  1.00 21.50 ? 93  ARG A NH2 1 
ATOM   714  N  N   . TYR A 1 94  ? -0.182  11.924  -11.251 1.00 20.95 ? 94  TYR A N   1 
ATOM   715  C  CA  . TYR A 1 94  ? -1.088  11.937  -10.087 1.00 22.95 ? 94  TYR A CA  1 
ATOM   716  C  C   . TYR A 1 94  ? -1.382  10.494  -9.694  1.00 20.75 ? 94  TYR A C   1 
ATOM   717  O  O   . TYR A 1 94  ? -1.572  9.594   -10.572 1.00 23.59 ? 94  TYR A O   1 
ATOM   718  C  CB  . TYR A 1 94  ? -2.356  12.708  -10.404 1.00 26.52 ? 94  TYR A CB  1 
ATOM   719  C  CG  . TYR A 1 94  ? -2.105  14.199  -10.346 1.00 29.07 ? 94  TYR A CG  1 
ATOM   720  C  CD1 . TYR A 1 94  ? -2.174  14.888  -9.147  1.00 29.80 ? 94  TYR A CD1 1 
ATOM   721  C  CD2 . TYR A 1 94  ? -1.705  14.906  -11.472 1.00 34.98 ? 94  TYR A CD2 1 
ATOM   722  C  CE1 . TYR A 1 94  ? -1.937  16.253  -9.074  1.00 33.73 ? 94  TYR A CE1 1 
ATOM   723  C  CE2 . TYR A 1 94  ? -1.445  16.269  -11.417 1.00 37.51 ? 94  TYR A CE2 1 
ATOM   724  C  CZ  . TYR A 1 94  ? -1.564  16.946  -10.213 1.00 39.29 ? 94  TYR A CZ  1 
ATOM   725  O  OH  . TYR A 1 94  ? -1.316  18.287  -10.149 1.00 42.59 ? 94  TYR A OH  1 
ATOM   726  N  N   . GLN A 1 95  ? -1.318  10.232  -8.389  1.00 19.07 ? 95  GLN A N   1 
ATOM   727  C  CA  . GLN A 1 95  ? -1.695  8.931   -7.797  1.00 17.90 ? 95  GLN A CA  1 
ATOM   728  C  C   . GLN A 1 95  ? -2.797  9.204   -6.788  1.00 16.18 ? 95  GLN A C   1 
ATOM   729  O  O   . GLN A 1 95  ? -2.641  10.186  -5.956  1.00 18.85 ? 95  GLN A O   1 
ATOM   730  C  CB  . GLN A 1 95  ? -0.490  8.307   -7.132  1.00 17.33 ? 95  GLN A CB  1 
ATOM   731  C  CG  . GLN A 1 95  ? -0.816  6.949   -6.553  1.00 17.41 ? 95  GLN A CG  1 
ATOM   732  C  CD  . GLN A 1 95  ? 0.387   6.086   -6.292  1.00 16.35 ? 95  GLN A CD  1 
ATOM   733  O  OE1 . GLN A 1 95  ? 1.329   6.074   -7.066  1.00 17.93 ? 95  GLN A OE1 1 
ATOM   734  N  NE2 . GLN A 1 95  ? 0.325   5.325   -5.208  1.00 16.80 ? 95  GLN A NE2 1 
ATOM   735  N  N   . SER A 1 96  ? -3.870  8.444   -6.767  1.00 15.94 ? 96  SER A N   1 
ATOM   736  C  CA  . SER A 1 96  ? -5.038  8.602   -5.892  1.00 16.13 ? 96  SER A CA  1 
ATOM   737  C  C   . SER A 1 96  ? -4.880  7.720   -4.657  1.00 15.51 ? 96  SER A C   1 
ATOM   738  O  O   . SER A 1 96  ? -4.095  6.757   -4.674  1.00 14.89 ? 96  SER A O   1 
ATOM   739  C  CB  . SER A 1 96  ? -6.322  8.315   -6.634  1.00 17.03 ? 96  SER A CB  1 
ATOM   740  O  OG  . SER A 1 96  ? -6.337  6.942   -7.049  1.00 19.18 ? 96  SER A OG  1 
ATOM   741  N  N   . HIS A 1 97  ? -5.707  8.002   -3.676  1.00 15.10 ? 97  HIS A N   1 
ATOM   742  C  CA  . HIS A 1 97  ? -5.796  7.251   -2.394  1.00 15.03 ? 97  HIS A CA  1 
ATOM   743  C  C   . HIS A 1 97  ? -4.408  7.119   -1.741  1.00 13.17 ? 97  HIS A C   1 
ATOM   744  O  O   . HIS A 1 97  ? -4.113  6.057   -1.162  1.00 14.12 ? 97  HIS A O   1 
ATOM   745  C  CB  . HIS A 1 97  ? -6.430  5.910   -2.685  1.00 15.96 ? 97  HIS A CB  1 
ATOM   746  C  CG  . HIS A 1 97  ? -7.792  6.070   -3.254  1.00 16.35 ? 97  HIS A CG  1 
ATOM   747  N  ND1 . HIS A 1 97  ? -8.880  5.960   -2.455  1.00 17.15 ? 97  HIS A ND1 1 
ATOM   748  C  CD2 . HIS A 1 97  ? -8.244  6.220   -4.529  1.00 16.38 ? 97  HIS A CD2 1 
ATOM   749  C  CE1 . HIS A 1 97  ? -9.982  6.055   -3.210  1.00 18.86 ? 97  HIS A CE1 1 
ATOM   750  N  NE2 . HIS A 1 97  ? -9.611  6.267   -4.455  1.00 19.59 ? 97  HIS A NE2 1 
ATOM   751  N  N   . LEU A 1 98  ? -3.608  8.146   -1.863  1.00 13.33 ? 98  LEU A N   1 
ATOM   752  C  CA  . LEU A 1 98  ? -2.249  8.132   -1.349  1.00 13.45 ? 98  LEU A CA  1 
ATOM   753  C  C   . LEU A 1 98  ? -2.162  8.916   -0.029  1.00 12.70 ? 98  LEU A C   1 
ATOM   754  O  O   . LEU A 1 98  ? -2.683  10.028  0.048   1.00 14.22 ? 98  LEU A O   1 
ATOM   755  C  CB  . LEU A 1 98  ? -1.316  8.708   -2.401  1.00 14.53 ? 98  LEU A CB  1 
ATOM   756  C  CG  . LEU A 1 98  ? 0.172   8.567   -2.118  1.00 15.30 ? 98  LEU A CG  1 
ATOM   757  C  CD1 . LEU A 1 98  ? 0.612   7.135   -2.132  1.00 14.94 ? 98  LEU A CD1 1 
ATOM   758  C  CD2 . LEU A 1 98  ? 0.986   9.399   -3.079  1.00 16.71 ? 98  LEU A CD2 1 
ATOM   759  N  N   . MET A 1 99  ? -1.413  8.403   0.940   1.00 11.86 ? 99  MET A N   1 
ATOM   760  C  CA  . MET A 1 99  ? -1.160  9.051   2.263   1.00 12.23 ? 99  MET A CA  1 
ATOM   761  C  C   . MET A 1 99  ? 0.301   9.322   2.377   1.00 11.71 ? 99  MET A C   1 
ATOM   762  O  O   . MET A 1 99  ? 1.104   8.476   1.996   1.00 13.57 ? 99  MET A O   1 
ATOM   763  C  CB  . MET A 1 99  ? -1.558  8.092   3.385   1.00 12.10 ? 99  MET A CB  1 
ATOM   764  C  CG  . MET A 1 99  ? -3.052  7.740   3.351   1.00 14.41 ? 99  MET A CG  1 
ATOM   765  S  SD  . MET A 1 99  ? -3.518  6.393   4.420   1.00 13.93 ? 99  MET A SD  1 
ATOM   766  C  CE  . MET A 1 99  ? -2.678  4.985   3.682   1.00 12.99 ? 99  MET A CE  1 
ATOM   767  N  N   . LEU A 1 100 ? 0.665   10.522  2.866   1.00 11.67 ? 100 LEU A N   1 
ATOM   768  C  CA  . LEU A 1 100 ? 2.085   10.874  2.953   1.00 12.14 ? 100 LEU A CA  1 
ATOM   769  C  C   . LEU A 1 100 ? 2.534   11.006  4.404   1.00 11.49 ? 100 LEU A C   1 
ATOM   770  O  O   . LEU A 1 100 ? 1.739   11.447  5.259   1.00 12.15 ? 100 LEU A O   1 
ATOM   771  C  CB  . LEU A 1 100 ? 2.307   12.224  2.260   1.00 15.27 ? 100 LEU A CB  1 
ATOM   772  C  CG  . LEU A 1 100 ? 2.153   12.214  0.745   1.00 17.29 ? 100 LEU A CG  1 
ATOM   773  C  CD1 . LEU A 1 100 ? 2.480   13.582  0.149   1.00 20.15 ? 100 LEU A CD1 1 
ATOM   774  C  CD2 . LEU A 1 100 ? 2.981   11.122  0.094   1.00 19.29 ? 100 LEU A CD2 1 
ATOM   775  N  N   . ALA A 1 101 ? 3.769   10.645  4.641   1.00 10.52 ? 101 ALA A N   1 
ATOM   776  C  CA  . ALA A 1 101 ? 4.469   10.873  5.915   1.00 10.92 ? 101 ALA A CA  1 
ATOM   777  C  C   . ALA A 1 101 ? 5.883   11.319  5.649   1.00 11.42 ? 101 ALA A C   1 
ATOM   778  O  O   . ALA A 1 101 ? 6.447   11.111  4.541   1.00 11.84 ? 101 ALA A O   1 
ATOM   779  C  CB  . ALA A 1 101 ? 4.493   9.629   6.757   1.00 11.10 ? 101 ALA A CB  1 
ATOM   780  N  N   . VAL A 1 102 ? 6.472   11.932  6.665   1.00 11.01 ? 102 VAL A N   1 
ATOM   781  C  CA  . VAL A 1 102 ? 7.913   12.232  6.636   1.00 11.33 ? 102 VAL A CA  1 
ATOM   782  C  C   . VAL A 1 102 ? 8.669   10.966  7.009   1.00 11.19 ? 102 VAL A C   1 
ATOM   783  O  O   . VAL A 1 102 ? 8.471   10.423  8.096   1.00 12.20 ? 102 VAL A O   1 
ATOM   784  C  CB  . VAL A 1 102 ? 8.250   13.414  7.551   1.00 11.28 ? 102 VAL A CB  1 
ATOM   785  C  CG1 . VAL A 1 102 ? 9.731   13.666  7.512   1.00 12.32 ? 102 VAL A CG1 1 
ATOM   786  C  CG2 . VAL A 1 102 ? 7.503   14.652  7.117   1.00 11.63 ? 102 VAL A CG2 1 
ATOM   787  N  N   . GLY A 1 103 ? 9.523   10.515  6.114   1.00 12.85 ? 103 GLY A N   1 
ATOM   788  C  CA  . GLY A 1 103 ? 10.245  9.265   6.362   1.00 13.17 ? 103 GLY A CA  1 
ATOM   789  C  C   . GLY A 1 103 ? 10.985  8.797   5.131   1.00 13.35 ? 103 GLY A C   1 
ATOM   790  O  O   . GLY A 1 103 ? 10.868  9.402   4.053   1.00 14.35 ? 103 GLY A O   1 
ATOM   791  N  N   . HIS A 1 104 ? 11.710  7.721   5.316   1.00 12.72 ? 104 HIS A N   1 
ATOM   792  C  CA  . HIS A 1 104 ? 12.565  7.165   4.262   1.00 13.77 ? 104 HIS A CA  1 
ATOM   793  C  C   . HIS A 1 104 ? 11.820  6.125   3.435   1.00 13.28 ? 104 HIS A C   1 
ATOM   794  O  O   . HIS A 1 104 ? 11.208  5.207   3.989   1.00 13.02 ? 104 HIS A O   1 
ATOM   795  C  CB  . HIS A 1 104 ? 13.810  6.571   4.895   1.00 13.29 ? 104 HIS A CB  1 
ATOM   796  C  CG  . HIS A 1 104 ? 14.811  6.202   3.878   1.00 15.34 ? 104 HIS A CG  1 
ATOM   797  N  ND1 . HIS A 1 104 ? 15.400  7.152   3.084   1.00 15.36 ? 104 HIS A ND1 1 
ATOM   798  C  CD2 . HIS A 1 104 ? 15.197  4.982   3.447   1.00 16.13 ? 104 HIS A CD2 1 
ATOM   799  C  CE1 . HIS A 1 104 ? 16.174  6.492   2.200   1.00 16.19 ? 104 HIS A CE1 1 
ATOM   800  N  NE2 . HIS A 1 104 ? 16.086  5.212   2.443   1.00 16.38 ? 104 HIS A NE2 1 
ATOM   801  N  N   . SER A 1 105 ? 11.952  6.210   2.127   1.00 13.19 ? 105 SER A N   1 
ATOM   802  C  CA  . SER A 1 105 ? 11.323  5.272   1.178   1.00 13.16 ? 105 SER A CA  1 
ATOM   803  C  C   . SER A 1 105 ? 12.148  5.267   -0.101  1.00 14.19 ? 105 SER A C   1 
ATOM   804  O  O   . SER A 1 105 ? 12.189  6.307   -0.776  1.00 16.66 ? 105 SER A O   1 
ATOM   805  C  CB  . SER A 1 105 ? 9.887   5.673   0.954   1.00 13.03 ? 105 SER A CB  1 
ATOM   806  O  OG  . SER A 1 105 ? 9.295   4.801   0.005   1.00 15.34 ? 105 SER A OG  1 
ATOM   807  N  N   . GLU A 1 106 ? 12.642  4.120   -0.446  1.00 13.39 ? 106 GLU A N   1 
ATOM   808  C  CA  . GLU A 1 106 ? 13.277  3.826   -1.760  1.00 14.25 ? 106 GLU A CA  1 
ATOM   809  C  C   . GLU A 1 106 ? 12.382  2.890   -2.552  1.00 15.67 ? 106 GLU A C   1 
ATOM   810  O  O   . GLU A 1 106 ? 11.507  2.235   -1.985  1.00 14.58 ? 106 GLU A O   1 
ATOM   811  C  CB  . GLU A 1 106 ? 14.617  3.128   -1.537  1.00 15.27 ? 106 GLU A CB  1 
ATOM   812  C  CG  . GLU A 1 106 ? 15.533  3.920   -0.647  1.00 17.79 ? 106 GLU A CG  1 
ATOM   813  C  CD  . GLU A 1 106 ? 16.907  3.332   -0.315  1.00 17.52 ? 106 GLU A CD  1 
ATOM   814  O  OE1 . GLU A 1 106 ? 17.259  2.256   -0.835  1.00 22.44 ? 106 GLU A OE1 1 
ATOM   815  O  OE2 . GLU A 1 106 ? 17.534  3.881   0.568   1.00 18.75 ? 106 GLU A OE2 1 
ATOM   816  N  N   . PRO A 1 107 ? 12.572  2.706   -3.881  1.00 16.75 ? 107 PRO A N   1 
ATOM   817  C  CA  . PRO A 1 107 ? 11.638  1.878   -4.648  1.00 16.01 ? 107 PRO A CA  1 
ATOM   818  C  C   . PRO A 1 107 ? 11.388  0.482   -4.070  1.00 14.48 ? 107 PRO A C   1 
ATOM   819  O  O   . PRO A 1 107 ? 10.246  0.014   -4.020  1.00 16.05 ? 107 PRO A O   1 
ATOM   820  C  CB  . PRO A 1 107 ? 12.357  1.804   -6.001  1.00 17.68 ? 107 PRO A CB  1 
ATOM   821  C  CG  . PRO A 1 107 ? 12.939  3.156   -6.106  1.00 17.83 ? 107 PRO A CG  1 
ATOM   822  C  CD  . PRO A 1 107 ? 13.576  3.367   -4.736  1.00 17.05 ? 107 PRO A CD  1 
ATOM   823  N  N   . GLY A 1 108 ? 12.424  -0.205  -3.617  1.00 14.42 ? 108 GLY A N   1 
ATOM   824  C  CA  . GLY A 1 108 ? 12.265  -1.558  -3.126  1.00 15.45 ? 108 GLY A CA  1 
ATOM   825  C  C   . GLY A 1 108 ? 11.555  -1.604  -1.772  1.00 12.44 ? 108 GLY A C   1 
ATOM   826  O  O   . GLY A 1 108 ? 11.313  -2.682  -1.304  1.00 13.97 ? 108 GLY A O   1 
ATOM   827  N  N   . ASP A 1 109 ? 11.355  -0.443  -1.132  1.00 13.04 ? 109 ASP A N   1 
ATOM   828  C  CA  . ASP A 1 109 ? 10.536  -0.404  0.098   1.00 11.87 ? 109 ASP A CA  1 
ATOM   829  C  C   . ASP A 1 109 ? 9.065   -0.591  -0.217  1.00 11.53 ? 109 ASP A C   1 
ATOM   830  O  O   . ASP A 1 109 ? 8.269   -0.836  0.723   1.00 11.18 ? 109 ASP A O   1 
ATOM   831  C  CB  . ASP A 1 109 ? 10.741  0.910   0.855   1.00 11.87 ? 109 ASP A CB  1 
ATOM   832  C  CG  . ASP A 1 109 ? 12.140  0.972   1.450   1.00 11.27 ? 109 ASP A CG  1 
ATOM   833  O  OD1 . ASP A 1 109 ? 12.590  -0.069  1.913   1.00 12.91 ? 109 ASP A OD1 1 
ATOM   834  O  OD2 . ASP A 1 109 ? 12.692  2.084   1.487   1.00 12.60 ? 109 ASP A OD2 1 
ATOM   835  N  N   . CYS A 1 110 ? 8.644   -0.506  -1.468  1.00 11.77 ? 110 CYS A N   1 
ATOM   836  C  CA  . CYS A 1 110 ? 7.236   -0.679  -1.820  1.00 11.56 ? 110 CYS A CA  1 
ATOM   837  C  C   . CYS A 1 110 ? 6.788   -2.026  -1.307  1.00 11.44 ? 110 CYS A C   1 
ATOM   838  O  O   . CYS A 1 110 ? 7.499   -3.034  -1.440  1.00 12.43 ? 110 CYS A O   1 
ATOM   839  C  CB  . CYS A 1 110 ? 7.040   -0.603  -3.334  1.00 12.38 ? 110 CYS A CB  1 
ATOM   840  S  SG  . CYS A 1 110 ? 7.056   1.089   -3.965  1.00 14.26 ? 110 CYS A SG  1 
ATOM   841  N  N   . GLY A 1 111 ? 5.580   -2.046  -0.741  1.00 10.05 ? 111 GLY A N   1 
ATOM   842  C  CA  . GLY A 1 111 ? 4.993   -3.265  -0.192  1.00 10.63 ? 111 GLY A CA  1 
ATOM   843  C  C   . GLY A 1 111 ? 5.117   -3.363  1.309   1.00 10.34 ? 111 GLY A C   1 
ATOM   844  O  O   . GLY A 1 111 ? 4.438   -4.185  1.906   1.00 11.35 ? 111 GLY A O   1 
ATOM   845  N  N   . GLY A 1 112 ? 5.959   -2.547  1.946   1.00 11.00 ? 112 GLY A N   1 
ATOM   846  C  CA  . GLY A 1 112 ? 6.038   -2.492  3.407   1.00 10.83 ? 112 GLY A CA  1 
ATOM   847  C  C   . GLY A 1 112 ? 4.697   -2.087  3.996   1.00 9.94  ? 112 GLY A C   1 
ATOM   848  O  O   . GLY A 1 112 ? 4.054   -1.169  3.487   1.00 9.80  ? 112 GLY A O   1 
ATOM   849  N  N   . ILE A 1 113 ? 4.286   -2.737  5.063   1.00 9.73  ? 113 ILE A N   1 
ATOM   850  C  CA  . ILE A 1 113 ? 2.972   -2.457  5.688   1.00 9.67  ? 113 ILE A CA  1 
ATOM   851  C  C   . ILE A 1 113 ? 3.067   -1.211  6.552   1.00 9.26  ? 113 ILE A C   1 
ATOM   852  O  O   . ILE A 1 113 ? 4.000   -1.057  7.364   1.00 9.28  ? 113 ILE A O   1 
ATOM   853  C  CB  . ILE A 1 113 ? 2.533   -3.668  6.501   1.00 11.22 ? 113 ILE A CB  1 
ATOM   854  C  CG1 . ILE A 1 113 ? 2.024   -4.694  5.490   1.00 15.81 ? 113 ILE A CG1 1 
ATOM   855  C  CG2 . ILE A 1 113 ? 1.449   -3.359  7.542   1.00 10.87 ? 113 ILE A CG2 1 
ATOM   856  C  CD1 . ILE A 1 113 ? 1.720   -6.029  6.062   1.00 18.09 ? 113 ILE A CD1 1 
ATOM   857  N  N   . LEU A 1 114 ? 2.008   -0.419  6.458   1.00 9.11  ? 114 LEU A N   1 
ATOM   858  C  CA  . LEU A 1 114 ? 1.658   0.664   7.429   1.00 9.16  ? 114 LEU A CA  1 
ATOM   859  C  C   . LEU A 1 114 ? 0.513   0.083   8.248   1.00 9.58  ? 114 LEU A C   1 
ATOM   860  O  O   . LEU A 1 114 ? -0.498  -0.372  7.636   1.00 9.47  ? 114 LEU A O   1 
ATOM   861  C  CB  . LEU A 1 114 ? 1.222   1.913   6.661   1.00 9.49  ? 114 LEU A CB  1 
ATOM   862  C  CG  . LEU A 1 114 ? 0.650   3.027   7.532   1.00 9.45  ? 114 LEU A CG  1 
ATOM   863  C  CD1 . LEU A 1 114 ? 1.662   3.603   8.499   1.00 10.19 ? 114 LEU A CD1 1 
ATOM   864  C  CD2 . LEU A 1 114 ? 0.084   4.119   6.643   1.00 10.56 ? 114 LEU A CD2 1 
ATOM   865  N  N   . ARG A 1 115 ? 0.638   0.108   9.560   1.00 9.19  ? 115 ARG A N   1 
ATOM   866  C  CA  . ARG A 1 115 ? -0.399  -0.419  10.461  1.00 10.19 ? 115 ARG A CA  1 
ATOM   867  C  C   . ARG A 1 115 ? -0.726  0.585   11.543  1.00 10.28 ? 115 ARG A C   1 
ATOM   868  O  O   . ARG A 1 115 ? 0.114   1.360   11.980  1.00 10.25 ? 115 ARG A O   1 
ATOM   869  C  CB  . ARG A 1 115 ? 0.026   -1.730  11.073  1.00 11.30 ? 115 ARG A CB  1 
ATOM   870  C  CG  . ARG A 1 115 ? 1.245   -1.638  11.980  1.00 12.04 ? 115 ARG A CG  1 
ATOM   871  C  CD  . ARG A 1 115 ? 1.694   -2.995  12.472  1.00 15.20 ? 115 ARG A CD  1 
ATOM   872  N  NE  . ARG A 1 115 ? 2.384   -3.753  11.439  1.00 16.55 ? 115 ARG A NE  1 
ATOM   873  C  CZ  . ARG A 1 115 ? 2.101   -5.000  11.022  1.00 18.88 ? 115 ARG A CZ  1 
ATOM   874  N  NH1 . ARG A 1 115 ? 1.008   -5.635  11.427  1.00 22.94 ? 115 ARG A NH1 1 
ATOM   875  N  NH2 . ARG A 1 115 ? 2.870   -5.580  10.114  1.00 20.99 ? 115 ARG A NH2 1 
ATOM   876  N  N   . CYS A 1 116 ? -1.976  0.557   11.978  1.00 9.77  ? 116 CYS A N   1 
ATOM   877  C  CA  . CYS A 1 116 ? -2.456  1.345   13.125  1.00 11.45 ? 116 CYS A CA  1 
ATOM   878  C  C   . CYS A 1 116 ? -2.999  0.359   14.139  1.00 11.70 ? 116 CYS A C   1 
ATOM   879  O  O   . CYS A 1 116 ? -2.974  -0.835  13.959  1.00 12.68 ? 116 CYS A O   1 
ATOM   880  C  CB  . CYS A 1 116 ? -3.519  2.357   12.702  1.00 10.61 ? 116 CYS A CB  1 
ATOM   881  S  SG  . CYS A 1 116 ? -5.035  1.526   12.135  1.00 11.41 ? 116 CYS A SG  1 
ATOM   882  N  N   . GLN A 1 117 ? -3.596  0.902   15.206  1.00 13.27 ? 117 GLN A N   1 
ATOM   883  C  CA  . GLN A 1 117 ? -4.215  0.063   16.239  1.00 14.97 ? 117 GLN A CA  1 
ATOM   884  C  C   . GLN A 1 117 ? -5.329  -0.814  15.664  1.00 15.63 ? 117 GLN A C   1 
ATOM   885  O  O   . GLN A 1 117 ? -5.650  -1.844  16.269  1.00 18.27 ? 117 GLN A O   1 
ATOM   886  C  CB  . GLN A 1 117 ? -4.703  0.966   17.375  1.00 16.13 ? 117 GLN A CB  1 
ATOM   887  C  CG  . GLN A 1 117 ? -5.911  1.791   16.959  1.00 17.71 ? 117 GLN A CG  1 
ATOM   888  C  CD  . GLN A 1 117 ? -6.464  2.659   18.060  1.00 23.41 ? 117 GLN A CD  1 
ATOM   889  O  OE1 . GLN A 1 117 ? -6.091  3.822   18.195  1.00 27.58 ? 117 GLN A OE1 1 
ATOM   890  N  NE2 . GLN A 1 117 ? -7.392  2.099   18.819  1.00 25.77 ? 117 GLN A NE2 1 
ATOM   891  N  N   . HIS A 1 118 ? -5.918  -0.506  14.528  1.00 14.28 ? 118 HIS A N   1 
ATOM   892  C  CA  . HIS A 1 118 ? -7.016  -1.320  13.957  1.00 14.08 ? 118 HIS A CA  1 
ATOM   893  C  C   . HIS A 1 118 ? -6.552  -2.392  12.959  1.00 15.09 ? 118 HIS A C   1 
ATOM   894  O  O   . HIS A 1 118 ? -7.403  -3.170  12.491  1.00 16.95 ? 118 HIS A O   1 
ATOM   895  C  CB  . HIS A 1 118 ? -7.993  -0.384  13.282  1.00 13.02 ? 118 HIS A CB  1 
ATOM   896  C  CG  . HIS A 1 118 ? -8.518  0.662   14.197  1.00 12.68 ? 118 HIS A CG  1 
ATOM   897  N  ND1 . HIS A 1 118 ? -8.105  1.948   14.141  1.00 12.09 ? 118 HIS A ND1 1 
ATOM   898  C  CD2 . HIS A 1 118 ? -9.491  0.599   15.155  1.00 14.91 ? 118 HIS A CD2 1 
ATOM   899  C  CE1 . HIS A 1 118 ? -8.724  2.656   15.097  1.00 13.54 ? 118 HIS A CE1 1 
ATOM   900  N  NE2 . HIS A 1 118 ? -9.542  1.830   15.724  1.00 16.17 ? 118 HIS A NE2 1 
ATOM   901  N  N   . GLY A 1 119 ? -5.269  -2.430  12.579  1.00 13.69 ? 119 GLY A N   1 
ATOM   902  C  CA  . GLY A 1 119 ? -4.735  -3.366  11.574  1.00 12.99 ? 119 GLY A CA  1 
ATOM   903  C  C   . GLY A 1 119 ? -3.989  -2.668  10.456  1.00 11.79 ? 119 GLY A C   1 
ATOM   904  O  O   . GLY A 1 119 ? -3.450  -1.597  10.653  1.00 11.61 ? 119 GLY A O   1 
ATOM   905  N  N   . VAL A 1 120 ? -4.015  -3.293  9.280   1.00 11.04 ? 120 VAL A N   1 
ATOM   906  C  CA  . VAL A 1 120 ? -3.221  -2.835  8.130   1.00 10.93 ? 120 VAL A CA  1 
ATOM   907  C  C   . VAL A 1 120 ? -3.923  -1.670  7.474   1.00 10.65 ? 120 VAL A C   1 
ATOM   908  O  O   . VAL A 1 120 ? -5.142  -1.772  7.108   1.00 11.89 ? 120 VAL A O   1 
ATOM   909  C  CB  . VAL A 1 120 ? -2.991  -3.971  7.134   1.00 11.63 ? 120 VAL A CB  1 
ATOM   910  C  CG1 . VAL A 1 120 ? -2.304  -3.434  5.892   1.00 11.79 ? 120 VAL A CG1 1 
ATOM   911  C  CG2 . VAL A 1 120 ? -2.192  -5.085  7.756   1.00 13.07 ? 120 VAL A CG2 1 
ATOM   912  N  N   . VAL A 1 121 ? -3.267  -0.545  7.338   1.00 10.05 ? 121 VAL A N   1 
ATOM   913  C  CA  . VAL A 1 121 ? -3.782  0.681   6.714   1.00 10.64 ? 121 VAL A CA  1 
ATOM   914  C  C   . VAL A 1 121 ? -3.501  0.693   5.229   1.00 9.88  ? 121 VAL A C   1 
ATOM   915  O  O   . VAL A 1 121 ? -4.291  1.183   4.452   1.00 10.41 ? 121 VAL A O   1 
ATOM   916  C  CB  . VAL A 1 121 ? -3.168  1.894   7.424   1.00 10.71 ? 121 VAL A CB  1 
ATOM   917  C  CG1 . VAL A 1 121 ? -3.549  3.173   6.758   1.00 11.11 ? 121 VAL A CG1 1 
ATOM   918  C  CG2 . VAL A 1 121 ? -3.482  1.890   8.910   1.00 11.92 ? 121 VAL A CG2 1 
ATOM   919  N  N   . GLY A 1 122 ? -2.301  0.261   4.841   1.00 10.60 ? 122 GLY A N   1 
ATOM   920  C  CA  . GLY A 1 122 ? -1.868  0.342   3.452   1.00 10.96 ? 122 GLY A CA  1 
ATOM   921  C  C   . GLY A 1 122 ? -0.466  -0.154  3.302   1.00 9.48  ? 122 GLY A C   1 
ATOM   922  O  O   . GLY A 1 122 ? 0.086   -0.755  4.244   1.00 10.21 ? 122 GLY A O   1 
ATOM   923  N  N   . ILE A 1 123 ? 0.079   0.044   2.115   1.00 9.44  ? 123 ILE A N   1 
ATOM   924  C  CA  . ILE A 1 123 ? 1.448   -0.416  1.808   1.00 9.20  ? 123 ILE A CA  1 
ATOM   925  C  C   . ILE A 1 123 ? 2.236   0.754   1.207   1.00 9.81  ? 123 ILE A C   1 
ATOM   926  O  O   . ILE A 1 123 ? 1.684   1.609   0.505   1.00 10.24 ? 123 ILE A O   1 
ATOM   927  C  CB  . ILE A 1 123 ? 1.452   -1.651  0.874   1.00 10.53 ? 123 ILE A CB  1 
ATOM   928  C  CG1 . ILE A 1 123 ? 0.626   -1.451  -0.406  1.00 11.06 ? 123 ILE A CG1 1 
ATOM   929  C  CG2 . ILE A 1 123 ? 1.080   -2.913  1.630   1.00 10.86 ? 123 ILE A CG2 1 
ATOM   930  C  CD1 . ILE A 1 123 ? 0.801   -2.570  -1.445  1.00 11.54 ? 123 ILE A CD1 1 
ATOM   931  N  N   . VAL A 1 124 ? 3.529   0.733   1.428   1.00 9.31  ? 124 VAL A N   1 
ATOM   932  C  CA  . VAL A 1 124 ? 4.429   1.728   0.825   1.00 10.25 ? 124 VAL A CA  1 
ATOM   933  C  C   . VAL A 1 124 ? 4.252   1.663   -0.682  1.00 10.19 ? 124 VAL A C   1 
ATOM   934  O  O   . VAL A 1 124 ? 4.258   0.558   -1.278  1.00 10.70 ? 124 VAL A O   1 
ATOM   935  C  CB  . VAL A 1 124 ? 5.876   1.472   1.194   1.00 10.19 ? 124 VAL A CB  1 
ATOM   936  C  CG1 . VAL A 1 124 ? 6.780   2.398   0.423   1.00 10.39 ? 124 VAL A CG1 1 
ATOM   937  C  CG2 . VAL A 1 124 ? 6.121   1.615   2.687   1.00 10.27 ? 124 VAL A CG2 1 
ATOM   938  N  N   . SER A 1 125 ? 4.117   2.815   -1.305  1.00 10.76 ? 125 SER A N   1 
ATOM   939  C  CA  . SER A 1 125 ? 3.914   2.948   -2.764  1.00 12.24 ? 125 SER A CA  1 
ATOM   940  C  C   . SER A 1 125 ? 4.822   4.001   -3.395  1.00 13.25 ? 125 SER A C   1 
ATOM   941  O  O   . SER A 1 125 ? 5.129   3.878   -4.630  1.00 14.37 ? 125 SER A O   1 
ATOM   942  C  CB  . SER A 1 125 ? 2.496   3.262   -3.064  1.00 12.18 ? 125 SER A CB  1 
ATOM   943  O  OG  . SER A 1 125 ? 2.261   3.374   -4.489  1.00 13.85 ? 125 SER A OG  1 
ATOM   944  N  N   . THR A 1 126 ? 5.251   5.029   -2.655  1.00 13.47 ? 126 THR A N   1 
ATOM   945  C  CA  . THR A 1 126 ? 6.063   6.118   -3.257  1.00 13.71 ? 126 THR A CA  1 
ATOM   946  C  C   . THR A 1 126 ? 7.157   6.524   -2.285  1.00 13.31 ? 126 THR A C   1 
ATOM   947  O  O   . THR A 1 126 ? 7.071   6.206   -1.071  1.00 13.33 ? 126 THR A O   1 
ATOM   948  C  CB  . THR A 1 126 ? 5.212   7.339   -3.629  1.00 15.55 ? 126 THR A CB  1 
ATOM   949  O  OG1 . THR A 1 126 ? 4.747   7.974   -2.438  1.00 16.79 ? 126 THR A OG1 1 
ATOM   950  C  CG2 . THR A 1 126 ? 3.998   7.044   -4.491  1.00 15.84 ? 126 THR A CG2 1 
ATOM   951  N  N   . GLY A 1 127 ? 8.147   7.238   -2.807  1.00 13.71 ? 127 GLY A N   1 
ATOM   952  C  CA  . GLY A 1 127 ? 9.197   7.767   -1.943  1.00 15.17 ? 127 GLY A CA  1 
ATOM   953  C  C   . GLY A 1 127 ? 9.927   8.892   -2.641  1.00 18.04 ? 127 GLY A C   1 
ATOM   954  O  O   . GLY A 1 127 ? 9.622   9.160   -3.819  1.00 23.69 ? 127 GLY A O   1 
ATOM   955  N  N   . GLY A 1 128 ? 10.837  9.541   -1.921  1.00 23.83 ? 128 GLY A N   1 
ATOM   956  C  CA  . GLY A 1 128 ? 11.635  10.688  -2.414  1.00 23.79 ? 128 GLY A CA  1 
ATOM   957  C  C   . GLY A 1 128 ? 11.390  11.958  -1.613  1.00 24.29 ? 128 GLY A C   1 
ATOM   958  O  O   . GLY A 1 128 ? 10.294  12.151  -1.006  1.00 21.56 ? 128 GLY A O   1 
ATOM   959  N  N   . ASN A 1 129 ? 12.352  12.882  -1.697  1.00 24.66 ? 129 ASN A N   1 
ATOM   960  C  CA  . ASN A 1 129 ? 12.289  14.214  -1.038  1.00 22.41 ? 129 ASN A CA  1 
ATOM   961  C  C   . ASN A 1 129 ? 11.946  14.030  0.430   1.00 19.47 ? 129 ASN A C   1 
ATOM   962  O  O   . ASN A 1 129 ? 11.280  14.920  0.994   1.00 21.35 ? 129 ASN A O   1 
ATOM   963  C  CB  . ASN A 1 129 ? 11.249  15.159  -1.633  1.00 24.86 ? 129 ASN A CB  1 
ATOM   964  C  CG  . ASN A 1 129 ? 11.619  15.611  -3.024  1.00 27.83 ? 129 ASN A CG  1 
ATOM   965  O  OD1 . ASN A 1 129 ? 12.800  15.827  -3.302  1.00 30.14 ? 129 ASN A OD1 1 
ATOM   966  N  ND2 . ASN A 1 129 ? 10.621  15.727  -3.875  1.00 27.35 ? 129 ASN A ND2 1 
ATOM   967  N  N   . GLY A 1 130 ? 12.442  12.964  1.045   1.00 17.82 ? 130 GLY A N   1 
ATOM   968  C  CA  . GLY A 1 130 ? 12.285  12.765  2.488   1.00 16.01 ? 130 GLY A CA  1 
ATOM   969  C  C   . GLY A 1 130 ? 10.869  12.401  2.891   1.00 14.28 ? 130 GLY A C   1 
ATOM   970  O  O   . GLY A 1 130 ? 10.551  12.505  4.054   1.00 13.73 ? 130 GLY A O   1 
ATOM   971  N  N   . LEU A 1 131 ? 10.026  11.980  1.945   1.00 14.18 ? 131 LEU A N   1 
ATOM   972  C  CA  . LEU A 1 131 ? 8.642   11.580  2.218   1.00 13.88 ? 131 LEU A CA  1 
ATOM   973  C  C   . LEU A 1 131 ? 8.468   10.113  1.814   1.00 12.96 ? 131 LEU A C   1 
ATOM   974  O  O   . LEU A 1 131 ? 9.174   9.580   0.918   1.00 14.45 ? 131 LEU A O   1 
ATOM   975  C  CB  . LEU A 1 131 ? 7.686   12.442  1.406   1.00 16.15 ? 131 LEU A CB  1 
ATOM   976  C  CG  . LEU A 1 131 ? 7.787   13.951  1.639   1.00 16.53 ? 131 LEU A CG  1 
ATOM   977  C  CD1 . LEU A 1 131 ? 6.815   14.683  0.747   1.00 20.11 ? 131 LEU A CD1 1 
ATOM   978  C  CD2 . LEU A 1 131 ? 7.553   14.320  3.083   1.00 17.03 ? 131 LEU A CD2 1 
ATOM   979  N  N   . VAL A 1 132 ? 7.475   9.501   2.424   1.00 12.25 ? 132 VAL A N   1 
ATOM   980  C  CA  . VAL A 1 132 ? 7.032   8.128   2.084   1.00 11.84 ? 132 VAL A CA  1 
ATOM   981  C  C   . VAL A 1 132 ? 5.563   8.270   1.786   1.00 12.08 ? 132 VAL A C   1 
ATOM   982  O  O   . VAL A 1 132 ? 4.812   8.936   2.543   1.00 12.85 ? 132 VAL A O   1 
ATOM   983  C  CB  . VAL A 1 132 ? 7.375   7.145   3.204   1.00 12.05 ? 132 VAL A CB  1 
ATOM   984  C  CG1 . VAL A 1 132 ? 6.921   7.566   4.571   1.00 13.87 ? 132 VAL A CG1 1 
ATOM   985  C  CG2 . VAL A 1 132 ? 6.888   5.769   2.838   1.00 11.34 ? 132 VAL A CG2 1 
ATOM   986  N  N   . GLY A 1 133 ? 5.086   7.620   0.729   1.00 11.03 ? 133 GLY A N   1 
ATOM   987  C  CA  . GLY A 1 133 ? 3.678   7.565   0.413   1.00 10.49 ? 133 GLY A CA  1 
ATOM   988  C  C   . GLY A 1 133 ? 3.186   6.138   0.539   1.00 10.22 ? 133 GLY A C   1 
ATOM   989  O  O   . GLY A 1 133 ? 3.875   5.206   0.118   1.00 12.07 ? 133 GLY A O   1 
ATOM   990  N  N   . PHE A 1 134 ? 1.976   6.005   1.017   1.00 10.31 ? 134 PHE A N   1 
ATOM   991  C  CA  . PHE A 1 134 ? 1.327   4.700   1.244   1.00 10.44 ? 134 PHE A CA  1 
ATOM   992  C  C   . PHE A 1 134 ? 0.022   4.664   0.493   1.00 10.74 ? 134 PHE A C   1 
ATOM   993  O  O   . PHE A 1 134 ? -0.799  5.597   0.550   1.00 11.95 ? 134 PHE A O   1 
ATOM   994  C  CB  . PHE A 1 134 ? 0.990   4.521   2.717   1.00 10.09 ? 134 PHE A CB  1 
ATOM   995  C  CG  . PHE A 1 134 ? 2.136   4.762   3.662   1.00 10.37 ? 134 PHE A CG  1 
ATOM   996  C  CD1 . PHE A 1 134 ? 3.061   3.789   3.918   1.00 9.53  ? 134 PHE A CD1 1 
ATOM   997  C  CD2 . PHE A 1 134 ? 2.317   6.005   4.287   1.00 10.66 ? 134 PHE A CD2 1 
ATOM   998  C  CE1 . PHE A 1 134 ? 4.100   3.994   4.790   1.00 9.88  ? 134 PHE A CE1 1 
ATOM   999  C  CE2 . PHE A 1 134 ? 3.378   6.195   5.166   1.00 10.87 ? 134 PHE A CE2 1 
ATOM   1000 C  CZ  . PHE A 1 134 ? 4.259   5.182   5.438   1.00 10.07 ? 134 PHE A CZ  1 
ATOM   1001 N  N   . ALA A 1 135 ? -0.186  3.556   -0.207  1.00 10.66 ? 135 ALA A N   1 
ATOM   1002 C  CA  . ALA A 1 135 ? -1.467  3.304   -0.885  1.00 10.34 ? 135 ALA A CA  1 
ATOM   1003 C  C   . ALA A 1 135 ? -2.449  2.788   0.170   1.00 10.20 ? 135 ALA A C   1 
ATOM   1004 O  O   . ALA A 1 135 ? -2.264  1.720   0.771   1.00 10.68 ? 135 ALA A O   1 
ATOM   1005 C  CB  . ALA A 1 135 ? -1.284  2.302   -1.998  1.00 11.01 ? 135 ALA A CB  1 
ATOM   1006 N  N   . ASP A 1 136 ? -3.541  3.529   0.386   1.00 10.26 ? 136 ASP A N   1 
ATOM   1007 C  CA  . ASP A 1 136 ? -4.551  3.168   1.371   1.00 11.02 ? 136 ASP A CA  1 
ATOM   1008 C  C   . ASP A 1 136 ? -5.307  1.930   0.886   1.00 10.40 ? 136 ASP A C   1 
ATOM   1009 O  O   . ASP A 1 136 ? -5.546  1.786   -0.369  1.00 11.83 ? 136 ASP A O   1 
ATOM   1010 C  CB  . ASP A 1 136 ? -5.561  4.299   1.550   1.00 11.98 ? 136 ASP A CB  1 
ATOM   1011 C  CG  . ASP A 1 136 ? -6.585  4.046   2.603   1.00 12.32 ? 136 ASP A CG  1 
ATOM   1012 O  OD1 . ASP A 1 136 ? -6.223  3.678   3.696   1.00 12.37 ? 136 ASP A OD1 1 
ATOM   1013 O  OD2 . ASP A 1 136 ? -7.796  4.129   2.254   1.00 15.28 ? 136 ASP A OD2 1 
ATOM   1014 N  N   . VAL A 1 137 ? -5.702  1.087   1.807   1.00 10.39 ? 137 VAL A N   1 
ATOM   1015 C  CA  . VAL A 1 137 ? -6.623  -0.040  1.496   1.00 11.41 ? 137 VAL A CA  1 
ATOM   1016 C  C   . VAL A 1 137 ? -7.866  -0.015  2.384   1.00 11.77 ? 137 VAL A C   1 
ATOM   1017 O  O   . VAL A 1 137 ? -8.671  -0.916  2.263   1.00 12.32 ? 137 VAL A O   1 
ATOM   1018 C  CB  . VAL A 1 137 ? -5.907  -1.400  1.607   1.00 11.34 ? 137 VAL A CB  1 
ATOM   1019 C  CG1 . VAL A 1 137 ? -4.784  -1.488  0.579   1.00 11.68 ? 137 VAL A CG1 1 
ATOM   1020 C  CG2 . VAL A 1 137 ? -5.389  -1.695  2.988   1.00 11.57 ? 137 VAL A CG2 1 
ATOM   1021 N  N   . ARG A 1 138 ? -7.952  0.950   3.309   1.00 11.65 ? 138 ARG A N   1 
ATOM   1022 C  CA  . ARG A 1 138 ? -9.049  0.906   4.277   1.00 11.64 ? 138 ARG A CA  1 
ATOM   1023 C  C   . ARG A 1 138 ? -10.420 1.159   3.637   1.00 12.05 ? 138 ARG A C   1 
ATOM   1024 O  O   . ARG A 1 138 ? -11.403 0.805   4.309   1.00 13.74 ? 138 ARG A O   1 
ATOM   1025 C  CB  . ARG A 1 138 ? -8.804  1.939   5.368   1.00 11.22 ? 138 ARG A CB  1 
ATOM   1026 C  CG  . ARG A 1 138 ? -7.536  1.703   6.187   1.00 10.79 ? 138 ARG A CG  1 
ATOM   1027 C  CD  . ARG A 1 138 ? -7.355  2.821   7.183   1.00 10.65 ? 138 ARG A CD  1 
ATOM   1028 N  NE  . ARG A 1 138 ? -7.000  4.002   6.489   1.00 11.77 ? 138 ARG A NE  1 
ATOM   1029 C  CZ  . ARG A 1 138 ? -6.642  5.143   7.052   1.00 11.14 ? 138 ARG A CZ  1 
ATOM   1030 N  NH1 . ARG A 1 138 ? -6.789  5.288   8.363   1.00 11.13 ? 138 ARG A NH1 1 
ATOM   1031 N  NH2 . ARG A 1 138 ? -6.147  6.108   6.303   1.00 11.76 ? 138 ARG A NH2 1 
ATOM   1032 N  N   . ASP A 1 139 ? -10.464 1.749   2.474   1.00 12.40 ? 139 ASP A N   1 
ATOM   1033 C  CA  . ASP A 1 139 ? -11.763 1.970   1.785   1.00 13.10 ? 139 ASP A CA  1 
ATOM   1034 C  C   . ASP A 1 139 ? -12.149 0.729   0.977   1.00 15.55 ? 139 ASP A C   1 
ATOM   1035 O  O   . ASP A 1 139 ? -13.280 0.772   0.451   1.00 17.08 ? 139 ASP A O   1 
ATOM   1036 C  CB  . ASP A 1 139 ? -11.676 3.157   0.853   1.00 14.76 ? 139 ASP A CB  1 
ATOM   1037 C  CG  . ASP A 1 139 ? -10.729 2.944   -0.316  1.00 17.74 ? 139 ASP A CG  1 
ATOM   1038 O  OD1 . ASP A 1 139 ? -9.669  2.312   -0.095  1.00 15.78 ? 139 ASP A OD1 1 
ATOM   1039 O  OD2 . ASP A 1 139 ? -11.036 3.387   -1.434  1.00 21.22 ? 139 ASP A OD2 1 
ATOM   1040 N  N   . LEU A 1 140 ? -11.328 -0.317  0.889   1.00 13.77 ? 140 LEU A N   1 
ATOM   1041 C  CA  . LEU A 1 140 ? -11.653 -1.507  0.055   1.00 13.77 ? 140 LEU A CA  1 
ATOM   1042 C  C   . LEU A 1 140 ? -12.340 -2.480  0.964   1.00 12.90 ? 140 LEU A C   1 
ATOM   1043 O  O   . LEU A 1 140 ? -11.836 -3.485  1.445   1.00 14.00 ? 140 LEU A O   1 
ATOM   1044 C  CB  . LEU A 1 140 ? -10.358 -2.077  -0.502  1.00 13.59 ? 140 LEU A CB  1 
ATOM   1045 C  CG  . LEU A 1 140 ? -9.616  -1.119  -1.406  1.00 16.05 ? 140 LEU A CG  1 
ATOM   1046 C  CD1 . LEU A 1 140 ? -8.318  -1.768  -1.864  1.00 15.00 ? 140 LEU A CD1 1 
ATOM   1047 C  CD2 . LEU A 1 140 ? -10.423 -0.633  -2.611  1.00 16.27 ? 140 LEU A CD2 1 
ATOM   1048 N  N   . LEU A 1 141 ? -13.633 -2.175  1.206   1.00 15.04 ? 141 LEU A N   1 
ATOM   1049 C  CA  . LEU A 1 141 ? -14.409 -2.893  2.217   1.00 15.16 ? 141 LEU A CA  1 
ATOM   1050 C  C   . LEU A 1 141 ? -14.652 -4.336  1.794   1.00 15.69 ? 141 LEU A C   1 
ATOM   1051 O  O   . LEU A 1 141 ? -14.742 -5.204  2.626   1.00 16.79 ? 141 LEU A O   1 
ATOM   1052 C  CB  . LEU A 1 141 ? -15.757 -2.198  2.471   1.00 17.10 ? 141 LEU A CB  1 
ATOM   1053 C  CG  . LEU A 1 141 ? -15.656 -0.722  2.821   1.00 17.13 ? 141 LEU A CG  1 
ATOM   1054 C  CD1 . LEU A 1 141 ? -17.048 -0.194  3.159   1.00 18.82 ? 141 LEU A CD1 1 
ATOM   1055 C  CD2 . LEU A 1 141 ? -14.719 -0.457  3.984   1.00 17.33 ? 141 LEU A CD2 1 
ATOM   1056 N  N   . TRP A 1 142 ? -14.663 -4.588  0.483   1.00 15.71 ? 142 TRP A N   1 
ATOM   1057 C  CA  . TRP A 1 142 ? -14.918 -5.943  -0.053  1.00 16.14 ? 142 TRP A CA  1 
ATOM   1058 C  C   . TRP A 1 142 ? -13.776 -6.904  0.274   1.00 16.88 ? 142 TRP A C   1 
ATOM   1059 O  O   . TRP A 1 142 ? -13.959 -8.121  0.102   1.00 19.61 ? 142 TRP A O   1 
ATOM   1060 C  CB  . TRP A 1 142 ? -15.193 -5.816  -1.556  1.00 16.55 ? 142 TRP A CB  1 
ATOM   1061 C  CG  . TRP A 1 142 ? -14.103 -5.114  -2.311  1.00 15.03 ? 142 TRP A CG  1 
ATOM   1062 C  CD1 . TRP A 1 142 ? -14.108 -3.828  -2.726  1.00 15.86 ? 142 TRP A CD1 1 
ATOM   1063 C  CD2 . TRP A 1 142 ? -12.858 -5.688  -2.773  1.00 15.99 ? 142 TRP A CD2 1 
ATOM   1064 N  NE1 . TRP A 1 142 ? -12.967 -3.538  -3.425  1.00 16.35 ? 142 TRP A NE1 1 
ATOM   1065 C  CE2 . TRP A 1 142 ? -12.211 -4.666  -3.487  1.00 16.53 ? 142 TRP A CE2 1 
ATOM   1066 C  CE3 . TRP A 1 142 ? -12.329 -6.980  -2.748  1.00 17.19 ? 142 TRP A CE3 1 
ATOM   1067 C  CZ2 . TRP A 1 142 ? -10.983 -4.892  -4.112  1.00 17.46 ? 142 TRP A CZ2 1 
ATOM   1068 C  CZ3 . TRP A 1 142 ? -11.101 -7.199  -3.360  1.00 18.85 ? 142 TRP A CZ3 1 
ATOM   1069 C  CH2 . TRP A 1 142 ? -10.457 -6.154  -4.017  1.00 17.58 ? 142 TRP A CH2 1 
ATOM   1070 N  N   . LEU A 1 143 ? -12.598 -6.415  0.681   1.00 16.77 ? 143 LEU A N   1 
ATOM   1071 C  CA  . LEU A 1 143 ? -11.482 -7.322  1.035   1.00 16.85 ? 143 LEU A CA  1 
ATOM   1072 C  C   . LEU A 1 143 ? -11.868 -8.208  2.228   1.00 20.02 ? 143 LEU A C   1 
ATOM   1073 O  O   . LEU A 1 143 ? -11.237 -9.256  2.413   1.00 20.95 ? 143 LEU A O   1 
ATOM   1074 C  CB  . LEU A 1 143 ? -10.222 -6.552  1.434   1.00 16.94 ? 143 LEU A CB  1 
ATOM   1075 C  CG  . LEU A 1 143 ? -9.432  -5.852  0.343   1.00 15.52 ? 143 LEU A CG  1 
ATOM   1076 C  CD1 . LEU A 1 143 ? -8.362  -4.962  0.971   1.00 15.50 ? 143 LEU A CD1 1 
ATOM   1077 C  CD2 . LEU A 1 143 ? -8.788  -6.872  -0.615  1.00 16.82 ? 143 LEU A CD2 1 
ATOM   1078 N  N   . ASP A 1 144 ? -12.833 -7.741  3.045   1.00 21.79 ? 144 ASP A N   1 
ATOM   1079 C  CA  . ASP A 1 144 ? -13.196 -8.368  4.344   1.00 25.96 ? 144 ASP A CA  1 
ATOM   1080 C  C   . ASP A 1 144 ? -14.162 -9.537  4.144   1.00 30.42 ? 144 ASP A C   1 
ATOM   1081 O  O   . ASP A 1 144 ? -14.392 -10.247 5.151   1.00 34.83 ? 144 ASP A O   1 
ATOM   1082 C  CB  . ASP A 1 144 ? -13.827 -7.349  5.297   1.00 26.85 ? 144 ASP A CB  1 
ATOM   1083 C  CG  . ASP A 1 144 ? -12.851 -6.365  5.915   1.00 26.12 ? 144 ASP A CG  1 
ATOM   1084 O  OD1 . ASP A 1 144 ? -11.622 -6.491  5.666   1.00 28.84 ? 144 ASP A OD1 1 
ATOM   1085 O  OD2 . ASP A 1 144 ? -13.339 -5.399  6.549   1.00 29.51 ? 144 ASP A OD2 1 
ATOM   1086 N  N   . GLU A 1 145 ? -14.663 -9.771  2.923   1.00 35.97 ? 145 GLU A N   1 
ATOM   1087 C  CA  . GLU A 1 145 ? -15.695 -10.815 2.638   1.00 45.57 ? 145 GLU A CA  1 
ATOM   1088 C  C   . GLU A 1 145 ? -15.445 -11.527 1.301   1.00 50.19 ? 145 GLU A C   1 
ATOM   1089 O  O   . GLU A 1 145 ? -14.621 -11.040 0.501   1.00 49.43 ? 145 GLU A O   1 
ATOM   1090 C  CB  . GLU A 1 145 ? -17.067 -10.154 2.584   1.00 48.39 ? 145 GLU A CB  1 
ATOM   1091 C  CG  . GLU A 1 145 ? -17.232 -9.228  1.385   1.00 49.61 ? 145 GLU A CG  1 
ATOM   1092 C  CD  . GLU A 1 145 ? -18.041 -7.971  1.651   1.00 54.76 ? 145 GLU A CD  1 
ATOM   1093 O  OE1 . GLU A 1 145 ? -18.255 -7.185  0.696   1.00 54.68 ? 145 GLU A OE1 1 
ATOM   1094 O  OE2 . GLU A 1 145 ? -18.451 -7.768  2.810   1.00 62.54 ? 145 GLU A OE2 1 
ATOM   1095 N  N   . GLU A 1 146 ? -16.176 -12.625 1.062   1.00 61.35 ? 146 GLU A N   1 
ATOM   1096 C  CA  . GLU A 1 146 ? -16.306 -13.292 -0.264  1.00 65.17 ? 146 GLU A CA  1 
ATOM   1097 C  C   . GLU A 1 146 ? -14.909 -13.577 -0.830  1.00 69.52 ? 146 GLU A C   1 
ATOM   1098 O  O   . GLU A 1 146 ? -14.701 -14.544 -1.562  1.00 75.99 ? 146 GLU A O   1 
ATOM   1099 C  CB  . GLU A 1 146 ? -17.171 -12.419 -1.180  1.00 64.46 ? 146 GLU A CB  1 
ATOM   1100 C  CG  . GLU A 1 146 ? -16.652 -12.252 -2.601  1.00 70.21 ? 146 GLU A CG  1 
ATOM   1101 C  CD  . GLU A 1 146 ? -17.011 -13.348 -3.593  1.00 74.10 ? 146 GLU A CD  1 
ATOM   1102 O  OE1 . GLU A 1 146 ? -16.550 -13.265 -4.754  1.00 71.06 ? 146 GLU A OE1 1 
ATOM   1103 O  OE2 . GLU A 1 146 ? -17.757 -14.272 -3.217  1.00 78.54 ? 146 GLU A OE2 1 
HETATM 1104 C  C4  . ST0 B 2 .   ? 3.695   16.931  -4.289  0.50 20.00 ? 201 ST0 A C4  1 
HETATM 1105 C  C5  . ST0 B 2 .   ? 6.077   12.952  -2.938  0.50 20.00 ? 201 ST0 A C5  1 
HETATM 1106 C  C6  . ST0 B 2 .   ? 5.088   12.000  -3.619  0.50 20.00 ? 201 ST0 A C6  1 
HETATM 1107 C  C7  . ST0 B 2 .   ? 4.689   10.881  -2.670  0.50 20.00 ? 201 ST0 A C7  1 
HETATM 1108 C  C8  . ST0 B 2 .   ? 6.731   10.938  -1.635  0.50 20.00 ? 201 ST0 A C8  1 
HETATM 1109 N  N   . ST0 B 2 .   ? 5.506   15.202  -4.419  0.50 20.00 ? 201 ST0 A N   1 
HETATM 1110 C  C   . ST0 B 2 .   ? 4.790   16.162  -3.560  0.50 20.00 ? 201 ST0 A C   1 
HETATM 1111 O  O   . ST0 B 2 .   ? 7.406   13.721  -5.121  0.50 20.00 ? 201 ST0 A O   1 
HETATM 1112 C  C1  . ST0 B 2 .   ? 4.061   15.447  -2.501  0.50 20.00 ? 201 ST0 A C1  1 
HETATM 1113 C  C2  . ST0 B 2 .   ? 2.997   16.427  -2.032  0.50 20.00 ? 201 ST0 A C2  1 
HETATM 1114 C  C3  . ST0 B 2 .   ? 2.734   17.354  -3.195  0.50 20.00 ? 201 ST0 A C3  1 
HETATM 1115 C  C9  . ST0 B 2 .   ? 7.215   11.997  -2.582  0.50 20.00 ? 201 ST0 A C9  1 
HETATM 1116 O  O1  . ST0 B 2 .   ? 7.621   15.148  -3.177  0.50 20.00 ? 201 ST0 A O1  1 
HETATM 1117 O  O2  . ST0 B 2 .   ? 5.840   10.111  -2.235  0.50 20.00 ? 201 ST0 A O2  1 
HETATM 1118 S  S   . ST0 B 2 .   ? 6.786   14.331  -3.978  0.50 20.00 ? 201 ST0 A S   1 
HETATM 1119 ZN ZN  . ZN  C 3 .   ? -6.793  2.830   12.769  1.00 11.80 ? 202 ZN  A ZN  1 
HETATM 1120 S  S   . DMS D 4 .   ? -4.836  -6.218  14.047  1.00 37.77 ? 203 DMS A S   1 
HETATM 1121 O  O   . DMS D 4 .   ? -4.804  -7.494  14.857  1.00 46.88 ? 203 DMS A O   1 
HETATM 1122 C  C1  . DMS D 4 .   ? -4.543  -4.912  15.224  1.00 33.63 ? 203 DMS A C1  1 
HETATM 1123 C  C2  . DMS D 4 .   ? -3.300  -6.203  13.181  1.00 30.51 ? 203 DMS A C2  1 
HETATM 1124 S  S   . DMS E 4 .   ? -7.408  3.272   -12.957 1.00 34.41 ? 204 DMS A S   1 
HETATM 1125 O  O   . DMS E 4 .   ? -6.072  3.890   -13.031 1.00 30.95 ? 204 DMS A O   1 
HETATM 1126 C  C1  . DMS E 4 .   ? -8.510  4.585   -12.469 1.00 34.05 ? 204 DMS A C1  1 
HETATM 1127 C  C2  . DMS E 4 .   ? -7.963  3.098   -14.647 1.00 34.83 ? 204 DMS A C2  1 
HETATM 1128 S  S   . DMS F 4 .   ? 9.472   -8.002  7.458   1.00 73.79 ? 205 DMS A S   1 
HETATM 1129 O  O   . DMS F 4 .   ? 10.800  -8.201  8.135   1.00 67.51 ? 205 DMS A O   1 
HETATM 1130 C  C1  . DMS F 4 .   ? 8.443   -9.361  7.982   1.00 73.94 ? 205 DMS A C1  1 
HETATM 1131 C  C2  . DMS F 4 .   ? 8.663   -6.719  8.368   1.00 69.02 ? 205 DMS A C2  1 
HETATM 1132 S  S   . DMS G 4 .   ? 12.121  11.423  9.713   1.00 51.03 ? 206 DMS A S   1 
HETATM 1133 O  O   . DMS G 4 .   ? 12.661  11.047  8.356   1.00 52.29 ? 206 DMS A O   1 
HETATM 1134 C  C1  . DMS G 4 .   ? 12.624  10.138  10.825  1.00 51.85 ? 206 DMS A C1  1 
HETATM 1135 C  C2  . DMS G 4 .   ? 13.186  12.700  10.329  1.00 47.99 ? 206 DMS A C2  1 
HETATM 1136 S  S   . DMS H 4 .   ? 8.676   3.567   -15.688 1.00 59.12 ? 207 DMS A S   1 
HETATM 1137 O  O   . DMS H 4 .   ? 7.558   2.779   -16.321 1.00 74.80 ? 207 DMS A O   1 
HETATM 1138 C  C1  . DMS H 4 .   ? 10.028  3.498   -16.846 1.00 61.48 ? 207 DMS A C1  1 
HETATM 1139 C  C2  . DMS H 4 .   ? 8.248   5.263   -15.936 1.00 65.81 ? 207 DMS A C2  1 
HETATM 1140 S  S   . SO4 I 5 .   ? 1.203   19.007  -13.012 1.00 70.59 ? 208 SO4 A S   1 
HETATM 1141 O  O1  . SO4 I 5 .   ? 0.153   19.689  -13.716 1.00 68.87 ? 208 SO4 A O1  1 
HETATM 1142 O  O2  . SO4 I 5 .   ? 0.736   18.613  -11.709 1.00 69.44 ? 208 SO4 A O2  1 
HETATM 1143 O  O3  . SO4 I 5 .   ? 2.331   19.884  -12.873 1.00 70.86 ? 208 SO4 A O3  1 
HETATM 1144 O  O4  . SO4 I 5 .   ? 1.595   17.839  -13.753 1.00 71.71 ? 208 SO4 A O4  1 
HETATM 1145 O  O   . HOH J 6 .   ? 16.719  0.669   -1.976  1.00 32.80 ? 301 HOH A O   1 
HETATM 1146 O  O   . HOH J 6 .   ? -8.561  -21.799 -1.260  1.00 57.99 ? 302 HOH A O   1 
HETATM 1147 O  O   . HOH J 6 .   ? 9.887   7.242   -14.169 1.00 68.11 ? 303 HOH A O   1 
HETATM 1148 O  O   . HOH J 6 .   ? -14.201 -9.877  -4.395  1.00 42.21 ? 304 HOH A O   1 
HETATM 1149 O  O   . HOH J 6 .   ? -7.392  -15.507 6.977   1.00 71.00 ? 305 HOH A O   1 
HETATM 1150 O  O   . HOH J 6 .   ? -2.659  12.452  1.151   1.00 25.32 ? 306 HOH A O   1 
HETATM 1151 O  O   . HOH J 6 .   ? 14.197  -6.332  8.529   1.00 37.65 ? 307 HOH A O   1 
HETATM 1152 O  O   . HOH J 6 .   ? -1.336  20.325  -11.944 1.00 45.12 ? 308 HOH A O   1 
HETATM 1153 O  O   . HOH J 6 .   ? 9.567   13.966  -12.209 1.00 29.62 ? 309 HOH A O   1 
HETATM 1154 O  O   . HOH J 6 .   ? 13.438  -6.466  4.839   1.00 24.34 ? 310 HOH A O   1 
HETATM 1155 O  O   . HOH J 6 .   ? 13.273  3.436   -14.418 1.00 54.45 ? 311 HOH A O   1 
HETATM 1156 O  O   . HOH J 6 .   ? -0.146  2.209   -15.393 1.00 37.20 ? 312 HOH A O   1 
HETATM 1157 O  O   . HOH J 6 .   ? -11.241 -13.989 1.184   1.00 34.32 ? 313 HOH A O   1 
HETATM 1158 O  O   . HOH J 6 .   ? -14.802 -5.863  8.569   1.00 29.95 ? 314 HOH A O   1 
HETATM 1159 O  O   . HOH J 6 .   ? -12.157 -14.464 -1.547  1.00 47.09 ? 315 HOH A O   1 
HETATM 1160 O  O   . HOH J 6 .   ? -5.271  14.623  2.757   1.00 35.77 ? 316 HOH A O   1 
HETATM 1161 O  O   . HOH J 6 .   ? 1.239   -9.537  4.977   1.00 19.88 ? 317 HOH A O   1 
HETATM 1162 O  O   . HOH J 6 .   ? -6.882  -12.404 7.154   1.00 27.25 ? 318 HOH A O   1 
HETATM 1163 O  O   . HOH J 6 .   ? -10.026 -15.192 6.676   1.00 47.86 ? 319 HOH A O   1 
HETATM 1164 O  O   . HOH J 6 .   ? -10.340 -14.790 -3.702  1.00 35.27 ? 320 HOH A O   1 
HETATM 1165 O  O   . HOH J 6 .   ? 5.623   8.403   -9.932  1.00 21.12 ? 321 HOH A O   1 
HETATM 1166 O  O   . HOH J 6 .   ? -11.815 -16.213 2.647   1.00 45.56 ? 322 HOH A O   1 
HETATM 1167 O  O   . HOH J 6 .   ? -9.372  11.646  2.340   1.00 31.46 ? 323 HOH A O   1 
HETATM 1168 O  O   . HOH J 6 .   ? 19.107  1.099   9.726   1.00 24.09 ? 324 HOH A O   1 
HETATM 1169 O  O   . HOH J 6 .   ? 16.933  4.893   11.406  1.00 23.22 ? 325 HOH A O   1 
HETATM 1170 O  O   . HOH J 6 .   ? -12.362 5.666   -1.238  1.00 36.27 ? 326 HOH A O   1 
HETATM 1171 O  O   . HOH J 6 .   ? -7.687  10.409  12.944  1.00 42.29 ? 327 HOH A O   1 
HETATM 1172 O  O   . HOH J 6 .   ? 4.003   -5.083  -3.495  1.00 13.11 ? 328 HOH A O   1 
HETATM 1173 O  O   . HOH J 6 .   ? 17.405  -3.307  12.028  1.00 32.68 ? 329 HOH A O   1 
HETATM 1174 O  O   . HOH J 6 .   ? -1.356  14.317  1.559   1.00 39.44 ? 330 HOH A O   1 
HETATM 1175 O  O   . HOH J 6 .   ? -2.011  9.460   -13.194 1.00 48.96 ? 331 HOH A O   1 
HETATM 1176 O  O   . HOH J 6 .   ? -9.295  -4.137  -14.531 1.00 24.79 ? 332 HOH A O   1 
HETATM 1177 O  O   . HOH J 6 .   ? 6.354   -0.100  -13.640 1.00 22.37 ? 333 HOH A O   1 
HETATM 1178 O  O   . HOH J 6 .   ? 14.297  7.941   -0.978  1.00 44.15 ? 334 HOH A O   1 
HETATM 1179 O  O   . HOH J 6 .   ? 6.955   -9.034  -7.348  1.00 31.22 ? 335 HOH A O   1 
HETATM 1180 O  O   . HOH J 6 .   ? 4.703   -6.059  -12.605 1.00 31.46 ? 336 HOH A O   1 
HETATM 1181 O  O   . HOH J 6 .   ? -2.457  -14.593 -5.519  1.00 29.85 ? 337 HOH A O   1 
HETATM 1182 O  O   . HOH J 6 .   ? 2.626   10.477  -16.486 1.00 35.52 ? 338 HOH A O   1 
HETATM 1183 O  O   . HOH J 6 .   ? 5.236   -9.089  -6.175  1.00 26.20 ? 339 HOH A O   1 
HETATM 1184 O  O   . HOH J 6 .   ? -14.141 9.761   9.782   1.00 31.99 ? 340 HOH A O   1 
HETATM 1185 O  O   . HOH J 6 .   ? -9.198  -4.444  14.035  1.00 27.24 ? 341 HOH A O   1 
HETATM 1186 O  O   . HOH J 6 .   ? -4.601  -10.058 11.699  1.00 24.57 ? 342 HOH A O   1 
HETATM 1187 O  O   . HOH J 6 .   ? -5.970  0.337   -13.962 1.00 20.18 ? 343 HOH A O   1 
HETATM 1188 O  O   . HOH J 6 .   ? -0.568  -12.793 7.072   1.00 22.78 ? 344 HOH A O   1 
HETATM 1189 O  O   . HOH J 6 .   ? 14.108  10.450  6.158   1.00 25.80 ? 345 HOH A O   1 
HETATM 1190 O  O   . HOH J 6 .   ? -8.724  5.693   0.258   1.00 18.16 ? 346 HOH A O   1 
HETATM 1191 O  O   . HOH J 6 .   ? -8.987  5.463   -8.862  1.00 48.98 ? 347 HOH A O   1 
HETATM 1192 O  O   . HOH J 6 .   ? 9.499   8.095   12.174  1.00 24.54 ? 348 HOH A O   1 
HETATM 1193 O  O   . HOH J 6 .   ? 3.190   -14.374 -7.469  1.00 26.80 ? 349 HOH A O   1 
HETATM 1194 O  O   . HOH J 6 .   ? 8.442   11.220  10.697  1.00 18.61 ? 350 HOH A O   1 
HETATM 1195 O  O   . HOH J 6 .   ? 5.021   12.499  9.087   1.00 11.55 ? 351 HOH A O   1 
HETATM 1196 O  O   . HOH J 6 .   ? 2.674   -14.967 -2.299  1.00 35.13 ? 352 HOH A O   1 
HETATM 1197 O  O   . HOH J 6 .   ? 14.830  9.796   3.457   1.00 32.96 ? 353 HOH A O   1 
HETATM 1198 O  O   . HOH J 6 .   ? -18.916 -5.974  -1.664  1.00 42.43 ? 354 HOH A O   1 
HETATM 1199 O  O   . HOH J 6 .   ? -13.337 -9.999  7.663   1.00 49.51 ? 355 HOH A O   1 
HETATM 1200 O  O   . HOH J 6 .   ? -2.206  -19.476 -0.811  1.00 38.20 ? 356 HOH A O   1 
HETATM 1201 O  O   . HOH J 6 .   ? 1.027   -11.824 -17.416 1.00 19.08 ? 357 HOH A O   1 
HETATM 1202 O  O   . HOH J 6 .   ? 9.183   -0.956  -6.420  1.00 20.22 ? 358 HOH A O   1 
HETATM 1203 O  O   . HOH J 6 .   ? -9.673  5.280   3.893   1.00 15.03 ? 359 HOH A O   1 
HETATM 1204 O  O   . HOH J 6 .   ? 15.826  -5.304  3.912   1.00 31.27 ? 360 HOH A O   1 
HETATM 1205 O  O   . HOH J 6 .   ? -8.770  8.860   6.704   1.00 20.84 ? 361 HOH A O   1 
HETATM 1206 O  O   . HOH J 6 .   ? 3.968   -8.958  -14.140 1.00 23.61 ? 362 HOH A O   1 
HETATM 1207 O  O   . HOH J 6 .   ? 0.531   -14.555 -6.916  1.00 29.79 ? 363 HOH A O   1 
HETATM 1208 O  O   . HOH J 6 .   ? 9.106   -4.304  2.588   1.00 17.74 ? 364 HOH A O   1 
HETATM 1209 O  O   . HOH J 6 .   ? -5.123  -2.157  -16.560 1.00 22.77 ? 365 HOH A O   1 
HETATM 1210 O  O   . HOH J 6 .   ? -4.096  -2.911  18.282  1.00 26.93 ? 366 HOH A O   1 
HETATM 1211 O  O   . HOH J 6 .   ? -13.178 -9.666  -9.737  1.00 34.42 ? 367 HOH A O   1 
HETATM 1212 O  O   . HOH J 6 .   ? -2.398  4.758   -3.742  1.00 15.65 ? 368 HOH A O   1 
HETATM 1213 O  O   . HOH J 6 .   ? 9.489   -1.553  3.122   1.00 11.28 ? 369 HOH A O   1 
HETATM 1214 O  O   . HOH J 6 .   ? -12.996 -1.388  -5.164  1.00 29.18 ? 370 HOH A O   1 
HETATM 1215 O  O   . HOH J 6 .   ? 12.677  12.727  5.815   1.00 18.83 ? 371 HOH A O   1 
HETATM 1216 O  O   . HOH J 6 .   ? -9.747  6.372   6.316   1.00 15.61 ? 372 HOH A O   1 
HETATM 1217 O  O   . HOH J 6 .   ? 1.398   -0.755  -12.419 1.00 17.52 ? 373 HOH A O   1 
HETATM 1218 O  O   . HOH J 6 .   ? 4.728   -11.875 0.384   1.00 29.19 ? 374 HOH A O   1 
HETATM 1219 O  O   . HOH J 6 .   ? -6.882  -13.071 -14.689 1.00 20.74 ? 375 HOH A O   1 
HETATM 1220 O  O   . HOH J 6 .   ? -6.095  8.678   7.363   1.00 16.51 ? 376 HOH A O   1 
HETATM 1221 O  O   . HOH J 6 .   ? -9.799  -7.477  7.520   1.00 19.42 ? 377 HOH A O   1 
HETATM 1222 O  O   . HOH J 6 .   ? -4.635  3.034   -2.692  1.00 13.57 ? 378 HOH A O   1 
HETATM 1223 O  O   . HOH J 6 .   ? 19.944  0.888   2.640   1.00 14.68 ? 379 HOH A O   1 
HETATM 1224 O  O   . HOH J 6 .   ? -13.231 2.304   -2.787  1.00 31.50 ? 380 HOH A O   1 
HETATM 1225 O  O   . HOH J 6 .   ? -8.010  -19.039 8.263   1.00 62.27 ? 381 HOH A O   1 
HETATM 1226 O  O   . HOH J 6 .   ? -11.387 6.029   13.172  1.00 18.82 ? 382 HOH A O   1 
HETATM 1227 O  O   . HOH J 6 .   ? 10.856  -4.763  -4.177  1.00 20.67 ? 383 HOH A O   1 
HETATM 1228 O  O   . HOH J 6 .   ? -5.018  9.226   14.339  1.00 24.73 ? 384 HOH A O   1 
HETATM 1229 O  O   . HOH J 6 .   ? 11.981  13.909  -11.854 1.00 57.19 ? 385 HOH A O   1 
HETATM 1230 O  O   . HOH J 6 .   ? -6.766  15.653  8.947   1.00 51.39 ? 386 HOH A O   1 
HETATM 1231 O  O   . HOH J 6 .   ? -5.225  -18.604 -13.944 1.00 25.97 ? 387 HOH A O   1 
HETATM 1232 O  O   . HOH J 6 .   ? 12.097  -1.633  13.994  1.00 21.23 ? 388 HOH A O   1 
HETATM 1233 O  O   . HOH J 6 .   ? -7.701  14.298  -3.460  1.00 37.76 ? 389 HOH A O   1 
HETATM 1234 O  O   . HOH J 6 .   ? 19.583  5.350   2.055   1.00 19.39 ? 390 HOH A O   1 
HETATM 1235 O  O   . HOH J 6 .   ? 15.125  0.185   -4.371  1.00 18.95 ? 391 HOH A O   1 
HETATM 1236 O  O   . HOH J 6 .   ? -0.647  -1.680  15.338  1.00 26.93 ? 392 HOH A O   1 
HETATM 1237 O  O   . HOH J 6 .   ? 4.135   -15.427 -11.699 1.00 20.28 ? 393 HOH A O   1 
HETATM 1238 O  O   . HOH J 6 .   ? -9.073  0.128   -12.898 1.00 44.97 ? 394 HOH A O   1 
HETATM 1239 O  O   . HOH J 6 .   ? -4.411  -14.020 1.861   1.00 25.20 ? 395 HOH A O   1 
HETATM 1240 O  O   . HOH J 6 .   ? 2.209   -5.289  -13.242 1.00 22.97 ? 396 HOH A O   1 
HETATM 1241 O  O   . HOH J 6 .   ? -5.688  -21.344 4.816   1.00 29.72 ? 397 HOH A O   1 
HETATM 1242 O  O   . HOH J 6 .   ? -2.740  -16.193 1.673   1.00 27.27 ? 398 HOH A O   1 
HETATM 1243 O  O   . HOH J 6 .   ? 3.870   4.798   -7.068  1.00 19.48 ? 399 HOH A O   1 
HETATM 1244 O  O   . HOH J 6 .   ? 16.771  6.961   7.719   1.00 27.21 ? 400 HOH A O   1 
HETATM 1245 O  O   . HOH J 6 .   ? 4.456   -2.232  9.915   1.00 18.35 ? 401 HOH A O   1 
HETATM 1246 O  O   . HOH J 6 .   ? -2.540  5.301   -14.934 1.00 43.23 ? 402 HOH A O   1 
HETATM 1247 O  O   . HOH J 6 .   ? 20.095  2.640   0.438   1.00 19.56 ? 403 HOH A O   1 
HETATM 1248 O  O   . HOH J 6 .   ? -7.707  10.035  -3.654  1.00 22.55 ? 404 HOH A O   1 
HETATM 1249 O  O   . HOH J 6 .   ? 4.108   -6.563  3.450   1.00 20.80 ? 405 HOH A O   1 
HETATM 1250 O  O   . HOH J 6 .   ? -16.428 -4.690  4.874   1.00 26.95 ? 406 HOH A O   1 
HETATM 1251 O  O   . HOH J 6 .   ? 11.955  9.092   1.356   1.00 18.23 ? 407 HOH A O   1 
HETATM 1252 O  O   . HOH J 6 .   ? -9.398  -12.441 -13.583 1.00 31.89 ? 408 HOH A O   1 
HETATM 1253 O  O   . HOH J 6 .   ? 7.032   9.922   14.589  1.00 35.21 ? 409 HOH A O   1 
HETATM 1254 O  O   . HOH J 6 .   ? -11.286 3.510   17.256  1.00 33.39 ? 410 HOH A O   1 
HETATM 1255 O  O   . HOH J 6 .   ? -8.316  -15.417 -14.060 1.00 25.70 ? 411 HOH A O   1 
HETATM 1256 O  O   . HOH J 6 .   ? 11.823  3.354   14.893  1.00 22.81 ? 412 HOH A O   1 
HETATM 1257 O  O   . HOH J 6 .   ? 2.869   6.746   15.204  1.00 31.93 ? 413 HOH A O   1 
HETATM 1258 O  O   . HOH J 6 .   ? 3.091   7.718   -9.071  1.00 31.40 ? 414 HOH A O   1 
HETATM 1259 O  O   . HOH J 6 .   ? 8.599   -9.560  0.174   1.00 35.71 ? 415 HOH A O   1 
HETATM 1260 O  O   . HOH J 6 .   ? -3.250  -7.526  10.721  1.00 24.72 ? 416 HOH A O   1 
HETATM 1261 O  O   . HOH J 6 .   ? 4.031   13.348  -16.789 1.00 53.38 ? 417 HOH A O   1 
HETATM 1262 O  O   . HOH J 6 .   ? -12.454 -11.886 2.432   1.00 33.33 ? 418 HOH A O   1 
HETATM 1263 O  O   . HOH J 6 .   ? 6.161   6.317   -8.032  1.00 21.14 ? 419 HOH A O   1 
HETATM 1264 O  O   . HOH J 6 .   ? 11.419  -5.345  0.477   1.00 33.74 ? 420 HOH A O   1 
HETATM 1265 O  O   . HOH J 6 .   ? -2.357  -18.953 -3.681  1.00 42.51 ? 421 HOH A O   1 
HETATM 1266 O  O   . HOH J 6 .   ? -0.042  -8.228  10.616  1.00 41.49 ? 422 HOH A O   1 
HETATM 1267 O  O   . HOH J 6 .   ? 11.835  11.955  -10.272 1.00 46.49 ? 423 HOH A O   1 
HETATM 1268 O  O   . HOH J 6 .   ? -11.357 -1.266  12.330  1.00 17.86 ? 424 HOH A O   1 
HETATM 1269 O  O   . HOH J 6 .   ? 12.768  5.921   -8.058  1.00 45.83 ? 425 HOH A O   1 
HETATM 1270 O  O   . HOH J 6 .   ? -10.754 3.185   -6.259  1.00 32.65 ? 426 HOH A O   1 
HETATM 1271 O  O   . HOH J 6 .   ? 9.158   4.073   -2.828  1.00 21.64 ? 427 HOH A O   1 
HETATM 1272 O  O   . HOH J 6 .   ? -1.294  11.914  -13.962 1.00 34.45 ? 428 HOH A O   1 
HETATM 1273 O  O   . HOH J 6 .   ? 5.009   -9.684  -2.793  1.00 24.58 ? 429 HOH A O   1 
HETATM 1274 O  O   . HOH J 6 .   ? 8.162   -2.207  -11.415 1.00 54.98 ? 430 HOH A O   1 
HETATM 1275 O  O   . HOH J 6 .   ? -5.113  14.737  6.069   1.00 20.18 ? 431 HOH A O   1 
HETATM 1276 O  O   . HOH J 6 .   ? 9.784   8.133   9.384   1.00 17.22 ? 432 HOH A O   1 
HETATM 1277 O  O   . HOH J 6 .   ? 11.929  6.918   8.136   1.00 14.63 ? 433 HOH A O   1 
HETATM 1278 O  O   . HOH J 6 .   ? 13.940  10.495  0.460   1.00 27.55 ? 434 HOH A O   1 
HETATM 1279 O  O   . HOH J 6 .   ? -13.239 8.053   13.454  1.00 27.26 ? 435 HOH A O   1 
HETATM 1280 O  O   . HOH J 6 .   ? 5.794   -5.033  6.152   1.00 16.17 ? 436 HOH A O   1 
HETATM 1281 O  O   . HOH J 6 .   ? 14.722  11.978  -3.219  1.00 39.99 ? 437 HOH A O   1 
HETATM 1282 O  O   . HOH J 6 .   ? 7.972   11.787  -16.027 1.00 26.53 ? 438 HOH A O   1 
HETATM 1283 O  O   . HOH J 6 .   ? -0.204  17.023  -5.073  1.00 23.77 ? 439 HOH A O   1 
HETATM 1284 O  O   . HOH J 6 .   ? 11.503  -0.279  -12.524 1.00 46.13 ? 440 HOH A O   1 
HETATM 1285 O  O   . HOH J 6 .   ? -2.447  3.752   15.578  1.00 22.58 ? 441 HOH A O   1 
HETATM 1286 O  O   . HOH J 6 .   ? 19.022  -9.365  5.004   1.00 36.30 ? 442 HOH A O   1 
HETATM 1287 O  O   . HOH J 6 .   ? 5.795   11.395  11.457  1.00 15.73 ? 443 HOH A O   1 
HETATM 1288 O  O   . HOH J 6 .   ? -0.337  -14.382 5.809   1.00 39.70 ? 444 HOH A O   1 
HETATM 1289 O  O   . HOH J 6 .   ? 2.371   -8.343  9.053   1.00 34.78 ? 445 HOH A O   1 
HETATM 1290 O  O   . HOH J 6 .   ? 6.157   -12.403 -12.944 1.00 26.29 ? 446 HOH A O   1 
HETATM 1291 O  O   . HOH J 6 .   ? -10.224 -4.094  -11.788 1.00 21.61 ? 447 HOH A O   1 
HETATM 1292 O  O   . HOH J 6 .   ? 4.691   -9.890  2.189   1.00 24.04 ? 448 HOH A O   1 
HETATM 1293 O  O   . HOH J 6 .   ? 5.711   -5.279  9.092   1.00 19.53 ? 449 HOH A O   1 
HETATM 1294 O  O   . HOH J 6 .   ? 7.914   7.325   -5.840  1.00 18.47 ? 450 HOH A O   1 
HETATM 1295 O  O   . HOH J 6 .   ? -12.249 -5.600  -10.970 1.00 45.87 ? 451 HOH A O   1 
HETATM 1296 O  O   . HOH J 6 .   ? -7.926  -8.592  14.209  1.00 43.58 ? 452 HOH A O   1 
HETATM 1297 O  O   . HOH J 6 .   ? 19.319  3.203   10.854  1.00 24.53 ? 453 HOH A O   1 
HETATM 1298 O  O   . HOH J 6 .   ? 5.852   -7.154  -3.816  1.00 18.00 ? 454 HOH A O   1 
HETATM 1299 O  O   . HOH J 6 .   ? -5.569  -18.630 -6.559  1.00 44.72 ? 455 HOH A O   1 
HETATM 1300 O  O   . HOH J 6 .   ? -1.056  -4.571  13.472  1.00 32.56 ? 456 HOH A O   1 
HETATM 1301 O  O   . HOH J 6 .   ? -9.027  -20.947 2.074   1.00 50.89 ? 457 HOH A O   1 
HETATM 1302 O  O   . HOH J 6 .   ? -1.363  -18.706 -16.906 1.00 27.32 ? 458 HOH A O   1 
HETATM 1303 O  O   . HOH J 6 .   ? 5.939   -11.214 -5.374  1.00 37.68 ? 459 HOH A O   1 
HETATM 1304 O  O   . HOH J 6 .   ? -15.686 -0.837  -0.789  1.00 20.41 ? 460 HOH A O   1 
HETATM 1305 O  O   . HOH J 6 .   ? -8.833  9.564   -1.627  1.00 39.53 ? 461 HOH A O   1 
HETATM 1306 O  O   . HOH J 6 .   ? 6.891   -8.075  -11.688 1.00 37.37 ? 462 HOH A O   1 
HETATM 1307 O  O   . HOH J 6 .   ? 11.356  15.124  -7.047  1.00 77.75 ? 463 HOH A O   1 
HETATM 1308 O  O   . HOH J 6 .   ? 13.003  13.947  -8.943  1.00 65.83 ? 464 HOH A O   1 
HETATM 1309 O  O   . HOH J 6 .   ? -2.960  4.684   18.226  1.00 47.19 ? 465 HOH A O   1 
HETATM 1310 O  O   . HOH J 6 .   ? 11.559  9.360   -6.503  1.00 36.96 ? 466 HOH A O   1 
HETATM 1311 O  O   . HOH J 6 .   ? 13.243  -3.986  13.263  1.00 30.83 ? 467 HOH A O   1 
HETATM 1312 O  O   . HOH J 6 .   ? 13.405  -2.035  -6.302  1.00 27.92 ? 468 HOH A O   1 
HETATM 1313 O  O   . HOH J 6 .   ? 3.545   9.566   15.145  1.00 38.26 ? 469 HOH A O   1 
HETATM 1314 O  O   . HOH J 6 .   ? 16.333  1.620   -6.189  1.00 36.01 ? 470 HOH A O   1 
HETATM 1315 O  O   . HOH J 6 .   ? 10.344  5.820   -5.007  1.00 36.78 ? 471 HOH A O   1 
HETATM 1316 O  O   . HOH J 6 .   ? -4.916  9.820   -11.273 1.00 51.91 ? 472 HOH A O   1 
HETATM 1317 O  O   . HOH J 6 .   ? -18.768 -3.793  0.938   1.00 28.62 ? 473 HOH A O   1 
HETATM 1318 O  O   . HOH J 6 .   ? -0.760  7.342   -14.924 1.00 35.60 ? 474 HOH A O   1 
HETATM 1319 O  O   . HOH J 6 .   ? 10.720  -0.974  -8.644  1.00 36.68 ? 475 HOH A O   1 
HETATM 1320 O  O   . HOH J 6 .   ? 11.323  7.103   -6.135  1.00 46.73 ? 476 HOH A O   1 
HETATM 1321 O  O   . HOH J 6 .   ? -14.202 0.101   -2.895  1.00 27.30 ? 477 HOH A O   1 
HETATM 1322 O  O   . HOH J 6 .   ? 20.081  -9.567  7.428   1.00 49.70 ? 478 HOH A O   1 
HETATM 1323 O  O   . HOH J 6 .   ? -2.098  22.376  -13.086 1.00 42.77 ? 479 HOH A O   1 
HETATM 1324 O  O   . HOH J 6 .   ? 20.812  -7.878  9.434   1.00 39.44 ? 480 HOH A O   1 
HETATM 1325 O  O   . HOH J 6 .   ? 14.138  8.698   -3.176  1.00 65.77 ? 481 HOH A O   1 
HETATM 1326 O  O   . HOH J 6 .   ? -9.008  6.480   14.618  1.00 20.39 ? 482 HOH A O   1 
HETATM 1327 O  O   . HOH J 6 .   ? 5.212   -13.672 -5.763  1.00 33.75 ? 483 HOH A O   1 
HETATM 1328 O  O   . HOH J 6 .   ? -14.347 -2.549  -6.701  1.00 44.59 ? 484 HOH A O   1 
HETATM 1329 O  O   . HOH J 6 .   ? -7.553  -22.267 3.399   1.00 37.24 ? 485 HOH A O   1 
HETATM 1330 O  O   . HOH J 6 .   ? 0.578   11.996  -16.254 1.00 42.54 ? 486 HOH A O   1 
HETATM 1331 O  O   . HOH J 6 .   ? 14.377  7.723   8.758   1.00 25.72 ? 487 HOH A O   1 
HETATM 1332 O  O   . HOH J 6 .   ? -8.174  9.161   14.709  1.00 34.20 ? 488 HOH A O   1 
HETATM 1333 O  O   . HOH J 6 .   ? -17.424 -2.717  -1.255  1.00 24.47 ? 489 HOH A O   1 
HETATM 1334 O  O   . HOH J 6 .   ? -7.258  9.338   -10.232 1.00 39.74 ? 490 HOH A O   1 
HETATM 1335 O  O   . HOH J 6 .   ? 15.848  14.376  2.006   1.00 39.75 ? 491 HOH A O   1 
HETATM 1336 O  O   . HOH J 6 .   ? -16.168 -8.697  -3.424  1.00 46.58 ? 492 HOH A O   1 
HETATM 1337 O  O   . HOH J 6 .   ? -12.362 1.153   -5.595  1.00 41.50 ? 493 HOH A O   1 
HETATM 1338 O  O   . HOH J 6 .   ? 11.040  -3.124  -6.203  1.00 34.52 ? 494 HOH A O   1 
HETATM 1339 O  O   . HOH J 6 .   ? -9.308  5.810   17.224  1.00 37.98 ? 495 HOH A O   1 
HETATM 1340 O  O   . HOH J 6 .   ? 17.314  3.913   -4.398  1.00 28.96 ? 496 HOH A O   1 
HETATM 1341 O  O   . HOH J 6 .   ? -8.186  -1.606  19.965  1.00 74.97 ? 497 HOH A O   1 
HETATM 1342 O  O   . HOH J 6 .   ? 8.793   -0.915  -13.188 1.00 47.55 ? 498 HOH A O   1 
HETATM 1343 O  O   . HOH J 6 .   ? 0.056   -15.702 -2.330  1.00 46.69 ? 499 HOH A O   1 
HETATM 1344 O  O   . HOH J 6 .   ? -10.410 7.366   2.356   1.00 26.97 ? 500 HOH A O   1 
HETATM 1345 O  O   . HOH J 6 .   ? -4.819  16.058  -10.497 1.00 55.23 ? 501 HOH A O   1 
HETATM 1346 O  O   . HOH J 6 .   ? -1.240  -17.048 -0.353  1.00 31.14 ? 502 HOH A O   1 
HETATM 1347 O  O   . HOH J 6 .   ? 11.587  12.690  -6.630  1.00 48.29 ? 503 HOH A O   1 
HETATM 1348 O  O   . HOH J 6 .   ? 15.391  8.082   11.453  1.00 34.41 ? 504 HOH A O   1 
HETATM 1349 O  O   . HOH J 6 .   ? -10.045 10.115  4.420   1.00 37.93 ? 505 HOH A O   1 
HETATM 1350 O  O   . HOH J 6 .   ? 9.158   14.074  -15.042 1.00 40.65 ? 506 HOH A O   1 
HETATM 1351 O  O   . HOH J 6 .   ? -18.054 -6.669  -3.644  1.00 38.25 ? 507 HOH A O   1 
HETATM 1352 O  O   . HOH J 6 .   ? 3.611   -1.137  -13.843 1.00 26.82 ? 508 HOH A O   1 
HETATM 1353 O  O   . HOH J 6 .   ? -4.663  -24.364 1.764   1.00 51.86 ? 509 HOH A O   1 
HETATM 1354 O  O   . HOH J 6 .   ? -16.798 -2.826  -5.514  1.00 45.38 ? 510 HOH A O   1 
HETATM 1355 O  O   . HOH J 6 .   ? 8.041   -7.735  -5.310  1.00 25.47 ? 511 HOH A O   1 
HETATM 1356 O  O   . HOH J 6 .   ? 11.390  7.889   13.953  1.00 35.58 ? 512 HOH A O   1 
HETATM 1357 O  O   . HOH J 6 .   ? 20.095  -3.307  10.833  1.00 31.97 ? 513 HOH A O   1 
HETATM 1358 O  O   . HOH J 6 .   ? -0.063  -15.938 3.794   1.00 50.18 ? 514 HOH A O   1 
HETATM 1359 O  O   . HOH J 6 .   ? 18.031  -6.315  11.446  1.00 40.59 ? 515 HOH A O   1 
HETATM 1360 O  O   . HOH J 6 .   ? -11.311 -14.115 -5.911  1.00 41.42 ? 516 HOH A O   1 
HETATM 1361 O  O   . HOH J 6 .   ? -3.613  -19.461 -15.730 1.00 36.24 ? 517 HOH A O   1 
HETATM 1362 O  O   . HOH J 6 .   ? 14.364  10.544  -5.246  1.00 63.65 ? 518 HOH A O   1 
HETATM 1363 O  O   . HOH J 6 .   ? 10.527  -6.479  -6.010  1.00 36.56 ? 519 HOH A O   1 
HETATM 1364 O  O   . HOH J 6 .   ? 8.539   -10.787 -9.146  1.00 42.85 ? 520 HOH A O   1 
HETATM 1365 O  O   . HOH J 6 .   ? -5.012  12.674  -12.074 1.00 56.27 ? 521 HOH A O   1 
HETATM 1366 O  O   . HOH J 6 .   ? 12.097  6.177   14.751  1.00 43.93 ? 522 HOH A O   1 
HETATM 1367 O  O   . HOH J 6 .   ? -17.957 -3.822  -3.608  1.00 33.84 ? 523 HOH A O   1 
HETATM 1368 O  O   . HOH J 6 .   ? -10.463 -24.229 7.416   1.00 48.09 ? 524 HOH A O   1 
HETATM 1369 O  O   . HOH J 6 .   ? 14.252  5.202   14.610  1.00 34.60 ? 525 HOH A O   1 
HETATM 1370 O  O   . HOH J 6 .   ? 11.380  -4.950  -8.005  1.00 30.24 ? 526 HOH A O   1 
HETATM 1371 O  O   . HOH J 6 .   ? -9.094  14.777  -11.445 1.00 66.82 ? 527 HOH A O   1 
# 
